data_7K3R
#
_entry.id   7K3R
#
_cell.length_a   1.00
_cell.length_b   1.00
_cell.length_c   1.00
_cell.angle_alpha   90.00
_cell.angle_beta   90.00
_cell.angle_gamma   90.00
#
_symmetry.space_group_name_H-M   'P 1'
#
_entity_poly.entity_id   1
_entity_poly.type   'polypeptide(L)'
_entity_poly.pdbx_seq_one_letter_code
;GTGMESKYKEILLLTGLDNITDEELDRFKFFLSDEFNIATGKLHTANRIQVATLMIQNAGAVSAVMKTIRIFQKLNYMLL
AKRLQEEKEKVDKQYKSVTKPKPLSQAEMSPAASAAIRND
;
_entity_poly.pdbx_strand_id   A,B,C,D,E,F,G,H,I,J,K,L,M,N,O,P,Q,R,S,T,U
#
# COMPACT_ATOMS: atom_id res chain seq x y z
N GLY A 3 -3.22 -9.53 36.12
CA GLY A 3 -3.97 -10.32 35.16
C GLY A 3 -5.13 -9.56 34.56
N MET A 4 -5.62 -8.56 35.28
CA MET A 4 -6.72 -7.74 34.79
C MET A 4 -6.29 -6.89 33.60
N GLU A 5 -5.01 -6.52 33.59
CA GLU A 5 -4.41 -5.84 32.44
C GLU A 5 -4.51 -6.69 31.18
N SER A 6 -4.21 -7.99 31.31
CA SER A 6 -4.25 -8.89 30.15
C SER A 6 -5.68 -9.10 29.67
N LYS A 7 -6.62 -9.22 30.60
CA LYS A 7 -8.02 -9.40 30.23
C LYS A 7 -8.59 -8.17 29.55
N TYR A 8 -8.19 -6.98 30.01
CA TYR A 8 -8.62 -5.77 29.33
C TYR A 8 -7.93 -5.59 27.99
N LYS A 9 -6.73 -6.14 27.84
CA LYS A 9 -6.11 -6.17 26.52
C LYS A 9 -6.90 -7.06 25.56
N GLU A 10 -7.36 -8.22 26.05
CA GLU A 10 -8.13 -9.12 25.19
C GLU A 10 -9.49 -8.54 24.86
N ILE A 11 -10.09 -7.82 25.81
CA ILE A 11 -11.37 -7.15 25.57
C ILE A 11 -11.20 -6.05 24.55
N LEU A 12 -10.16 -5.22 24.71
CA LEU A 12 -9.97 -4.07 23.84
C LEU A 12 -9.61 -4.49 22.43
N LEU A 13 -8.60 -5.36 22.28
CA LEU A 13 -8.19 -5.72 20.93
C LEU A 13 -9.14 -6.73 20.31
N LEU A 14 -9.44 -7.82 21.03
CA LEU A 14 -10.14 -8.93 20.41
C LEU A 14 -11.62 -8.67 20.21
N THR A 15 -12.31 -8.14 21.23
CA THR A 15 -13.73 -7.85 21.10
C THR A 15 -13.97 -6.49 20.48
N GLY A 16 -13.30 -5.46 20.98
CA GLY A 16 -13.57 -4.11 20.53
C GLY A 16 -13.05 -3.76 19.16
N LEU A 17 -11.72 -3.72 19.00
CA LEU A 17 -11.17 -3.15 17.77
C LEU A 17 -11.24 -4.12 16.61
N ASP A 18 -11.21 -5.42 16.87
CA ASP A 18 -11.25 -6.38 15.76
C ASP A 18 -12.62 -6.48 15.10
N ASN A 19 -13.67 -6.01 15.75
CA ASN A 19 -15.02 -6.13 15.21
C ASN A 19 -15.46 -4.90 14.43
N ILE A 20 -14.69 -3.83 14.46
CA ILE A 20 -15.03 -2.65 13.67
C ILE A 20 -14.30 -2.75 12.35
N THR A 21 -14.90 -2.19 11.31
CA THR A 21 -14.33 -2.26 9.98
C THR A 21 -13.28 -1.17 9.80
N ASP A 22 -12.84 -0.99 8.57
CA ASP A 22 -11.75 -0.05 8.32
C ASP A 22 -12.25 1.39 8.35
N GLU A 23 -13.40 1.66 7.74
CA GLU A 23 -13.98 3.00 7.79
C GLU A 23 -14.43 3.34 9.21
N GLU A 24 -14.93 2.34 9.93
CA GLU A 24 -15.27 2.52 11.34
C GLU A 24 -14.01 2.74 12.17
N LEU A 25 -12.89 2.13 11.78
CA LEU A 25 -11.63 2.41 12.44
C LEU A 25 -11.18 3.84 12.18
N ASP A 26 -11.47 4.36 10.99
CA ASP A 26 -11.09 5.74 10.70
C ASP A 26 -11.97 6.74 11.45
N ARG A 27 -13.25 6.39 11.65
CA ARG A 27 -14.09 7.19 12.54
C ARG A 27 -13.59 7.14 13.96
N PHE A 28 -13.13 5.96 14.39
CA PHE A 28 -12.63 5.77 15.75
C PHE A 28 -11.37 6.60 15.98
N LYS A 29 -10.46 6.58 15.00
CA LYS A 29 -9.26 7.43 15.07
C LYS A 29 -9.63 8.89 14.98
N PHE A 30 -10.72 9.22 14.30
CA PHE A 30 -11.17 10.60 14.24
C PHE A 30 -11.68 11.07 15.59
N PHE A 31 -12.17 10.15 16.42
CA PHE A 31 -12.62 10.51 17.75
C PHE A 31 -11.69 10.06 18.88
N LEU A 32 -10.47 9.60 18.58
CA LEU A 32 -9.54 9.29 19.66
C LEU A 32 -8.97 10.56 20.29
N SER A 33 -8.75 11.60 19.51
CA SER A 33 -8.04 12.77 20.00
C SER A 33 -8.85 13.60 20.97
N ASP A 34 -10.14 13.33 21.09
CA ASP A 34 -11.01 14.06 22.00
C ASP A 34 -11.19 13.35 23.33
N GLU A 35 -10.57 12.19 23.52
CA GLU A 35 -10.72 11.41 24.75
C GLU A 35 -9.41 10.96 25.35
N PHE A 36 -8.29 11.17 24.66
CA PHE A 36 -7.04 10.51 25.03
C PHE A 36 -5.82 11.40 25.08
N ASN A 37 -5.86 12.60 24.46
CA ASN A 37 -4.70 13.47 24.27
C ASN A 37 -3.56 12.75 23.55
N ILE A 38 -3.91 11.97 22.54
CA ILE A 38 -2.93 11.29 21.71
C ILE A 38 -2.71 12.12 20.45
N ALA A 39 -1.44 12.34 20.12
CA ALA A 39 -1.06 13.00 18.88
C ALA A 39 -1.49 12.19 17.66
N THR A 40 -2.18 12.85 16.72
CA THR A 40 -2.85 12.12 15.65
C THR A 40 -1.90 11.71 14.53
N GLY A 41 -0.69 12.28 14.52
CA GLY A 41 0.26 12.04 13.45
C GLY A 41 0.74 10.61 13.34
N LYS A 42 0.71 9.87 14.44
CA LYS A 42 0.94 8.44 14.40
C LYS A 42 -0.34 7.63 14.37
N LEU A 43 -1.47 8.27 14.70
CA LEU A 43 -2.75 7.58 14.58
C LEU A 43 -3.15 7.40 13.12
N HIS A 44 -2.70 8.31 12.25
CA HIS A 44 -3.20 8.42 10.89
C HIS A 44 -2.98 7.18 10.02
N THR A 45 -1.91 6.44 10.27
CA THR A 45 -1.62 5.23 9.52
C THR A 45 -1.55 3.99 10.40
N ALA A 46 -2.01 4.05 11.63
CA ALA A 46 -1.93 2.91 12.52
C ALA A 46 -2.97 1.86 12.14
N ASN A 47 -2.66 0.61 12.48
CA ASN A 47 -3.65 -0.45 12.43
C ASN A 47 -4.20 -0.68 13.83
N ARG A 48 -5.01 -1.72 13.97
CA ARG A 48 -5.76 -1.96 15.22
C ARG A 48 -4.83 -2.27 16.38
N ILE A 49 -3.70 -2.90 16.10
CA ILE A 49 -2.77 -3.28 17.15
C ILE A 49 -2.02 -2.06 17.65
N GLN A 50 -1.62 -1.18 16.72
CA GLN A 50 -0.92 0.03 17.12
C GLN A 50 -1.88 1.02 17.78
N VAL A 51 -3.15 1.00 17.37
CA VAL A 51 -4.15 1.82 18.03
C VAL A 51 -4.38 1.35 19.46
N ALA A 52 -4.45 0.03 19.66
CA ALA A 52 -4.58 -0.51 21.00
C ALA A 52 -3.34 -0.24 21.84
N THR A 53 -2.17 -0.22 21.20
CA THR A 53 -0.94 0.04 21.92
C THR A 53 -0.86 1.50 22.36
N LEU A 54 -1.34 2.42 21.52
CA LEU A 54 -1.33 3.82 21.89
C LEU A 54 -2.39 4.13 22.94
N MET A 55 -3.53 3.42 22.90
CA MET A 55 -4.58 3.65 23.86
C MET A 55 -4.21 3.12 25.24
N ILE A 56 -3.70 1.88 25.29
CA ILE A 56 -3.29 1.29 26.55
C ILE A 56 -2.05 2.00 27.09
N GLN A 57 -1.15 2.37 26.19
CA GLN A 57 0.06 3.08 26.60
C GLN A 57 -0.24 4.48 27.11
N ASN A 58 -1.23 5.13 26.53
CA ASN A 58 -1.46 6.53 26.84
C ASN A 58 -2.55 6.76 27.88
N ALA A 59 -3.33 5.74 28.23
CA ALA A 59 -4.31 5.92 29.30
C ALA A 59 -4.49 4.72 30.21
N GLY A 60 -3.72 3.65 30.05
CA GLY A 60 -4.03 2.47 30.84
C GLY A 60 -5.14 1.64 30.21
N ALA A 61 -5.17 0.35 30.60
CA ALA A 61 -6.10 -0.57 29.97
C ALA A 61 -7.53 -0.35 30.44
N VAL A 62 -7.70 0.04 31.71
CA VAL A 62 -9.05 0.18 32.28
C VAL A 62 -9.77 1.35 31.64
N SER A 63 -9.16 2.54 31.70
CA SER A 63 -9.72 3.70 31.04
C SER A 63 -9.62 3.62 29.53
N ALA A 64 -8.75 2.76 29.00
CA ALA A 64 -8.72 2.51 27.56
C ALA A 64 -9.98 1.81 27.11
N VAL A 65 -10.39 0.75 27.83
CA VAL A 65 -11.60 0.02 27.46
C VAL A 65 -12.84 0.85 27.78
N MET A 66 -12.83 1.57 28.90
CA MET A 66 -13.99 2.38 29.28
C MET A 66 -14.19 3.54 28.30
N LYS A 67 -13.09 4.19 27.89
CA LYS A 67 -13.23 5.24 26.90
C LYS A 67 -13.46 4.67 25.50
N THR A 68 -13.14 3.40 25.28
CA THR A 68 -13.53 2.75 24.02
C THR A 68 -15.03 2.58 23.97
N ILE A 69 -15.63 2.21 25.10
CA ILE A 69 -17.09 2.15 25.20
C ILE A 69 -17.68 3.53 24.98
N ARG A 70 -17.03 4.57 25.51
CA ARG A 70 -17.54 5.92 25.36
C ARG A 70 -17.48 6.41 23.91
N ILE A 71 -16.39 6.09 23.21
CA ILE A 71 -16.27 6.52 21.81
C ILE A 71 -17.20 5.70 20.92
N PHE A 72 -17.38 4.42 21.25
CA PHE A 72 -18.35 3.60 20.51
C PHE A 72 -19.77 4.07 20.74
N GLN A 73 -20.04 4.68 21.88
CA GLN A 73 -21.36 5.29 22.08
C GLN A 73 -21.44 6.65 21.41
N LYS A 74 -20.30 7.29 21.14
CA LYS A 74 -20.34 8.50 20.33
C LYS A 74 -20.65 8.17 18.88
N LEU A 75 -20.22 7.02 18.40
CA LEU A 75 -20.44 6.61 17.02
C LEU A 75 -21.75 5.84 16.84
N ASN A 76 -22.60 5.81 17.87
CA ASN A 76 -23.86 5.07 17.91
C ASN A 76 -23.69 3.59 17.63
N TYR A 77 -22.61 2.98 18.12
CA TYR A 77 -22.41 1.54 17.96
C TYR A 77 -22.84 0.85 19.25
N MET A 78 -24.16 0.73 19.40
CA MET A 78 -24.73 0.27 20.66
C MET A 78 -24.46 -1.21 20.89
N LEU A 79 -24.34 -1.98 19.80
CA LEU A 79 -24.07 -3.40 19.93
C LEU A 79 -22.68 -3.67 20.47
N LEU A 80 -21.67 -3.00 19.89
CA LEU A 80 -20.30 -3.22 20.32
C LEU A 80 -20.04 -2.60 21.69
N ALA A 81 -20.67 -1.48 22.00
CA ALA A 81 -20.54 -0.89 23.32
C ALA A 81 -21.20 -1.79 24.37
N LYS A 82 -22.32 -2.41 24.01
CA LYS A 82 -22.98 -3.35 24.91
C LYS A 82 -22.13 -4.60 25.12
N ARG A 83 -21.46 -5.05 24.04
CA ARG A 83 -20.61 -6.23 24.18
C ARG A 83 -19.36 -5.95 25.00
N LEU A 84 -18.80 -4.74 24.86
CA LEU A 84 -17.65 -4.39 25.67
C LEU A 84 -18.04 -4.18 27.12
N GLN A 85 -19.26 -3.72 27.37
CA GLN A 85 -19.72 -3.64 28.76
C GLN A 85 -19.99 -5.03 29.33
N GLU A 86 -20.44 -5.97 28.49
CA GLU A 86 -20.64 -7.33 28.98
C GLU A 86 -19.32 -8.00 29.31
N GLU A 87 -18.33 -7.89 28.43
CA GLU A 87 -17.03 -8.48 28.70
C GLU A 87 -16.33 -7.78 29.86
N LYS A 88 -16.49 -6.47 29.95
CA LYS A 88 -15.87 -5.69 31.02
C LYS A 88 -16.48 -6.04 32.37
N GLU A 89 -17.79 -6.28 32.40
CA GLU A 89 -18.40 -6.68 33.65
C GLU A 89 -18.14 -8.14 33.98
N LYS A 90 -17.88 -8.98 32.98
CA LYS A 90 -17.44 -10.34 33.28
C LYS A 90 -16.04 -10.35 33.88
N VAL A 91 -15.17 -9.44 33.44
CA VAL A 91 -13.84 -9.39 34.01
C VAL A 91 -13.85 -8.72 35.38
N ASP A 92 -14.69 -7.69 35.55
CA ASP A 92 -14.80 -7.06 36.86
C ASP A 92 -15.46 -7.98 37.87
N LYS A 93 -16.37 -8.83 37.40
CA LYS A 93 -16.90 -9.90 38.26
C LYS A 93 -15.82 -10.94 38.53
N GLN A 94 -14.95 -11.17 37.57
CA GLN A 94 -13.92 -12.21 37.65
C GLN A 94 -12.84 -11.86 38.67
N TYR A 95 -12.38 -10.61 38.67
CA TYR A 95 -11.25 -10.22 39.51
C TYR A 95 -11.62 -9.25 40.63
N LYS A 96 -12.67 -8.46 40.48
CA LYS A 96 -13.07 -7.56 41.54
C LYS A 96 -13.91 -8.24 42.61
N SER A 97 -14.29 -9.50 42.40
CA SER A 97 -15.06 -10.25 43.39
C SER A 97 -14.30 -11.51 43.79
N GLY B 3 22.27 -24.65 -17.39
CA GLY B 3 21.47 -23.79 -18.24
C GLY B 3 19.99 -24.12 -18.17
N MET B 4 19.69 -25.39 -17.83
CA MET B 4 18.31 -25.83 -17.72
C MET B 4 17.61 -25.17 -16.53
N GLU B 5 18.39 -24.85 -15.50
CA GLU B 5 17.91 -24.07 -14.37
C GLU B 5 17.42 -22.69 -14.81
N SER B 6 18.18 -22.04 -15.68
CA SER B 6 17.80 -20.70 -16.16
C SER B 6 16.58 -20.76 -17.05
N LYS B 7 16.47 -21.78 -17.89
CA LYS B 7 15.31 -21.92 -18.76
C LYS B 7 14.06 -22.23 -17.97
N TYR B 8 14.18 -23.03 -16.91
CA TYR B 8 13.02 -23.27 -16.06
C TYR B 8 12.68 -22.05 -15.21
N LYS B 9 13.65 -21.20 -14.93
CA LYS B 9 13.34 -19.92 -14.30
C LYS B 9 12.54 -19.03 -15.24
N GLU B 10 12.92 -18.99 -16.52
CA GLU B 10 12.20 -18.17 -17.48
C GLU B 10 10.79 -18.72 -17.73
N ILE B 11 10.66 -20.04 -17.74
CA ILE B 11 9.35 -20.67 -17.89
C ILE B 11 8.46 -20.35 -16.69
N LEU B 12 9.00 -20.50 -15.49
CA LEU B 12 8.21 -20.33 -14.28
C LEU B 12 7.81 -18.87 -14.08
N LEU B 13 8.77 -17.95 -14.15
CA LEU B 13 8.41 -16.57 -13.90
C LEU B 13 7.73 -15.93 -15.11
N LEU B 14 8.33 -16.07 -16.29
CA LEU B 14 7.88 -15.28 -17.43
C LEU B 14 6.59 -15.82 -18.03
N THR B 15 6.51 -17.13 -18.25
CA THR B 15 5.29 -17.71 -18.81
C THR B 15 4.24 -18.01 -17.75
N GLY B 16 4.64 -18.65 -16.66
CA GLY B 16 3.69 -19.08 -15.66
C GLY B 16 3.14 -17.98 -14.77
N LEU B 17 3.98 -17.38 -13.94
CA LEU B 17 3.46 -16.50 -12.90
C LEU B 17 3.09 -15.13 -13.44
N ASP B 18 3.73 -14.68 -14.51
CA ASP B 18 3.42 -13.35 -15.03
C ASP B 18 2.08 -13.30 -15.75
N ASN B 19 1.52 -14.44 -16.14
CA ASN B 19 0.28 -14.46 -16.89
C ASN B 19 -0.94 -14.63 -16.01
N ILE B 20 -0.77 -14.90 -14.72
CA ILE B 20 -1.90 -15.00 -13.83
C ILE B 20 -2.11 -13.64 -13.18
N THR B 21 -3.36 -13.34 -12.87
CA THR B 21 -3.71 -12.05 -12.29
C THR B 21 -3.44 -12.06 -10.79
N ASP B 22 -3.92 -11.02 -10.11
CA ASP B 22 -3.62 -10.88 -8.69
C ASP B 22 -4.49 -11.81 -7.85
N GLU B 23 -5.78 -11.91 -8.17
CA GLU B 23 -6.66 -12.84 -7.48
C GLU B 23 -6.28 -14.28 -7.78
N GLU B 24 -5.85 -14.53 -9.02
CA GLU B 24 -5.34 -15.85 -9.38
C GLU B 24 -4.03 -16.14 -8.68
N LEU B 25 -3.23 -15.11 -8.42
CA LEU B 25 -2.03 -15.28 -7.62
C LEU B 25 -2.38 -15.64 -6.18
N ASP B 26 -3.48 -15.08 -5.67
CA ASP B 26 -3.89 -15.39 -4.30
C ASP B 26 -4.45 -16.81 -4.20
N ARG B 27 -5.12 -17.27 -5.25
CA ARG B 27 -5.51 -18.67 -5.30
C ARG B 27 -4.29 -19.57 -5.37
N PHE B 28 -3.29 -19.15 -6.14
CA PHE B 28 -2.07 -19.93 -6.30
C PHE B 28 -1.31 -20.04 -4.97
N LYS B 29 -1.23 -18.93 -4.23
CA LYS B 29 -0.63 -18.96 -2.90
C LYS B 29 -1.48 -19.76 -1.93
N PHE B 30 -2.80 -19.79 -2.16
CA PHE B 30 -3.67 -20.60 -1.32
C PHE B 30 -3.42 -22.08 -1.56
N PHE B 31 -2.95 -22.46 -2.74
CA PHE B 31 -2.62 -23.85 -3.01
C PHE B 31 -1.14 -24.16 -3.08
N LEU B 32 -0.25 -23.24 -2.67
CA LEU B 32 1.16 -23.58 -2.61
C LEU B 32 1.49 -24.49 -1.44
N SER B 33 0.80 -24.31 -0.31
CA SER B 33 1.17 -25.01 0.92
C SER B 33 0.84 -26.49 0.87
N ASP B 34 0.08 -26.94 -0.12
CA ASP B 34 -0.29 -28.33 -0.25
C ASP B 34 0.62 -29.09 -1.21
N GLU B 35 1.60 -28.42 -1.80
CA GLU B 35 2.50 -29.05 -2.77
C GLU B 35 3.96 -28.80 -2.50
N PHE B 36 4.30 -27.95 -1.53
CA PHE B 36 5.66 -27.44 -1.41
C PHE B 36 6.24 -27.46 -0.01
N ASN B 37 5.41 -27.59 1.03
CA ASN B 37 5.82 -27.44 2.44
C ASN B 37 6.49 -26.09 2.69
N ILE B 38 5.94 -25.05 2.10
CA ILE B 38 6.41 -23.69 2.31
C ILE B 38 5.53 -23.04 3.38
N ALA B 39 6.17 -22.41 4.36
CA ALA B 39 5.48 -21.63 5.37
C ALA B 39 4.76 -20.44 4.76
N THR B 40 3.47 -20.29 5.09
CA THR B 40 2.62 -19.34 4.37
C THR B 40 2.81 -17.91 4.85
N GLY B 41 3.47 -17.73 6.00
CA GLY B 41 3.62 -16.41 6.59
C GLY B 41 4.43 -15.44 5.78
N LYS B 42 5.33 -15.94 4.93
CA LYS B 42 6.00 -15.10 3.96
C LYS B 42 5.35 -15.16 2.59
N LEU B 43 4.49 -16.16 2.35
CA LEU B 43 3.74 -16.20 1.10
C LEU B 43 2.67 -15.13 1.05
N HIS B 44 2.16 -14.73 2.23
CA HIS B 44 0.95 -13.91 2.33
C HIS B 44 1.06 -12.54 1.67
N THR B 45 2.26 -11.96 1.65
CA THR B 45 2.47 -10.65 1.04
C THR B 45 3.49 -10.68 -0.08
N ALA B 46 3.85 -11.86 -0.58
CA ALA B 46 4.85 -11.95 -1.63
C ALA B 46 4.27 -11.52 -2.96
N ASN B 47 5.14 -11.05 -3.84
CA ASN B 47 4.79 -10.85 -5.24
C ASN B 47 5.31 -12.04 -6.05
N ARG B 48 5.18 -11.94 -7.37
CA ARG B 48 5.45 -13.05 -8.26
C ARG B 48 6.91 -13.48 -8.23
N ILE B 49 7.80 -12.51 -8.01
CA ILE B 49 9.22 -12.79 -8.00
C ILE B 49 9.61 -13.51 -6.71
N GLN B 50 9.04 -13.08 -5.59
CA GLN B 50 9.32 -13.73 -4.32
C GLN B 50 8.66 -15.10 -4.26
N VAL B 51 7.51 -15.24 -4.91
CA VAL B 51 6.85 -16.55 -4.99
C VAL B 51 7.71 -17.51 -5.81
N ALA B 52 8.25 -17.04 -6.94
CA ALA B 52 9.14 -17.87 -7.74
C ALA B 52 10.44 -18.19 -7.00
N THR B 53 10.90 -17.26 -6.16
CA THR B 53 12.12 -17.48 -5.40
C THR B 53 11.90 -18.52 -4.31
N LEU B 54 10.71 -18.51 -3.68
CA LEU B 54 10.41 -19.50 -2.65
C LEU B 54 10.15 -20.87 -3.27
N MET B 55 9.57 -20.90 -4.46
CA MET B 55 9.29 -22.18 -5.10
C MET B 55 10.55 -22.84 -5.62
N ILE B 56 11.40 -22.08 -6.31
CA ILE B 56 12.66 -22.61 -6.81
C ILE B 56 13.61 -22.92 -5.66
N GLN B 57 13.60 -22.07 -4.63
CA GLN B 57 14.46 -22.27 -3.48
C GLN B 57 14.03 -23.49 -2.68
N ASN B 58 12.72 -23.74 -2.61
CA ASN B 58 12.22 -24.76 -1.71
C ASN B 58 11.96 -26.10 -2.39
N ALA B 59 11.97 -26.17 -3.72
CA ALA B 59 11.83 -27.45 -4.38
C ALA B 59 12.67 -27.63 -5.64
N GLY B 60 13.52 -26.69 -6.00
CA GLY B 60 14.19 -26.83 -7.28
C GLY B 60 13.34 -26.33 -8.43
N ALA B 61 14.01 -26.01 -9.53
CA ALA B 61 13.30 -25.41 -10.66
C ALA B 61 12.47 -26.42 -11.42
N VAL B 62 12.93 -27.68 -11.49
CA VAL B 62 12.25 -28.69 -12.29
C VAL B 62 10.92 -29.06 -11.65
N SER B 63 10.96 -29.46 -10.38
CA SER B 63 9.73 -29.74 -9.65
C SER B 63 8.95 -28.47 -9.32
N ALA B 64 9.60 -27.31 -9.37
CA ALA B 64 8.87 -26.05 -9.23
C ALA B 64 7.95 -25.82 -10.41
N VAL B 65 8.47 -26.00 -11.63
CA VAL B 65 7.65 -25.81 -12.83
C VAL B 65 6.63 -26.93 -12.96
N MET B 66 7.03 -28.16 -12.63
CA MET B 66 6.11 -29.30 -12.75
C MET B 66 4.97 -29.20 -11.74
N LYS B 67 5.28 -28.79 -10.51
CA LYS B 67 4.21 -28.59 -9.55
C LYS B 67 3.44 -27.31 -9.82
N THR B 68 4.01 -26.37 -10.57
CA THR B 68 3.25 -25.22 -11.03
C THR B 68 2.18 -25.65 -12.02
N ILE B 69 2.54 -26.57 -12.91
CA ILE B 69 1.57 -27.17 -13.83
C ILE B 69 0.50 -27.91 -13.03
N ARG B 70 0.90 -28.59 -11.97
CA ARG B 70 -0.06 -29.35 -11.16
C ARG B 70 -1.04 -28.44 -10.43
N ILE B 71 -0.55 -27.32 -9.89
CA ILE B 71 -1.43 -26.40 -9.17
C ILE B 71 -2.32 -25.65 -10.16
N PHE B 72 -1.79 -25.33 -11.34
CA PHE B 72 -2.61 -24.70 -12.36
C PHE B 72 -3.68 -25.66 -12.87
N GLN B 73 -3.44 -26.96 -12.80
CA GLN B 73 -4.49 -27.91 -13.13
C GLN B 73 -5.45 -28.10 -11.97
N LYS B 74 -5.02 -27.78 -10.75
CA LYS B 74 -5.97 -27.76 -9.64
C LYS B 74 -6.92 -26.59 -9.75
N LEU B 75 -6.46 -25.47 -10.30
CA LEU B 75 -7.27 -24.27 -10.45
C LEU B 75 -8.04 -24.24 -11.76
N ASN B 76 -8.05 -25.35 -12.50
CA ASN B 76 -8.66 -25.49 -13.82
C ASN B 76 -8.16 -24.46 -14.83
N TYR B 77 -6.87 -24.13 -14.79
CA TYR B 77 -6.29 -23.21 -15.77
C TYR B 77 -5.60 -24.03 -16.85
N MET B 78 -6.42 -24.60 -17.73
CA MET B 78 -5.92 -25.56 -18.71
C MET B 78 -5.05 -24.90 -19.76
N LEU B 79 -5.31 -23.62 -20.05
CA LEU B 79 -4.52 -22.91 -21.05
C LEU B 79 -3.10 -22.67 -20.56
N LEU B 80 -2.96 -22.19 -19.33
CA LEU B 80 -1.63 -21.89 -18.80
C LEU B 80 -0.86 -23.17 -18.48
N ALA B 81 -1.57 -24.20 -18.03
CA ALA B 81 -0.90 -25.48 -17.79
C ALA B 81 -0.44 -26.10 -19.10
N LYS B 82 -1.24 -25.93 -20.16
CA LYS B 82 -0.84 -26.41 -21.48
C LYS B 82 0.35 -25.63 -22.01
N ARG B 83 0.38 -24.32 -21.74
CA ARG B 83 1.50 -23.51 -22.21
C ARG B 83 2.77 -23.82 -21.44
N LEU B 84 2.66 -24.11 -20.14
CA LEU B 84 3.85 -24.48 -19.38
C LEU B 84 4.33 -25.87 -19.77
N GLN B 85 3.42 -26.76 -20.17
CA GLN B 85 3.87 -28.05 -20.68
C GLN B 85 4.52 -27.90 -22.05
N GLU B 86 4.05 -26.94 -22.86
CA GLU B 86 4.69 -26.73 -24.16
C GLU B 86 6.09 -26.15 -24.00
N GLU B 87 6.24 -25.14 -23.13
CA GLU B 87 7.57 -24.57 -22.91
C GLU B 87 8.49 -25.56 -22.22
N LYS B 88 7.95 -26.35 -21.29
CA LYS B 88 8.73 -27.34 -20.57
C LYS B 88 9.20 -28.45 -21.49
N GLU B 89 8.37 -28.84 -22.45
CA GLU B 89 8.80 -29.86 -23.39
C GLU B 89 9.71 -29.29 -24.46
N LYS B 90 9.63 -27.98 -24.74
CA LYS B 90 10.62 -27.38 -25.63
C LYS B 90 11.99 -27.32 -24.96
N VAL B 91 12.03 -27.10 -23.65
CA VAL B 91 13.31 -27.07 -22.96
C VAL B 91 13.85 -28.47 -22.75
N ASP B 92 12.97 -29.43 -22.46
CA ASP B 92 13.41 -30.81 -22.31
C ASP B 92 13.87 -31.39 -23.65
N LYS B 93 13.25 -30.94 -24.75
CA LYS B 93 13.76 -31.28 -26.07
C LYS B 93 15.09 -30.57 -26.33
N GLN B 94 15.23 -29.37 -25.78
CA GLN B 94 16.41 -28.54 -26.02
C GLN B 94 17.65 -29.10 -25.35
N TYR B 95 17.53 -29.55 -24.11
CA TYR B 95 18.69 -29.98 -23.34
C TYR B 95 18.73 -31.47 -23.05
N LYS B 96 17.58 -32.14 -23.00
CA LYS B 96 17.58 -33.58 -22.75
C LYS B 96 17.85 -34.38 -24.02
N SER B 97 17.91 -33.73 -25.18
CA SER B 97 18.21 -34.41 -26.43
C SER B 97 19.46 -33.82 -27.07
N GLY C 3 15.00 34.24 -2.51
CA GLY C 3 13.61 34.16 -2.11
C GLY C 3 12.70 33.73 -3.24
N MET C 4 13.14 33.98 -4.49
CA MET C 4 12.37 33.59 -5.66
C MET C 4 12.32 32.08 -5.80
N GLU C 5 13.38 31.41 -5.34
CA GLU C 5 13.39 29.96 -5.26
C GLU C 5 12.29 29.43 -4.37
N SER C 6 12.08 30.06 -3.21
CA SER C 6 11.04 29.62 -2.29
C SER C 6 9.65 29.87 -2.84
N LYS C 7 9.46 31.02 -3.51
CA LYS C 7 8.16 31.32 -4.10
C LYS C 7 7.84 30.38 -5.24
N TYR C 8 8.84 30.00 -6.04
CA TYR C 8 8.58 29.03 -7.09
C TYR C 8 8.38 27.63 -6.52
N LYS C 9 8.94 27.35 -5.35
CA LYS C 9 8.61 26.10 -4.67
C LYS C 9 7.16 26.09 -4.23
N GLU C 10 6.67 27.21 -3.70
CA GLU C 10 5.27 27.27 -3.26
C GLU C 10 4.31 27.22 -4.43
N ILE C 11 4.71 27.83 -5.56
CA ILE C 11 3.90 27.78 -6.77
C ILE C 11 3.84 26.36 -7.30
N LEU C 12 5.00 25.70 -7.39
CA LEU C 12 5.05 24.37 -7.97
C LEU C 12 4.34 23.33 -7.11
N LEU C 13 4.66 23.29 -5.82
CA LEU C 13 4.05 22.26 -5.00
C LEU C 13 2.62 22.63 -4.62
N LEU C 14 2.41 23.85 -4.12
CA LEU C 14 1.12 24.17 -3.51
C LEU C 14 0.04 24.43 -4.55
N THR C 15 0.34 25.22 -5.57
CA THR C 15 -0.66 25.49 -6.60
C THR C 15 -0.69 24.42 -7.68
N GLY C 16 0.47 24.03 -8.20
CA GLY C 16 0.52 23.11 -9.31
C GLY C 16 0.25 21.67 -8.97
N LEU C 17 1.12 21.04 -8.18
CA LEU C 17 1.03 19.59 -8.04
C LEU C 17 -0.06 19.18 -7.05
N ASP C 18 -0.39 20.04 -6.09
CA ASP C 18 -1.41 19.66 -5.12
C ASP C 18 -2.82 19.69 -5.68
N ASN C 19 -3.03 20.35 -6.82
CA ASN C 19 -4.36 20.49 -7.39
C ASN C 19 -4.68 19.43 -8.43
N ILE C 20 -3.68 18.63 -8.83
CA ILE C 20 -3.96 17.54 -9.76
C ILE C 20 -4.22 16.29 -8.96
N THR C 21 -5.06 15.41 -9.52
CA THR C 21 -5.43 14.20 -8.84
C THR C 21 -4.36 13.13 -9.04
N ASP C 22 -4.69 11.90 -8.64
CA ASP C 22 -3.70 10.83 -8.69
C ASP C 22 -3.49 10.32 -10.10
N GLU C 23 -4.58 10.14 -10.86
CA GLU C 23 -4.46 9.72 -12.25
C GLU C 23 -3.84 10.83 -13.09
N GLU C 24 -4.17 12.09 -12.77
CA GLU C 24 -3.52 13.21 -13.42
C GLU C 24 -2.05 13.30 -13.05
N LEU C 25 -1.71 12.88 -11.82
CA LEU C 25 -0.30 12.80 -11.45
C LEU C 25 0.41 11.72 -12.25
N ASP C 26 -0.29 10.62 -12.56
CA ASP C 26 0.33 9.57 -13.35
C ASP C 26 0.50 9.99 -14.80
N ARG C 27 -0.42 10.78 -15.33
CA ARG C 27 -0.22 11.39 -16.65
C ARG C 27 0.95 12.35 -16.63
N PHE C 28 1.08 13.11 -15.53
CA PHE C 28 2.15 14.08 -15.40
C PHE C 28 3.51 13.39 -15.36
N LYS C 29 3.60 12.29 -14.60
CA LYS C 29 4.82 11.49 -14.57
C LYS C 29 5.07 10.81 -15.91
N PHE C 30 3.99 10.51 -16.64
CA PHE C 30 4.16 9.94 -17.97
C PHE C 30 4.74 10.96 -18.93
N PHE C 31 4.53 12.24 -18.69
CA PHE C 31 5.11 13.27 -19.53
C PHE C 31 6.26 14.04 -18.89
N LEU C 32 6.80 13.60 -17.76
CA LEU C 32 7.99 14.25 -17.21
C LEU C 32 9.24 13.91 -18.01
N SER C 33 9.33 12.69 -18.52
CA SER C 33 10.58 12.22 -19.13
C SER C 33 10.86 12.87 -20.47
N ASP C 34 9.89 13.58 -21.03
CA ASP C 34 10.07 14.25 -22.31
C ASP C 34 10.44 15.70 -22.16
N GLU C 35 10.56 16.20 -20.94
CA GLU C 35 10.86 17.61 -20.70
C GLU C 35 12.00 17.83 -19.70
N PHE C 36 12.49 16.78 -19.06
CA PHE C 36 13.36 16.93 -17.90
C PHE C 36 14.61 16.07 -17.89
N ASN C 37 14.67 15.01 -18.71
CA ASN C 37 15.73 13.99 -18.67
C ASN C 37 15.86 13.37 -17.28
N ILE C 38 14.74 13.10 -16.65
CA ILE C 38 14.70 12.43 -15.36
C ILE C 38 14.44 10.95 -15.60
N ALA C 39 15.26 10.11 -14.95
CA ALA C 39 15.06 8.67 -14.98
C ALA C 39 13.74 8.28 -14.32
N THR C 40 12.94 7.46 -15.02
CA THR C 40 11.56 7.23 -14.61
C THR C 40 11.45 6.21 -13.49
N GLY C 41 12.53 5.47 -13.22
CA GLY C 41 12.51 4.39 -12.24
C GLY C 41 12.26 4.86 -10.82
N LYS C 42 12.59 6.10 -10.51
CA LYS C 42 12.20 6.69 -9.24
C LYS C 42 10.96 7.55 -9.36
N LEU C 43 10.56 7.91 -10.59
CA LEU C 43 9.30 8.63 -10.78
C LEU C 43 8.10 7.72 -10.54
N HIS C 44 8.27 6.42 -10.79
CA HIS C 44 7.16 5.48 -10.87
C HIS C 44 6.35 5.34 -9.59
N THR C 45 7.00 5.51 -8.43
CA THR C 45 6.30 5.42 -7.15
C THR C 45 6.41 6.69 -6.33
N ALA C 46 6.81 7.81 -6.95
CA ALA C 46 6.95 9.04 -6.19
C ALA C 46 5.59 9.65 -5.89
N ASN C 47 5.53 10.43 -4.81
CA ASN C 47 4.40 11.28 -4.55
C ASN C 47 4.72 12.70 -5.01
N ARG C 48 3.82 13.63 -4.71
CA ARG C 48 3.90 14.99 -5.22
C ARG C 48 5.14 15.73 -4.71
N ILE C 49 5.55 15.41 -3.49
CA ILE C 49 6.69 16.07 -2.88
C ILE C 49 7.98 15.58 -3.51
N GLN C 50 8.07 14.27 -3.76
CA GLN C 50 9.26 13.72 -4.39
C GLN C 50 9.32 14.10 -5.85
N VAL C 51 8.17 14.25 -6.50
CA VAL C 51 8.12 14.72 -7.88
C VAL C 51 8.61 16.16 -7.94
N ALA C 52 8.17 17.00 -7.01
CA ALA C 52 8.65 18.39 -6.97
C ALA C 52 10.14 18.45 -6.64
N THR C 53 10.63 17.51 -5.83
CA THR C 53 12.04 17.48 -5.47
C THR C 53 12.89 17.06 -6.66
N LEU C 54 12.39 16.13 -7.46
CA LEU C 54 13.15 15.71 -8.65
C LEU C 54 13.11 16.77 -9.74
N MET C 55 12.00 17.51 -9.83
CA MET C 55 11.89 18.54 -10.86
C MET C 55 12.74 19.75 -10.53
N ILE C 56 12.67 20.22 -9.28
CA ILE C 56 13.48 21.36 -8.86
C ILE C 56 14.95 20.97 -8.80
N GLN C 57 15.24 19.75 -8.36
CA GLN C 57 16.61 19.27 -8.29
C GLN C 57 17.21 19.08 -9.68
N ASN C 58 16.40 18.66 -10.64
CA ASN C 58 16.95 18.30 -11.93
C ASN C 58 16.85 19.39 -12.99
N ALA C 59 16.10 20.46 -12.72
CA ALA C 59 16.08 21.58 -13.67
C ALA C 59 16.02 22.96 -13.04
N GLY C 60 16.08 23.08 -11.72
CA GLY C 60 15.87 24.41 -11.17
C GLY C 60 14.40 24.74 -11.02
N ALA C 61 14.12 25.69 -10.13
CA ALA C 61 12.73 26.00 -9.81
C ALA C 61 12.05 26.79 -10.92
N VAL C 62 12.80 27.64 -11.61
CA VAL C 62 12.21 28.52 -12.62
C VAL C 62 11.76 27.70 -13.83
N SER C 63 12.69 26.93 -14.40
CA SER C 63 12.33 26.03 -15.50
C SER C 63 11.49 24.85 -15.04
N ALA C 64 11.50 24.56 -13.73
CA ALA C 64 10.61 23.54 -13.21
C ALA C 64 9.16 24.01 -13.29
N VAL C 65 8.88 25.23 -12.86
CA VAL C 65 7.53 25.76 -12.92
C VAL C 65 7.12 26.05 -14.36
N MET C 66 8.05 26.56 -15.17
CA MET C 66 7.74 26.87 -16.56
C MET C 66 7.46 25.62 -17.37
N LYS C 67 8.25 24.57 -17.14
CA LYS C 67 7.98 23.31 -17.82
C LYS C 67 6.79 22.59 -17.20
N THR C 68 6.42 22.93 -15.97
CA THR C 68 5.17 22.42 -15.41
C THR C 68 3.98 23.01 -16.15
N ILE C 69 4.05 24.30 -16.46
CA ILE C 69 3.05 24.94 -17.29
C ILE C 69 3.00 24.30 -18.67
N ARG C 70 4.17 23.95 -19.20
CA ARG C 70 4.23 23.35 -20.53
C ARG C 70 3.61 21.95 -20.55
N ILE C 71 3.88 21.15 -19.51
CA ILE C 71 3.32 19.80 -19.46
C ILE C 71 1.82 19.86 -19.17
N PHE C 72 1.40 20.82 -18.34
CA PHE C 72 -0.03 21.00 -18.11
C PHE C 72 -0.76 21.47 -19.35
N GLN C 73 -0.06 22.16 -20.26
CA GLN C 73 -0.67 22.50 -21.53
C GLN C 73 -0.61 21.33 -22.50
N LYS C 74 0.30 20.38 -22.27
CA LYS C 74 0.26 19.14 -23.05
C LYS C 74 -0.94 18.28 -22.67
N LEU C 75 -1.33 18.33 -21.40
CA LEU C 75 -2.44 17.54 -20.90
C LEU C 75 -3.78 18.25 -21.02
N ASN C 76 -3.81 19.39 -21.73
CA ASN C 76 -4.97 20.25 -21.90
C ASN C 76 -5.57 20.71 -20.58
N TYR C 77 -4.74 21.01 -19.58
CA TYR C 77 -5.23 21.52 -18.31
C TYR C 77 -5.05 23.04 -18.30
N MET C 78 -5.96 23.70 -19.02
CA MET C 78 -5.82 25.14 -19.27
C MET C 78 -6.05 25.95 -18.02
N LEU C 79 -6.87 25.44 -17.10
CA LEU C 79 -7.15 26.16 -15.86
C LEU C 79 -5.93 26.19 -14.96
N LEU C 80 -5.29 25.04 -14.78
CA LEU C 80 -4.12 24.98 -13.89
C LEU C 80 -2.91 25.65 -14.51
N ALA C 81 -2.78 25.56 -15.84
CA ALA C 81 -1.68 26.26 -16.51
C ALA C 81 -1.89 27.76 -16.43
N LYS C 82 -3.15 28.21 -16.52
CA LYS C 82 -3.45 29.62 -16.38
C LYS C 82 -3.19 30.09 -14.95
N ARG C 83 -3.49 29.25 -13.96
CA ARG C 83 -3.26 29.62 -12.57
C ARG C 83 -1.77 29.65 -12.26
N LEU C 84 -0.99 28.74 -12.84
CA LEU C 84 0.45 28.78 -12.62
C LEU C 84 1.08 29.96 -13.33
N GLN C 85 0.52 30.38 -14.47
CA GLN C 85 1.03 31.59 -15.10
C GLN C 85 0.63 32.83 -14.30
N GLU C 86 -0.52 32.82 -13.64
CA GLU C 86 -0.91 33.95 -12.81
C GLU C 86 -0.01 34.07 -11.58
N GLU C 87 0.23 32.94 -10.90
CA GLU C 87 1.12 32.98 -9.73
C GLU C 87 2.55 33.28 -10.13
N LYS C 88 2.99 32.75 -11.27
CA LYS C 88 4.34 32.98 -11.75
C LYS C 88 4.55 34.43 -12.14
N GLU C 89 3.53 35.06 -12.73
CA GLU C 89 3.67 36.47 -13.06
C GLU C 89 3.50 37.36 -11.83
N LYS C 90 2.79 36.90 -10.80
CA LYS C 90 2.76 37.65 -9.55
C LYS C 90 4.12 37.62 -8.86
N VAL C 91 4.83 36.50 -8.96
CA VAL C 91 6.16 36.43 -8.35
C VAL C 91 7.18 37.17 -9.18
N ASP C 92 7.06 37.09 -10.52
CA ASP C 92 7.98 37.85 -11.37
C ASP C 92 7.75 39.34 -11.27
N LYS C 93 6.50 39.74 -11.03
CA LYS C 93 6.21 41.13 -10.70
C LYS C 93 6.75 41.48 -9.31
N GLN C 94 6.73 40.50 -8.40
CA GLN C 94 7.14 40.72 -7.02
C GLN C 94 8.64 40.94 -6.89
N TYR C 95 9.45 40.15 -7.59
CA TYR C 95 10.89 40.20 -7.43
C TYR C 95 11.64 40.73 -8.64
N LYS C 96 11.09 40.60 -9.83
CA LYS C 96 11.75 41.14 -11.02
C LYS C 96 11.52 42.62 -11.20
N SER C 97 10.64 43.23 -10.41
CA SER C 97 10.38 44.65 -10.48
C SER C 97 10.68 45.32 -9.16
N GLY D 3 -13.36 21.52 24.64
CA GLY D 3 -14.47 20.61 24.45
C GLY D 3 -15.39 21.02 23.31
N MET D 4 -15.37 22.33 22.99
CA MET D 4 -16.19 22.84 21.90
C MET D 4 -15.67 22.33 20.55
N GLU D 5 -14.36 22.11 20.47
CA GLU D 5 -13.75 21.47 19.31
C GLU D 5 -14.33 20.08 19.06
N SER D 6 -14.49 19.29 20.13
CA SER D 6 -15.02 17.94 19.99
C SER D 6 -16.48 17.95 19.61
N LYS D 7 -17.26 18.89 20.17
CA LYS D 7 -18.67 18.98 19.82
C LYS D 7 -18.87 19.43 18.39
N TYR D 8 -18.01 20.33 17.90
CA TYR D 8 -18.11 20.71 16.50
C TYR D 8 -17.60 19.61 15.57
N LYS D 9 -16.71 18.75 16.07
CA LYS D 9 -16.35 17.57 15.30
C LYS D 9 -17.54 16.61 15.17
N GLU D 10 -18.29 16.43 16.27
CA GLU D 10 -19.44 15.54 16.23
C GLU D 10 -20.56 16.12 15.36
N ILE D 11 -20.72 17.44 15.39
CA ILE D 11 -21.70 18.10 14.54
C ILE D 11 -21.32 17.96 13.07
N LEU D 12 -20.05 18.22 12.76
CA LEU D 12 -19.62 18.21 11.37
C LEU D 12 -19.63 16.81 10.78
N LEU D 13 -19.03 15.84 11.47
CA LEU D 13 -18.98 14.51 10.89
C LEU D 13 -20.31 13.78 11.06
N LEU D 14 -20.85 13.76 12.27
CA LEU D 14 -21.98 12.88 12.55
C LEU D 14 -23.29 13.41 11.99
N THR D 15 -23.58 14.69 12.19
CA THR D 15 -24.81 15.26 11.67
C THR D 15 -24.67 15.70 10.23
N GLY D 16 -23.61 16.45 9.92
CA GLY D 16 -23.46 17.03 8.60
C GLY D 16 -23.07 16.06 7.50
N LEU D 17 -21.86 15.51 7.58
CA LEU D 17 -21.34 14.77 6.44
C LEU D 17 -21.91 13.37 6.35
N ASP D 18 -22.31 12.78 7.46
CA ASP D 18 -22.84 11.42 7.40
C ASP D 18 -24.23 11.34 6.82
N ASN D 19 -24.95 12.46 6.74
CA ASN D 19 -26.33 12.46 6.26
C ASN D 19 -26.43 12.78 4.78
N ILE D 20 -25.34 13.18 4.14
CA ILE D 20 -25.36 13.42 2.71
C ILE D 20 -24.93 12.15 2.01
N THR D 21 -25.46 11.95 0.80
CA THR D 21 -25.15 10.75 0.05
C THR D 21 -23.83 10.91 -0.69
N ASP D 22 -23.54 9.97 -1.58
CA ASP D 22 -22.26 9.97 -2.26
C ASP D 22 -22.21 11.03 -3.36
N GLU D 23 -23.28 11.15 -4.14
CA GLU D 23 -23.34 12.19 -5.17
C GLU D 23 -23.42 13.57 -4.53
N GLU D 24 -24.12 13.67 -3.40
CA GLU D 24 -24.15 14.91 -2.64
C GLU D 24 -22.79 15.22 -2.03
N LEU D 25 -22.03 14.18 -1.70
CA LEU D 25 -20.65 14.39 -1.25
C LEU D 25 -19.79 14.90 -2.38
N ASP D 26 -20.05 14.45 -3.60
CA ASP D 26 -19.28 14.93 -4.74
C ASP D 26 -19.63 16.38 -5.09
N ARG D 27 -20.90 16.76 -4.91
CA ARG D 27 -21.27 18.17 -5.03
C ARG D 27 -20.60 19.00 -3.95
N PHE D 28 -20.52 18.44 -2.74
CA PHE D 28 -19.91 19.14 -1.62
C PHE D 28 -18.43 19.37 -1.85
N LYS D 29 -17.74 18.35 -2.35
CA LYS D 29 -16.33 18.48 -2.73
C LYS D 29 -16.17 19.42 -3.91
N PHE D 30 -17.17 19.48 -4.78
CA PHE D 30 -17.12 20.43 -5.89
C PHE D 30 -17.23 21.86 -5.40
N PHE D 31 -17.87 22.09 -4.25
CA PHE D 31 -17.95 23.42 -3.69
C PHE D 31 -17.08 23.65 -2.47
N LEU D 32 -16.16 22.74 -2.14
CA LEU D 32 -15.23 23.02 -1.04
C LEU D 32 -14.17 24.04 -1.44
N SER D 33 -13.73 24.01 -2.69
CA SER D 33 -12.58 24.82 -3.09
C SER D 33 -12.91 26.31 -3.17
N ASP D 34 -14.18 26.68 -3.09
CA ASP D 34 -14.58 28.07 -3.15
C ASP D 34 -14.79 28.67 -1.77
N GLU D 35 -14.60 27.90 -0.71
CA GLU D 35 -14.81 28.37 0.65
C GLU D 35 -13.66 28.08 1.60
N PHE D 36 -12.65 27.33 1.16
CA PHE D 36 -11.68 26.78 2.08
C PHE D 36 -10.22 26.92 1.66
N ASN D 37 -9.94 27.21 0.38
CA ASN D 37 -8.59 27.19 -0.20
C ASN D 37 -7.90 25.85 0.02
N ILE D 38 -8.65 24.77 -0.15
CA ILE D 38 -8.11 23.42 -0.06
C ILE D 38 -7.81 22.93 -1.47
N ALA D 39 -6.61 22.39 -1.65
CA ALA D 39 -6.22 21.76 -2.91
C ALA D 39 -7.08 20.54 -3.20
N THR D 40 -7.64 20.48 -4.41
CA THR D 40 -8.67 19.50 -4.72
C THR D 40 -8.10 18.13 -5.03
N GLY D 41 -6.80 18.03 -5.25
CA GLY D 41 -6.17 16.79 -5.65
C GLY D 41 -6.23 15.69 -4.61
N LYS D 42 -6.35 16.06 -3.35
CA LYS D 42 -6.63 15.08 -2.30
C LYS D 42 -8.10 15.04 -1.93
N LEU D 43 -8.88 16.03 -2.35
CA LEU D 43 -10.32 15.98 -2.13
C LEU D 43 -10.98 14.96 -3.05
N HIS D 44 -10.38 14.72 -4.22
CA HIS D 44 -11.01 13.97 -5.30
C HIS D 44 -11.38 12.53 -4.95
N THR D 45 -10.60 11.89 -4.07
CA THR D 45 -10.88 10.52 -3.66
C THR D 45 -11.09 10.38 -2.16
N ALA D 46 -11.32 11.49 -1.46
CA ALA D 46 -11.49 11.42 -0.01
C ALA D 46 -12.87 10.86 0.33
N ASN D 47 -12.98 10.26 1.50
CA ASN D 47 -14.26 9.94 2.09
C ASN D 47 -14.63 10.99 3.11
N ARG D 48 -15.73 10.76 3.83
CA ARG D 48 -16.31 11.76 4.71
C ARG D 48 -15.38 12.12 5.87
N ILE D 49 -14.60 11.14 6.32
CA ILE D 49 -13.70 11.36 7.45
C ILE D 49 -12.51 12.18 7.01
N GLN D 50 -11.98 11.91 5.82
CA GLN D 50 -10.85 12.68 5.31
C GLN D 50 -11.29 14.07 4.90
N VAL D 51 -12.53 14.21 4.44
CA VAL D 51 -13.08 15.53 4.12
C VAL D 51 -13.23 16.35 5.39
N ALA D 52 -13.74 15.73 6.46
CA ALA D 52 -13.83 16.43 7.74
C ALA D 52 -12.46 16.77 8.31
N THR D 53 -11.47 15.92 8.06
CA THR D 53 -10.12 16.16 8.54
C THR D 53 -9.48 17.33 7.78
N LEU D 54 -9.74 17.43 6.48
CA LEU D 54 -9.19 18.54 5.71
C LEU D 54 -9.90 19.85 6.03
N MET D 55 -11.20 19.78 6.34
CA MET D 55 -11.95 20.99 6.64
C MET D 55 -11.57 21.54 8.02
N ILE D 56 -11.53 20.66 9.03
CA ILE D 56 -11.15 21.08 10.38
C ILE D 56 -9.69 21.47 10.42
N GLN D 57 -8.85 20.72 9.68
CA GLN D 57 -7.42 21.03 9.65
C GLN D 57 -7.15 22.34 8.93
N ASN D 58 -7.92 22.65 7.90
CA ASN D 58 -7.60 23.80 7.06
C ASN D 58 -8.38 25.05 7.42
N ALA D 59 -9.40 24.97 8.27
CA ALA D 59 -10.07 26.19 8.71
C ALA D 59 -10.52 26.18 10.16
N GLY D 60 -10.21 25.18 10.94
CA GLY D 60 -10.77 25.15 12.28
C GLY D 60 -12.18 24.57 12.29
N ALA D 61 -12.59 24.10 13.47
CA ALA D 61 -13.87 23.41 13.56
C ALA D 61 -15.05 24.38 13.50
N VAL D 62 -14.88 25.59 14.04
CA VAL D 62 -15.99 26.54 14.11
C VAL D 62 -16.35 27.04 12.72
N SER D 63 -15.37 27.57 12.00
CA SER D 63 -15.59 27.99 10.62
C SER D 63 -15.76 26.80 9.69
N ALA D 64 -15.32 25.61 10.10
CA ALA D 64 -15.60 24.41 9.30
C ALA D 64 -17.09 24.10 9.32
N VAL D 65 -17.72 24.12 10.49
CA VAL D 65 -19.14 23.83 10.58
C VAL D 65 -19.95 24.98 10.00
N MET D 66 -19.52 26.23 10.23
CA MET D 66 -20.25 27.38 9.72
C MET D 66 -20.19 27.44 8.19
N LYS D 67 -19.02 27.15 7.63
CA LYS D 67 -18.94 27.11 6.17
C LYS D 67 -19.56 25.84 5.60
N THR D 68 -19.74 24.80 6.43
CA THR D 68 -20.51 23.64 6.00
C THR D 68 -21.97 24.01 5.84
N ILE D 69 -22.49 24.82 6.78
CA ILE D 69 -23.84 25.36 6.66
C ILE D 69 -23.95 26.23 5.41
N ARG D 70 -22.90 27.00 5.12
CA ARG D 70 -22.93 27.88 3.96
C ARG D 70 -22.93 27.11 2.64
N ILE D 71 -22.14 26.03 2.56
CA ILE D 71 -22.10 25.24 1.34
C ILE D 71 -23.38 24.41 1.20
N PHE D 72 -23.94 23.95 2.32
CA PHE D 72 -25.22 23.26 2.26
C PHE D 72 -26.35 24.19 1.84
N GLN D 73 -26.21 25.49 2.12
CA GLN D 73 -27.18 26.44 1.62
C GLN D 73 -26.90 26.80 0.15
N LYS D 74 -25.66 26.59 -0.31
CA LYS D 74 -25.40 26.74 -1.73
C LYS D 74 -26.03 25.60 -2.53
N LEU D 75 -26.09 24.42 -1.93
CA LEU D 75 -26.66 23.25 -2.59
C LEU D 75 -28.16 23.11 -2.37
N ASN D 76 -28.80 24.13 -1.81
CA ASN D 76 -30.22 24.14 -1.43
C ASN D 76 -30.61 23.00 -0.52
N TYR D 77 -29.76 22.62 0.42
CA TYR D 77 -30.09 21.58 1.39
C TYR D 77 -30.53 22.24 2.69
N MET D 78 -31.77 22.74 2.65
CA MET D 78 -32.26 23.57 3.75
C MET D 78 -32.49 22.76 5.01
N LEU D 79 -32.80 21.48 4.86
CA LEU D 79 -33.04 20.63 6.02
C LEU D 79 -31.75 20.38 6.79
N LEU D 80 -30.68 20.01 6.08
CA LEU D 80 -29.42 19.73 6.75
C LEU D 80 -28.75 20.98 7.26
N ALA D 81 -28.90 22.10 6.55
CA ALA D 81 -28.38 23.37 7.04
C ALA D 81 -29.13 23.82 8.28
N LYS D 82 -30.43 23.56 8.32
CA LYS D 82 -31.24 23.88 9.49
C LYS D 82 -30.85 22.99 10.67
N ARG D 83 -30.55 21.73 10.40
CA ARG D 83 -30.15 20.82 11.47
C ARG D 83 -28.77 21.15 12.00
N LEU D 84 -27.86 21.58 11.13
CA LEU D 84 -26.55 21.98 11.61
C LEU D 84 -26.61 23.29 12.37
N GLN D 85 -27.54 24.17 12.01
CA GLN D 85 -27.73 25.38 12.81
C GLN D 85 -28.37 25.05 14.16
N GLU D 86 -29.24 24.04 14.21
CA GLU D 86 -29.82 23.66 15.48
C GLU D 86 -28.79 23.03 16.41
N GLU D 87 -27.96 22.12 15.89
CA GLU D 87 -26.92 21.51 16.70
C GLU D 87 -25.85 22.54 17.09
N LYS D 88 -25.53 23.44 16.16
CA LYS D 88 -24.53 24.46 16.43
C LYS D 88 -25.00 25.44 17.49
N GLU D 89 -26.29 25.77 17.48
CA GLU D 89 -26.81 26.66 18.51
C GLU D 89 -27.02 25.93 19.83
N LYS D 90 -27.22 24.61 19.80
CA LYS D 90 -27.24 23.87 21.07
C LYS D 90 -25.86 23.83 21.70
N VAL D 91 -24.81 23.74 20.88
CA VAL D 91 -23.46 23.72 21.44
C VAL D 91 -23.04 25.12 21.87
N ASP D 92 -23.42 26.15 21.11
CA ASP D 92 -23.11 27.52 21.51
C ASP D 92 -23.88 27.92 22.76
N LYS D 93 -25.10 27.40 22.92
CA LYS D 93 -25.81 27.55 24.17
C LYS D 93 -25.13 26.76 25.28
N GLN D 94 -24.55 25.62 24.93
CA GLN D 94 -23.95 24.71 25.90
C GLN D 94 -22.68 25.28 26.51
N TYR D 95 -21.82 25.87 25.68
CA TYR D 95 -20.51 26.33 26.14
C TYR D 95 -20.34 27.84 26.15
N LYS D 96 -21.07 28.56 25.29
CA LYS D 96 -20.97 30.02 25.30
C LYS D 96 -21.81 30.67 26.37
N SER D 97 -22.63 29.90 27.07
CA SER D 97 -23.45 30.43 28.16
C SER D 97 -23.13 29.71 29.47
N GLY E 3 -3.20 -35.02 3.63
CA GLY E 3 -3.78 -34.83 2.31
C GLY E 3 -5.24 -34.49 2.37
N MET E 4 -5.91 -34.89 3.47
CA MET E 4 -7.32 -34.60 3.65
C MET E 4 -7.56 -33.11 3.85
N GLU E 5 -6.57 -32.44 4.44
CA GLU E 5 -6.57 -30.99 4.56
C GLU E 5 -6.61 -30.31 3.19
N SER E 6 -5.82 -30.81 2.25
CA SER E 6 -5.78 -30.23 0.91
C SER E 6 -7.08 -30.48 0.15
N LYS E 7 -7.65 -31.68 0.31
CA LYS E 7 -8.91 -31.99 -0.35
C LYS E 7 -10.05 -31.17 0.21
N TYR E 8 -10.06 -30.92 1.51
CA TYR E 8 -11.08 -30.05 2.07
C TYR E 8 -10.85 -28.59 1.71
N LYS E 9 -9.60 -28.21 1.43
CA LYS E 9 -9.36 -26.87 0.89
C LYS E 9 -9.93 -26.75 -0.51
N GLU E 10 -9.77 -27.79 -1.33
CA GLU E 10 -10.31 -27.73 -2.70
C GLU E 10 -11.83 -27.78 -2.70
N ILE E 11 -12.42 -28.53 -1.75
CA ILE E 11 -13.86 -28.57 -1.61
C ILE E 11 -14.40 -27.20 -1.18
N LEU E 12 -13.76 -26.61 -0.17
CA LEU E 12 -14.25 -25.36 0.39
C LEU E 12 -14.10 -24.21 -0.60
N LEU E 13 -12.90 -24.03 -1.15
CA LEU E 13 -12.72 -22.90 -2.04
C LEU E 13 -13.30 -23.16 -3.42
N LEU E 14 -12.98 -24.30 -4.01
CA LEU E 14 -13.31 -24.50 -5.42
C LEU E 14 -14.78 -24.82 -5.64
N THR E 15 -15.35 -25.73 -4.85
CA THR E 15 -16.74 -26.06 -5.01
C THR E 15 -17.65 -25.11 -4.24
N GLY E 16 -17.35 -24.85 -2.98
CA GLY E 16 -18.22 -24.06 -2.15
C GLY E 16 -18.21 -22.57 -2.43
N LEU E 17 -17.10 -21.90 -2.18
CA LEU E 17 -17.11 -20.44 -2.20
C LEU E 17 -17.08 -19.88 -3.61
N ASP E 18 -16.48 -20.61 -4.55
CA ASP E 18 -16.40 -20.07 -5.91
C ASP E 18 -17.72 -20.11 -6.65
N ASN E 19 -18.70 -20.88 -6.17
CA ASN E 19 -19.98 -21.02 -6.85
C ASN E 19 -21.04 -20.06 -6.33
N ILE E 20 -20.76 -19.35 -5.25
CA ILE E 20 -21.72 -18.37 -4.76
C ILE E 20 -21.34 -17.02 -5.33
N THR E 21 -22.35 -16.18 -5.53
CA THR E 21 -22.13 -14.88 -6.13
C THR E 21 -21.66 -13.89 -5.07
N ASP E 22 -21.64 -12.61 -5.45
CA ASP E 22 -21.10 -11.59 -4.54
C ASP E 22 -22.09 -11.26 -3.44
N GLU E 23 -23.38 -11.11 -3.79
CA GLU E 23 -24.40 -10.85 -2.78
C GLU E 23 -24.59 -12.07 -1.89
N GLU E 24 -24.48 -13.26 -2.48
CA GLU E 24 -24.51 -14.48 -1.69
C GLU E 24 -23.28 -14.60 -0.79
N LEU E 25 -22.15 -14.06 -1.24
CA LEU E 25 -20.98 -14.01 -0.38
C LEU E 25 -21.20 -13.05 0.78
N ASP E 26 -21.95 -11.97 0.55
CA ASP E 26 -22.22 -11.03 1.63
C ASP E 26 -23.21 -11.62 2.64
N ARG E 27 -24.16 -12.42 2.16
CA ARG E 27 -25.02 -13.17 3.08
C ARG E 27 -24.21 -14.18 3.87
N PHE E 28 -23.24 -14.81 3.20
CA PHE E 28 -22.40 -15.82 3.86
C PHE E 28 -21.55 -15.18 4.95
N LYS E 29 -20.96 -14.02 4.66
CA LYS E 29 -20.23 -13.27 5.67
C LYS E 29 -21.14 -12.76 6.77
N PHE E 30 -22.40 -12.49 6.42
CA PHE E 30 -23.35 -12.08 7.44
C PHE E 30 -23.67 -13.21 8.40
N PHE E 31 -23.55 -14.46 7.94
CA PHE E 31 -23.77 -15.60 8.81
C PHE E 31 -22.50 -16.34 9.23
N LEU E 32 -21.31 -15.80 8.97
CA LEU E 32 -20.10 -16.44 9.49
C LEU E 32 -19.94 -16.25 10.98
N SER E 33 -20.34 -15.09 11.50
CA SER E 33 -20.05 -14.75 12.88
C SER E 33 -20.88 -15.56 13.88
N ASP E 34 -21.88 -16.28 13.42
CA ASP E 34 -22.72 -17.09 14.28
C ASP E 34 -22.29 -18.54 14.32
N GLU E 35 -21.24 -18.91 13.60
CA GLU E 35 -20.78 -20.29 13.54
C GLU E 35 -19.29 -20.45 13.77
N PHE E 36 -18.54 -19.36 13.86
CA PHE E 36 -17.09 -19.43 13.79
C PHE E 36 -16.34 -18.62 14.83
N ASN E 37 -16.99 -17.67 15.50
CA ASN E 37 -16.35 -16.70 16.40
C ASN E 37 -15.22 -15.94 15.70
N ILE E 38 -15.46 -15.54 14.47
CA ILE E 38 -14.54 -14.74 13.70
C ILE E 38 -14.96 -13.28 13.80
N ALA E 39 -13.99 -12.42 14.12
CA ALA E 39 -14.21 -10.98 14.13
C ALA E 39 -14.56 -10.46 12.74
N THR E 40 -15.66 -9.69 12.64
CA THR E 40 -16.23 -9.35 11.35
C THR E 40 -15.49 -8.21 10.66
N GLY E 41 -14.64 -7.50 11.41
CA GLY E 41 -13.96 -6.32 10.88
C GLY E 41 -12.99 -6.61 9.75
N LYS E 42 -12.47 -7.83 9.69
CA LYS E 42 -11.70 -8.26 8.53
C LYS E 42 -12.53 -9.08 7.55
N LEU E 43 -13.71 -9.55 7.98
CA LEU E 43 -14.61 -10.22 7.05
C LEU E 43 -15.24 -9.25 6.08
N HIS E 44 -15.40 -7.99 6.49
CA HIS E 44 -16.22 -7.01 5.78
C HIS E 44 -15.74 -6.69 4.37
N THR E 45 -14.43 -6.77 4.12
CA THR E 45 -13.89 -6.50 2.79
C THR E 45 -13.12 -7.69 2.24
N ALA E 46 -13.28 -8.87 2.81
CA ALA E 46 -12.54 -10.04 2.32
C ALA E 46 -13.13 -10.54 1.01
N ASN E 47 -12.29 -11.20 0.22
CA ASN E 47 -12.77 -11.96 -0.92
C ASN E 47 -12.83 -13.44 -0.52
N ARG E 48 -13.11 -14.29 -1.51
CA ARG E 48 -13.38 -15.70 -1.25
C ARG E 48 -12.16 -16.43 -0.69
N ILE E 49 -10.98 -16.00 -1.11
CA ILE E 49 -9.75 -16.64 -0.67
C ILE E 49 -9.45 -16.27 0.76
N GLN E 50 -9.66 -15.01 1.13
CA GLN E 50 -9.42 -14.58 2.49
C GLN E 50 -10.49 -15.12 3.42
N VAL E 51 -11.71 -15.30 2.91
CA VAL E 51 -12.78 -15.91 3.69
C VAL E 51 -12.44 -17.37 3.97
N ALA E 52 -11.95 -18.08 2.96
CA ALA E 52 -11.54 -19.47 3.17
C ALA E 52 -10.34 -19.56 4.10
N THR E 53 -9.45 -18.57 4.05
CA THR E 53 -8.28 -18.56 4.93
C THR E 53 -8.69 -18.32 6.38
N LEU E 54 -9.68 -17.45 6.60
CA LEU E 54 -10.14 -17.20 7.96
C LEU E 54 -10.96 -18.37 8.50
N MET E 55 -11.68 -19.06 7.62
CA MET E 55 -12.49 -20.20 8.07
C MET E 55 -11.62 -21.39 8.41
N ILE E 56 -10.68 -21.72 7.51
CA ILE E 56 -9.77 -22.85 7.76
C ILE E 56 -8.82 -22.52 8.91
N GLN E 57 -8.37 -21.27 8.98
CA GLN E 57 -7.48 -20.85 10.05
C GLN E 57 -8.17 -20.84 11.39
N ASN E 58 -9.46 -20.49 11.42
CA ASN E 58 -10.13 -20.29 12.69
C ASN E 58 -10.94 -21.49 13.15
N ALA E 59 -11.16 -22.49 12.30
CA ALA E 59 -11.84 -23.70 12.77
C ALA E 59 -11.31 -25.01 12.18
N GLY E 60 -10.25 -24.98 11.39
CA GLY E 60 -9.88 -26.23 10.74
C GLY E 60 -10.67 -26.47 9.48
N ALA E 61 -10.11 -27.31 8.60
CA ALA E 61 -10.73 -27.52 7.30
C ALA E 61 -11.97 -28.39 7.39
N VAL E 62 -11.98 -29.36 8.31
CA VAL E 62 -13.09 -30.31 8.40
C VAL E 62 -14.35 -29.60 8.89
N SER E 63 -14.26 -28.94 10.04
CA SER E 63 -15.37 -28.16 10.55
C SER E 63 -15.60 -26.90 9.74
N ALA E 64 -14.61 -26.45 8.96
CA ALA E 64 -14.83 -25.35 8.04
C ALA E 64 -15.79 -25.76 6.92
N VAL E 65 -15.56 -26.92 6.32
CA VAL E 65 -16.43 -27.39 5.25
C VAL E 65 -17.80 -27.81 5.81
N MET E 66 -17.79 -28.45 6.97
CA MET E 66 -19.05 -28.91 7.57
C MET E 66 -19.92 -27.72 7.99
N LYS E 67 -19.30 -26.70 8.58
CA LYS E 67 -20.07 -25.51 8.92
C LYS E 67 -20.38 -24.67 7.69
N THR E 68 -19.65 -24.85 6.60
CA THR E 68 -20.04 -24.23 5.33
C THR E 68 -21.33 -24.84 4.80
N ILE E 69 -21.45 -26.17 4.93
CA ILE E 69 -22.69 -26.86 4.61
C ILE E 69 -23.82 -26.36 5.49
N ARG E 70 -23.51 -26.13 6.78
CA ARG E 70 -24.53 -25.67 7.71
C ARG E 70 -25.02 -24.26 7.39
N ILE E 71 -24.09 -23.37 7.03
CA ILE E 71 -24.48 -22.00 6.70
C ILE E 71 -25.20 -21.95 5.36
N PHE E 72 -24.78 -22.80 4.42
CA PHE E 72 -25.49 -22.89 3.14
C PHE E 72 -26.89 -23.45 3.31
N GLN E 73 -27.10 -24.27 4.34
CA GLN E 73 -28.46 -24.72 4.64
C GLN E 73 -29.24 -23.66 5.41
N LYS E 74 -28.53 -22.73 6.07
CA LYS E 74 -29.23 -21.59 6.66
C LYS E 74 -29.72 -20.64 5.58
N LEU E 75 -29.00 -20.52 4.48
CA LEU E 75 -29.36 -19.64 3.38
C LEU E 75 -30.26 -20.31 2.36
N ASN E 76 -30.77 -21.51 2.66
CA ASN E 76 -31.59 -22.33 1.77
C ASN E 76 -30.91 -22.61 0.43
N TYR E 77 -29.60 -22.85 0.43
CA TYR E 77 -28.91 -23.20 -0.81
C TYR E 77 -28.70 -24.71 -0.83
N MET E 78 -29.80 -25.40 -1.15
CA MET E 78 -29.83 -26.85 -1.03
C MET E 78 -28.95 -27.52 -2.08
N LEU E 79 -28.79 -26.87 -3.24
CA LEU E 79 -27.98 -27.45 -4.29
C LEU E 79 -26.50 -27.43 -3.92
N LEU E 80 -26.01 -26.30 -3.42
CA LEU E 80 -24.60 -26.20 -3.07
C LEU E 80 -24.27 -26.98 -1.81
N ALA E 81 -25.21 -27.04 -0.86
CA ALA E 81 -25.01 -27.86 0.32
C ALA E 81 -25.00 -29.34 -0.04
N LYS E 82 -25.83 -29.73 -1.01
CA LYS E 82 -25.83 -31.11 -1.48
C LYS E 82 -24.54 -31.43 -2.22
N ARG E 83 -24.02 -30.47 -2.98
CA ARG E 83 -22.78 -30.70 -3.70
C ARG E 83 -21.59 -30.78 -2.76
N LEU E 84 -21.59 -29.96 -1.70
CA LEU E 84 -20.51 -30.04 -0.73
C LEU E 84 -20.59 -31.32 0.10
N GLN E 85 -21.81 -31.83 0.32
CA GLN E 85 -21.90 -33.13 0.98
C GLN E 85 -21.47 -34.25 0.06
N GLU E 86 -21.70 -34.11 -1.26
CA GLU E 86 -21.23 -35.13 -2.19
C GLU E 86 -19.71 -35.15 -2.28
N GLU E 87 -19.09 -33.97 -2.39
CA GLU E 87 -17.63 -33.92 -2.44
C GLU E 87 -17.01 -34.33 -1.12
N LYS E 88 -17.64 -33.94 -0.01
CA LYS E 88 -17.14 -34.29 1.31
C LYS E 88 -17.23 -35.78 1.56
N GLU E 89 -18.29 -36.42 1.07
CA GLU E 89 -18.38 -37.87 1.24
C GLU E 89 -17.50 -38.61 0.25
N LYS E 90 -17.17 -38.00 -0.89
CA LYS E 90 -16.18 -38.62 -1.77
C LYS E 90 -14.79 -38.57 -1.15
N VAL E 91 -14.48 -37.49 -0.42
CA VAL E 91 -13.17 -37.42 0.23
C VAL E 91 -13.13 -38.30 1.47
N ASP E 92 -14.23 -38.37 2.21
CA ASP E 92 -14.28 -39.24 3.38
C ASP E 92 -14.26 -40.71 2.97
N LYS E 93 -14.84 -41.03 1.82
CA LYS E 93 -14.69 -42.35 1.25
C LYS E 93 -13.26 -42.56 0.77
N GLN E 94 -12.62 -41.50 0.28
CA GLN E 94 -11.28 -41.58 -0.29
C GLN E 94 -10.22 -41.86 0.76
N TYR E 95 -10.30 -41.18 1.91
CA TYR E 95 -9.26 -41.29 2.92
C TYR E 95 -9.69 -41.98 4.20
N LYS E 96 -10.97 -41.95 4.54
CA LYS E 96 -11.44 -42.64 5.74
C LYS E 96 -11.65 -44.13 5.52
N SER E 97 -11.55 -44.59 4.27
CA SER E 97 -11.70 -46.01 3.98
C SER E 97 -10.44 -46.55 3.31
N GLY F 3 12.73 13.48 -30.11
CA GLY F 3 11.47 14.20 -30.01
C GLY F 3 10.31 13.43 -30.61
N MET F 4 10.63 12.54 -31.55
CA MET F 4 9.59 11.73 -32.19
C MET F 4 8.99 10.73 -31.20
N GLU F 5 9.81 10.30 -30.24
CA GLU F 5 9.33 9.47 -29.14
C GLU F 5 8.26 10.18 -28.33
N SER F 6 8.47 11.47 -28.04
CA SER F 6 7.50 12.23 -27.26
C SER F 6 6.21 12.46 -28.04
N LYS F 7 6.33 12.73 -29.34
CA LYS F 7 5.15 12.94 -30.17
C LYS F 7 4.34 11.66 -30.32
N TYR F 8 5.01 10.51 -30.42
CA TYR F 8 4.28 9.25 -30.47
C TYR F 8 3.70 8.89 -29.10
N LYS F 9 4.30 9.38 -28.02
CA LYS F 9 3.67 9.23 -26.72
C LYS F 9 2.38 10.04 -26.63
N GLU F 10 2.40 11.27 -27.17
CA GLU F 10 1.20 12.11 -27.12
C GLU F 10 0.11 11.56 -28.04
N ILE F 11 0.51 10.99 -29.18
CA ILE F 11 -0.44 10.35 -30.09
C ILE F 11 -1.07 9.13 -29.43
N LEU F 12 -0.23 8.28 -28.82
CA LEU F 12 -0.73 7.03 -28.26
C LEU F 12 -1.62 7.28 -27.05
N LEU F 13 -1.14 8.08 -26.08
CA LEU F 13 -1.94 8.27 -24.89
C LEU F 13 -3.08 9.25 -25.13
N LEU F 14 -2.77 10.41 -25.69
CA LEU F 14 -3.76 11.49 -25.72
C LEU F 14 -4.83 11.27 -26.77
N THR F 15 -4.44 10.90 -28.00
CA THR F 15 -5.42 10.67 -29.04
C THR F 15 -5.98 9.25 -28.99
N GLY F 16 -5.12 8.25 -28.89
CA GLY F 16 -5.57 6.88 -28.96
C GLY F 16 -6.28 6.35 -27.75
N LEU F 17 -5.57 6.23 -26.62
CA LEU F 17 -6.12 5.51 -25.49
C LEU F 17 -7.12 6.34 -24.71
N ASP F 18 -6.98 7.67 -24.72
CA ASP F 18 -7.91 8.49 -23.95
C ASP F 18 -9.28 8.59 -24.58
N ASN F 19 -9.43 8.24 -25.86
CA ASN F 19 -10.70 8.38 -26.56
C ASN F 19 -11.51 7.09 -26.54
N ILE F 20 -10.95 5.98 -26.07
CA ILE F 20 -11.71 4.75 -25.97
C ILE F 20 -12.27 4.66 -24.56
N THR F 21 -13.43 4.01 -24.44
CA THR F 21 -14.10 3.92 -23.16
C THR F 21 -13.51 2.77 -22.36
N ASP F 22 -14.18 2.42 -21.25
CA ASP F 22 -13.63 1.41 -20.36
C ASP F 22 -13.84 0.01 -20.92
N GLU F 23 -15.02 -0.27 -21.46
CA GLU F 23 -15.27 -1.57 -22.09
C GLU F 23 -14.44 -1.72 -23.35
N GLU F 24 -14.26 -0.62 -24.09
CA GLU F 24 -13.38 -0.64 -25.25
C GLU F 24 -11.93 -0.81 -24.82
N LEU F 25 -11.56 -0.32 -23.64
CA LEU F 25 -10.23 -0.58 -23.11
C LEU F 25 -10.07 -2.04 -22.76
N ASP F 26 -11.14 -2.69 -22.29
CA ASP F 26 -11.05 -4.10 -21.96
C ASP F 26 -10.97 -4.97 -23.21
N ARG F 27 -11.64 -4.54 -24.30
CA ARG F 27 -11.45 -5.20 -25.59
C ARG F 27 -10.02 -5.01 -26.08
N PHE F 28 -9.48 -3.82 -25.87
CA PHE F 28 -8.12 -3.51 -26.31
C PHE F 28 -7.10 -4.35 -25.56
N LYS F 29 -7.28 -4.50 -24.25
CA LYS F 29 -6.42 -5.38 -23.46
C LYS F 29 -6.64 -6.84 -23.84
N PHE F 30 -7.85 -7.18 -24.29
CA PHE F 30 -8.11 -8.53 -24.75
C PHE F 30 -7.36 -8.82 -26.04
N PHE F 31 -7.07 -7.80 -26.83
CA PHE F 31 -6.30 -8.00 -28.06
C PHE F 31 -4.87 -7.47 -28.00
N LEU F 32 -4.36 -7.10 -26.82
CA LEU F 32 -2.95 -6.72 -26.74
C LEU F 32 -2.03 -7.93 -26.82
N SER F 33 -2.44 -9.06 -26.27
CA SER F 33 -1.54 -10.21 -26.15
C SER F 33 -1.27 -10.89 -27.49
N ASP F 34 -2.00 -10.54 -28.54
CA ASP F 34 -1.80 -11.13 -29.84
C ASP F 34 -0.93 -10.26 -30.74
N GLU F 35 -0.46 -9.12 -30.25
CA GLU F 35 0.35 -8.20 -31.05
C GLU F 35 1.62 -7.75 -30.36
N PHE F 36 1.82 -8.09 -29.09
CA PHE F 36 2.84 -7.45 -28.29
C PHE F 36 3.70 -8.40 -27.46
N ASN F 37 3.27 -9.64 -27.24
CA ASN F 37 3.91 -10.59 -26.31
C ASN F 37 4.02 -10.01 -24.91
N ILE F 38 2.98 -9.32 -24.47
CA ILE F 38 2.91 -8.79 -23.11
C ILE F 38 2.14 -9.77 -22.25
N ALA F 39 2.69 -10.08 -21.08
CA ALA F 39 2.01 -10.89 -20.09
C ALA F 39 0.75 -10.20 -19.57
N THR F 40 -0.37 -10.92 -19.59
CA THR F 40 -1.67 -10.29 -19.36
C THR F 40 -1.95 -10.05 -17.88
N GLY F 41 -1.16 -10.67 -17.00
CA GLY F 41 -1.41 -10.60 -15.57
C GLY F 41 -1.27 -9.22 -14.98
N LYS F 42 -0.48 -8.35 -15.62
CA LYS F 42 -0.44 -6.95 -15.24
C LYS F 42 -1.31 -6.09 -16.14
N LEU F 43 -1.74 -6.63 -17.28
CA LEU F 43 -2.69 -5.90 -18.13
C LEU F 43 -4.07 -5.86 -17.51
N HIS F 44 -4.41 -6.89 -16.72
CA HIS F 44 -5.77 -7.13 -16.26
C HIS F 44 -6.37 -6.00 -15.42
N THR F 45 -5.54 -5.28 -14.67
CA THR F 45 -6.02 -4.17 -13.85
C THR F 45 -5.36 -2.85 -14.19
N ALA F 46 -4.69 -2.77 -15.34
CA ALA F 46 -4.02 -1.54 -15.71
C ALA F 46 -5.02 -0.48 -16.16
N ASN F 47 -4.63 0.78 -16.00
CA ASN F 47 -5.36 1.87 -16.62
C ASN F 47 -4.62 2.29 -17.89
N ARG F 48 -5.09 3.38 -18.51
CA ARG F 48 -4.62 3.79 -19.82
C ARG F 48 -3.15 4.18 -19.81
N ILE F 49 -2.69 4.72 -18.69
CA ILE F 49 -1.30 5.17 -18.58
C ILE F 49 -0.38 3.97 -18.44
N GLN F 50 -0.80 2.98 -17.65
CA GLN F 50 0.02 1.78 -17.50
C GLN F 50 -0.01 0.92 -18.75
N VAL F 51 -1.13 0.97 -19.47
CA VAL F 51 -1.22 0.26 -20.75
C VAL F 51 -0.28 0.90 -21.76
N ALA F 52 -0.25 2.23 -21.81
CA ALA F 52 0.68 2.93 -22.70
C ALA F 52 2.13 2.69 -22.29
N THR F 53 2.37 2.55 -20.99
CA THR F 53 3.72 2.30 -20.50
C THR F 53 4.19 0.90 -20.87
N LEU F 54 3.28 -0.08 -20.82
CA LEU F 54 3.66 -1.43 -21.20
C LEU F 54 3.81 -1.57 -22.70
N MET F 55 3.03 -0.81 -23.47
CA MET F 55 3.13 -0.90 -24.92
C MET F 55 4.39 -0.23 -25.43
N ILE F 56 4.68 0.99 -24.95
CA ILE F 56 5.89 1.70 -25.35
C ILE F 56 7.13 0.99 -24.80
N GLN F 57 7.02 0.47 -23.58
CA GLN F 57 8.14 -0.24 -22.97
C GLN F 57 8.43 -1.55 -23.68
N ASN F 58 7.38 -2.23 -24.15
CA ASN F 58 7.56 -3.57 -24.68
C ASN F 58 7.69 -3.63 -26.19
N ALA F 59 7.41 -2.54 -26.91
CA ALA F 59 7.63 -2.55 -28.35
C ALA F 59 8.14 -1.25 -28.93
N GLY F 60 8.44 -0.25 -28.12
CA GLY F 60 8.80 1.02 -28.74
C GLY F 60 7.57 1.83 -29.10
N ALA F 61 7.78 3.15 -29.23
CA ALA F 61 6.65 4.04 -29.46
C ALA F 61 6.13 3.95 -30.88
N VAL F 62 7.01 3.70 -31.85
CA VAL F 62 6.62 3.70 -33.26
C VAL F 62 5.73 2.49 -33.55
N SER F 63 6.23 1.30 -33.24
CA SER F 63 5.42 0.09 -33.39
C SER F 63 4.31 0.02 -32.36
N ALA F 64 4.41 0.77 -31.26
CA ALA F 64 3.31 0.85 -30.31
C ALA F 64 2.12 1.56 -30.94
N VAL F 65 2.36 2.71 -31.58
CA VAL F 65 1.28 3.45 -32.22
C VAL F 65 0.78 2.72 -33.45
N MET F 66 1.69 2.12 -34.22
CA MET F 66 1.30 1.42 -35.44
C MET F 66 0.48 0.17 -35.12
N LYS F 67 0.89 -0.57 -34.08
CA LYS F 67 0.09 -1.71 -33.68
C LYS F 67 -1.16 -1.30 -32.93
N THR F 68 -1.20 -0.07 -32.39
CA THR F 68 -2.44 0.45 -31.85
C THR F 68 -3.46 0.69 -32.96
N ILE F 69 -2.99 1.21 -34.09
CA ILE F 69 -3.82 1.35 -35.28
C ILE F 69 -4.30 -0.02 -35.75
N ARG F 70 -3.42 -1.02 -35.68
CA ARG F 70 -3.78 -2.36 -36.12
C ARG F 70 -4.83 -3.00 -35.23
N ILE F 71 -4.71 -2.82 -33.91
CA ILE F 71 -5.69 -3.40 -32.99
C ILE F 71 -7.00 -2.63 -33.07
N PHE F 72 -6.94 -1.32 -33.28
CA PHE F 72 -8.17 -0.55 -33.47
C PHE F 72 -8.87 -0.92 -34.77
N GLN F 73 -8.12 -1.40 -35.76
CA GLN F 73 -8.76 -1.90 -36.96
C GLN F 73 -9.27 -3.33 -36.75
N LYS F 74 -8.71 -4.05 -35.78
CA LYS F 74 -9.30 -5.33 -35.42
C LYS F 74 -10.64 -5.16 -34.72
N LEU F 75 -10.80 -4.08 -33.97
CA LEU F 75 -12.02 -3.81 -33.23
C LEU F 75 -13.03 -3.02 -34.05
N ASN F 76 -12.77 -2.83 -35.35
CA ASN F 76 -13.58 -2.03 -36.27
C ASN F 76 -13.77 -0.59 -35.80
N TYR F 77 -12.75 0.01 -35.21
CA TYR F 77 -12.83 1.41 -34.80
C TYR F 77 -12.13 2.27 -35.87
N MET F 78 -12.86 2.46 -36.97
CA MET F 78 -12.27 3.08 -38.16
C MET F 78 -12.01 4.57 -37.92
N LEU F 79 -12.80 5.20 -37.07
CA LEU F 79 -12.63 6.62 -36.80
C LEU F 79 -11.33 6.87 -36.02
N LEU F 80 -11.12 6.10 -34.96
CA LEU F 80 -9.92 6.30 -34.14
C LEU F 80 -8.67 5.82 -34.85
N ALA F 81 -8.78 4.77 -35.66
CA ALA F 81 -7.62 4.33 -36.45
C ALA F 81 -7.29 5.36 -37.51
N LYS F 82 -8.31 6.00 -38.08
CA LYS F 82 -8.08 7.06 -39.05
C LYS F 82 -7.45 8.28 -38.39
N ARG F 83 -7.87 8.58 -37.16
CA ARG F 83 -7.30 9.73 -36.46
C ARG F 83 -5.88 9.47 -36.04
N LEU F 84 -5.56 8.23 -35.65
CA LEU F 84 -4.18 7.92 -35.30
C LEU F 84 -3.29 7.89 -36.53
N GLN F 85 -3.84 7.52 -37.69
CA GLN F 85 -3.06 7.62 -38.91
C GLN F 85 -2.87 9.07 -39.33
N GLU F 86 -3.85 9.93 -39.05
CA GLU F 86 -3.68 11.35 -39.37
C GLU F 86 -2.62 11.99 -38.48
N GLU F 87 -2.68 11.73 -37.17
CA GLU F 87 -1.67 12.29 -36.27
C GLU F 87 -0.30 11.69 -36.54
N LYS F 88 -0.26 10.40 -36.85
CA LYS F 88 1.01 9.72 -37.12
C LYS F 88 1.64 10.25 -38.40
N GLU F 89 0.83 10.55 -39.41
CA GLU F 89 1.39 11.11 -40.62
C GLU F 89 1.73 12.58 -40.48
N LYS F 90 1.07 13.29 -39.55
CA LYS F 90 1.51 14.66 -39.26
C LYS F 90 2.86 14.66 -38.56
N VAL F 91 3.11 13.68 -37.70
CA VAL F 91 4.40 13.62 -37.02
C VAL F 91 5.48 13.11 -37.96
N ASP F 92 5.15 12.15 -38.83
CA ASP F 92 6.13 11.65 -39.80
C ASP F 92 6.44 12.72 -40.84
N LYS F 93 5.46 13.56 -41.17
CA LYS F 93 5.73 14.74 -41.99
C LYS F 93 6.57 15.75 -41.22
N GLN F 94 6.34 15.83 -39.91
CA GLN F 94 7.01 16.82 -39.06
C GLN F 94 8.49 16.54 -38.90
N TYR F 95 8.86 15.27 -38.68
CA TYR F 95 10.23 14.93 -38.38
C TYR F 95 10.93 14.11 -39.46
N LYS F 96 10.19 13.35 -40.26
CA LYS F 96 10.81 12.59 -41.34
C LYS F 96 11.07 13.43 -42.58
N SER F 97 10.58 14.67 -42.60
CA SER F 97 10.83 15.56 -43.73
C SER F 97 11.55 16.82 -43.27
N GLY G 3 18.64 -32.90 22.88
CA GLY G 3 18.08 -32.94 21.55
C GLY G 3 16.64 -32.45 21.51
N MET G 4 15.96 -32.54 22.66
CA MET G 4 14.58 -32.09 22.75
C MET G 4 14.49 -30.56 22.64
N GLU G 5 15.55 -29.89 23.09
CA GLU G 5 15.69 -28.45 22.90
C GLU G 5 15.71 -28.08 21.42
N SER G 6 16.44 -28.84 20.61
CA SER G 6 16.52 -28.56 19.18
C SER G 6 15.20 -28.83 18.48
N LYS G 7 14.51 -29.91 18.88
CA LYS G 7 13.22 -30.22 18.28
C LYS G 7 12.17 -29.20 18.64
N TYR G 8 12.20 -28.67 19.87
CA TYR G 8 11.27 -27.61 20.22
C TYR G 8 11.64 -26.29 19.57
N LYS G 9 12.92 -26.10 19.23
CA LYS G 9 13.30 -24.95 18.41
C LYS G 9 12.72 -25.06 17.01
N GLU G 10 12.77 -26.26 16.43
CA GLU G 10 12.23 -26.44 15.08
C GLU G 10 10.71 -26.33 15.07
N ILE G 11 10.07 -26.80 16.14
CA ILE G 11 8.62 -26.66 16.27
C ILE G 11 8.23 -25.20 16.41
N LEU G 12 8.93 -24.47 17.28
CA LEU G 12 8.57 -23.08 17.55
C LEU G 12 8.83 -22.19 16.35
N LEU G 13 10.03 -22.26 15.78
CA LEU G 13 10.33 -21.36 14.68
C LEU G 13 9.70 -21.85 13.38
N LEU G 14 9.90 -23.12 13.03
CA LEU G 14 9.54 -23.57 11.69
C LEU G 14 8.05 -23.78 11.53
N THR G 15 7.41 -24.44 12.49
CA THR G 15 5.97 -24.66 12.39
C THR G 15 5.17 -23.48 12.93
N GLY G 16 5.51 -22.99 14.11
CA GLY G 16 4.73 -21.96 14.74
C GLY G 16 4.87 -20.57 14.16
N LEU G 17 6.06 -19.98 14.28
CA LEU G 17 6.19 -18.56 13.95
C LEU G 17 6.28 -18.32 12.46
N ASP G 18 6.78 -19.28 11.70
CA ASP G 18 6.90 -19.06 10.25
C ASP G 18 5.57 -19.12 9.53
N ASN G 19 4.53 -19.67 10.15
CA ASN G 19 3.24 -19.83 9.49
C ASN G 19 2.29 -18.68 9.78
N ILE G 20 2.64 -17.79 10.71
CA ILE G 20 1.80 -16.63 10.96
C ILE G 20 2.30 -15.47 10.12
N THR G 21 1.38 -14.59 9.74
CA THR G 21 1.72 -13.48 8.88
C THR G 21 2.30 -12.34 9.72
N ASP G 22 2.45 -11.17 9.08
CA ASP G 22 3.09 -10.06 9.76
C ASP G 22 2.15 -9.39 10.75
N GLU G 23 0.88 -9.19 10.36
CA GLU G 23 -0.10 -8.64 11.28
C GLU G 23 -0.40 -9.61 12.41
N GLU G 24 -0.42 -10.90 12.09
CA GLU G 24 -0.56 -11.93 13.12
C GLU G 24 0.66 -11.97 14.02
N LEU G 25 1.83 -11.65 13.49
CA LEU G 25 3.01 -11.53 14.33
C LEU G 25 2.90 -10.34 15.26
N ASP G 26 2.26 -9.26 14.80
CA ASP G 26 2.09 -8.10 15.66
C ASP G 26 1.06 -8.35 16.74
N ARG G 27 0.03 -9.14 16.44
CA ARG G 27 -0.89 -9.59 17.49
C ARG G 27 -0.18 -10.49 18.49
N PHE G 28 0.71 -11.34 17.98
CA PHE G 28 1.46 -12.26 18.84
C PHE G 28 2.38 -11.50 19.78
N LYS G 29 3.07 -10.49 19.26
CA LYS G 29 3.89 -9.63 20.10
C LYS G 29 3.05 -8.81 21.05
N PHE G 30 1.81 -8.49 20.65
CA PHE G 30 0.91 -7.77 21.54
C PHE G 30 0.49 -8.65 22.70
N PHE G 31 0.48 -9.97 22.53
CA PHE G 31 0.16 -10.87 23.62
C PHE G 31 1.35 -11.63 24.20
N LEU G 32 2.60 -11.28 23.84
CA LEU G 32 3.74 -11.91 24.50
C LEU G 32 3.92 -11.43 25.92
N SER G 33 3.65 -10.16 26.18
CA SER G 33 3.99 -9.56 27.48
C SER G 33 3.10 -10.05 28.60
N ASP G 34 2.01 -10.75 28.28
CA ASP G 34 1.11 -11.27 29.30
C ASP G 34 1.39 -12.72 29.65
N GLU G 35 2.39 -13.34 29.03
CA GLU G 35 2.71 -14.74 29.26
C GLU G 35 4.19 -14.99 29.54
N PHE G 36 5.04 -13.99 29.41
CA PHE G 36 6.48 -14.21 29.36
C PHE G 36 7.32 -13.29 30.23
N ASN G 37 6.77 -12.15 30.67
CA ASN G 37 7.51 -11.09 31.37
C ASN G 37 8.70 -10.61 30.53
N ILE G 38 8.48 -10.47 29.23
CA ILE G 38 9.49 -9.92 28.32
C ILE G 38 9.21 -8.45 28.12
N ALA G 39 10.25 -7.64 28.25
CA ALA G 39 10.19 -6.22 27.96
C ALA G 39 9.87 -5.96 26.48
N THR G 40 8.86 -5.13 26.23
CA THR G 40 8.32 -5.02 24.87
C THR G 40 9.16 -4.12 23.98
N GLY G 41 10.09 -3.36 24.56
CA GLY G 41 10.88 -2.40 23.81
C GLY G 41 11.80 -3.01 22.79
N LYS G 42 12.20 -4.26 22.97
CA LYS G 42 12.90 -5.01 21.94
C LYS G 42 11.98 -5.91 21.15
N LEU G 43 10.77 -6.17 21.65
CA LEU G 43 9.79 -6.93 20.87
C LEU G 43 9.26 -6.12 19.71
N HIS G 44 9.23 -4.80 19.85
CA HIS G 44 8.51 -3.91 18.94
C HIS G 44 9.00 -3.95 17.49
N THR G 45 10.29 -4.20 17.29
CA THR G 45 10.84 -4.28 15.95
C THR G 45 11.49 -5.63 15.64
N ALA G 46 11.22 -6.64 16.46
CA ALA G 46 11.84 -7.95 16.24
C ALA G 46 11.18 -8.66 15.06
N ASN G 47 11.94 -9.54 14.43
CA ASN G 47 11.38 -10.48 13.47
C ASN G 47 11.18 -11.83 14.17
N ARG G 48 10.80 -12.84 13.38
CA ARG G 48 10.39 -14.13 13.93
C ARG G 48 11.53 -14.84 14.64
N ILE G 49 12.75 -14.63 14.15
CA ILE G 49 13.92 -15.29 14.73
C ILE G 49 14.27 -14.66 16.06
N GLN G 50 14.19 -13.33 16.15
CA GLN G 50 14.48 -12.65 17.40
C GLN G 50 13.37 -12.87 18.41
N VAL G 51 12.13 -13.02 17.93
CA VAL G 51 11.02 -13.35 18.81
C VAL G 51 11.21 -14.74 19.39
N ALA G 52 11.61 -15.70 18.55
CA ALA G 52 11.89 -17.05 19.05
C ALA G 52 13.08 -17.06 20.00
N THR G 53 14.06 -16.19 19.77
CA THR G 53 15.24 -16.12 20.63
C THR G 53 14.87 -15.53 21.99
N LEU G 54 13.97 -14.55 22.01
CA LEU G 54 13.56 -13.97 23.28
C LEU G 54 12.63 -14.92 24.04
N MET G 55 11.84 -15.70 23.33
CA MET G 55 10.92 -16.62 24.00
C MET G 55 11.67 -17.81 24.58
N ILE G 56 12.57 -18.41 23.79
CA ILE G 56 13.35 -19.53 24.28
C ILE G 56 14.34 -19.07 25.34
N GLN G 57 14.92 -17.88 25.16
CA GLN G 57 15.86 -17.34 26.12
C GLN G 57 15.18 -16.99 27.44
N ASN G 58 13.94 -16.51 27.37
CA ASN G 58 13.29 -15.98 28.56
C ASN G 58 12.38 -16.97 29.25
N ALA G 59 12.06 -18.10 28.63
CA ALA G 59 11.26 -19.11 29.33
C ALA G 59 11.65 -20.55 29.04
N GLY G 60 12.69 -20.81 28.27
CA GLY G 60 12.94 -22.19 27.90
C GLY G 60 12.11 -22.61 26.71
N ALA G 61 12.58 -23.67 26.04
CA ALA G 61 11.93 -24.08 24.80
C ALA G 61 10.61 -24.79 25.06
N VAL G 62 10.51 -25.53 26.16
CA VAL G 62 9.32 -26.33 26.44
C VAL G 62 8.14 -25.42 26.75
N SER G 63 8.30 -24.54 27.75
CA SER G 63 7.28 -23.56 28.05
C SER G 63 7.16 -22.48 26.99
N ALA G 64 8.19 -22.32 26.16
CA ALA G 64 8.07 -21.41 25.02
C ALA G 64 7.06 -21.94 24.00
N VAL G 65 7.17 -23.23 23.67
CA VAL G 65 6.24 -23.83 22.70
C VAL G 65 4.86 -23.98 23.32
N MET G 66 4.80 -24.35 24.60
CA MET G 66 3.51 -24.55 25.27
C MET G 66 2.77 -23.22 25.43
N LYS G 67 3.50 -22.16 25.78
CA LYS G 67 2.86 -20.86 25.86
C LYS G 67 2.61 -20.27 24.47
N THR G 68 3.32 -20.75 23.44
CA THR G 68 2.98 -20.37 22.07
C THR G 68 1.63 -20.94 21.68
N ILE G 69 1.38 -22.20 22.09
CA ILE G 69 0.07 -22.81 21.88
C ILE G 69 -0.99 -22.03 22.64
N ARG G 70 -0.66 -21.57 23.85
CA ARG G 70 -1.62 -20.82 24.65
C ARG G 70 -1.95 -19.46 24.04
N ILE G 71 -0.96 -18.76 23.50
CA ILE G 71 -1.21 -17.47 22.90
C ILE G 71 -1.92 -17.63 21.56
N PHE G 72 -1.60 -18.70 20.83
CA PHE G 72 -2.33 -18.98 19.59
C PHE G 72 -3.78 -19.36 19.86
N GLN G 73 -4.06 -19.91 21.04
CA GLN G 73 -5.45 -20.15 21.40
C GLN G 73 -6.11 -18.88 21.92
N LYS G 74 -5.31 -17.91 22.38
CA LYS G 74 -5.88 -16.60 22.71
C LYS G 74 -6.30 -15.86 21.45
N LEU G 75 -5.58 -16.06 20.36
CA LEU G 75 -5.86 -15.39 19.11
C LEU G 75 -6.83 -16.16 18.22
N ASN G 76 -7.45 -17.21 18.76
CA ASN G 76 -8.35 -18.12 18.07
C ASN G 76 -7.73 -18.74 16.83
N TYR G 77 -6.45 -19.10 16.88
CA TYR G 77 -5.80 -19.78 15.75
C TYR G 77 -5.75 -21.27 16.06
N MET G 78 -6.91 -21.90 15.87
CA MET G 78 -7.09 -23.28 16.30
C MET G 78 -6.29 -24.24 15.43
N LEU G 79 -6.08 -23.88 14.16
CA LEU G 79 -5.33 -24.73 13.25
C LEU G 79 -3.86 -24.79 13.63
N LEU G 80 -3.26 -23.63 13.88
CA LEU G 80 -1.84 -23.59 14.23
C LEU G 80 -1.58 -24.12 15.62
N ALA G 81 -2.52 -23.89 16.55
CA ALA G 81 -2.38 -24.46 17.88
C ALA G 81 -2.52 -25.98 17.84
N LYS G 82 -3.40 -26.47 16.97
CA LYS G 82 -3.54 -27.92 16.80
C LYS G 82 -2.30 -28.51 16.16
N ARG G 83 -1.69 -27.79 15.22
CA ARG G 83 -0.48 -28.29 14.58
C ARG G 83 0.70 -28.28 15.53
N LEU G 84 0.79 -27.27 16.40
CA LEU G 84 1.87 -27.25 17.38
C LEU G 84 1.67 -28.31 18.44
N GLN G 85 0.41 -28.64 18.76
CA GLN G 85 0.18 -29.75 19.67
C GLN G 85 0.50 -31.09 19.01
N GLU G 86 0.27 -31.20 17.69
CA GLU G 86 0.62 -32.44 17.01
C GLU G 86 2.13 -32.62 16.93
N GLU G 87 2.87 -31.57 16.58
CA GLU G 87 4.33 -31.68 16.54
C GLU G 87 4.91 -31.86 17.93
N LYS G 88 4.34 -31.18 18.93
CA LYS G 88 4.81 -31.29 20.30
C LYS G 88 4.58 -32.68 20.85
N GLU G 89 3.45 -33.30 20.50
CA GLU G 89 3.22 -34.66 20.97
C GLU G 89 4.02 -35.67 20.17
N LYS G 90 4.40 -35.36 18.92
CA LYS G 90 5.30 -36.24 18.21
C LYS G 90 6.70 -36.21 18.82
N VAL G 91 7.12 -35.04 19.31
CA VAL G 91 8.44 -34.96 19.94
C VAL G 91 8.41 -35.55 21.34
N ASP G 92 7.31 -35.35 22.07
CA ASP G 92 7.19 -35.95 23.39
C ASP G 92 7.06 -37.47 23.31
N LYS G 93 6.43 -37.95 22.23
CA LYS G 93 6.44 -39.39 21.96
C LYS G 93 7.84 -39.84 21.56
N GLN G 94 8.58 -38.97 20.86
CA GLN G 94 9.90 -39.29 20.33
C GLN G 94 10.93 -39.46 21.43
N TYR G 95 10.94 -38.55 22.42
CA TYR G 95 11.97 -38.53 23.43
C TYR G 95 11.49 -38.90 24.82
N LYS G 96 10.22 -38.67 25.13
CA LYS G 96 9.70 -39.05 26.45
C LYS G 96 9.34 -40.53 26.54
N SER G 97 9.37 -41.25 25.43
CA SER G 97 9.08 -42.67 25.43
C SER G 97 10.27 -43.46 24.91
N GLY H 3 38.95 5.60 -20.12
CA GLY H 3 37.77 6.45 -20.17
C GLY H 3 36.53 5.69 -20.61
N MET H 4 36.74 4.59 -21.33
CA MET H 4 35.63 3.76 -21.80
C MET H 4 34.95 3.07 -20.62
N GLU H 5 35.73 2.77 -19.59
CA GLU H 5 35.19 2.25 -18.33
C GLU H 5 34.20 3.22 -17.71
N SER H 6 34.54 4.51 -17.69
CA SER H 6 33.65 5.52 -17.11
C SER H 6 32.39 5.71 -17.93
N LYS H 7 32.51 5.67 -19.26
CA LYS H 7 31.35 5.82 -20.12
C LYS H 7 30.42 4.62 -20.00
N TYR H 8 30.97 3.41 -19.85
CA TYR H 8 30.11 2.26 -19.64
C TYR H 8 29.51 2.25 -18.24
N LYS H 9 30.18 2.89 -17.28
CA LYS H 9 29.55 3.09 -15.97
C LYS H 9 28.36 4.02 -16.08
N GLU H 10 28.49 5.10 -16.87
CA GLU H 10 27.38 6.04 -17.01
C GLU H 10 26.22 5.42 -17.80
N ILE H 11 26.55 4.58 -18.79
CA ILE H 11 25.53 3.87 -19.55
C ILE H 11 24.80 2.88 -18.65
N LEU H 12 25.55 2.11 -17.87
CA LEU H 12 24.94 1.06 -17.05
C LEU H 12 24.10 1.65 -15.93
N LEU H 13 24.66 2.58 -15.16
CA LEU H 13 23.89 3.10 -14.04
C LEU H 13 22.86 4.11 -14.49
N LEU H 14 23.27 5.10 -15.30
CA LEU H 14 22.40 6.24 -15.56
C LEU H 14 21.30 5.91 -16.56
N THR H 15 21.63 5.24 -17.66
CA THR H 15 20.62 4.90 -18.65
C THR H 15 19.93 3.58 -18.30
N GLY H 16 20.69 2.55 -17.98
CA GLY H 16 20.11 1.24 -17.76
C GLY H 16 19.36 1.06 -16.46
N LEU H 17 20.08 1.12 -15.34
CA LEU H 17 19.46 0.70 -14.08
C LEU H 17 18.55 1.79 -13.50
N ASP H 18 18.81 3.05 -13.79
CA ASP H 18 17.99 4.11 -13.23
C ASP H 18 16.62 4.21 -13.89
N ASN H 19 16.43 3.61 -15.05
CA ASN H 19 15.17 3.71 -15.78
C ASN H 19 14.23 2.55 -15.49
N ILE H 20 14.69 1.52 -14.80
CA ILE H 20 13.82 0.42 -14.45
C ILE H 20 13.27 0.69 -13.05
N THR H 21 12.05 0.20 -12.82
CA THR H 21 11.39 0.44 -11.55
C THR H 21 11.87 -0.57 -10.50
N ASP H 22 11.18 -0.59 -9.37
CA ASP H 22 11.63 -1.45 -8.27
C ASP H 22 11.29 -2.91 -8.52
N GLU H 23 10.07 -3.17 -9.00
CA GLU H 23 9.69 -4.55 -9.34
C GLU H 23 10.49 -5.05 -10.54
N GLU H 24 10.76 -4.16 -11.48
CA GLU H 24 11.64 -4.50 -12.61
C GLU H 24 13.06 -4.73 -12.14
N LEU H 25 13.49 -4.03 -11.08
CA LEU H 25 14.79 -4.30 -10.50
C LEU H 25 14.81 -5.66 -9.84
N ASP H 26 13.69 -6.08 -9.26
CA ASP H 26 13.64 -7.40 -8.63
C ASP H 26 13.62 -8.51 -9.67
N ARG H 27 12.98 -8.26 -10.83
CA ARG H 27 13.10 -9.20 -11.94
C ARG H 27 14.53 -9.27 -12.46
N PHE H 28 15.19 -8.11 -12.50
CA PHE H 28 16.56 -8.03 -12.98
C PHE H 28 17.50 -8.80 -12.06
N LYS H 29 17.33 -8.64 -10.75
CA LYS H 29 18.10 -9.42 -9.77
C LYS H 29 17.74 -10.89 -9.84
N PHE H 30 16.50 -11.20 -10.22
CA PHE H 30 16.10 -12.59 -10.38
C PHE H 30 16.81 -13.22 -11.58
N PHE H 31 17.18 -12.42 -12.57
CA PHE H 31 17.92 -12.95 -13.71
C PHE H 31 19.40 -12.57 -13.74
N LEU H 32 19.96 -12.00 -12.67
CA LEU H 32 21.39 -11.77 -12.66
C LEU H 32 22.19 -13.04 -12.49
N SER H 33 21.68 -13.99 -11.70
CA SER H 33 22.46 -15.17 -11.33
C SER H 33 22.65 -16.13 -12.48
N ASP H 34 21.94 -15.95 -13.59
CA ASP H 34 22.07 -16.82 -14.74
C ASP H 34 23.01 -16.26 -15.80
N GLU H 35 23.59 -15.09 -15.56
CA GLU H 35 24.48 -14.45 -16.52
C GLU H 35 25.80 -13.99 -15.94
N PHE H 36 25.97 -14.06 -14.62
CA PHE H 36 27.07 -13.38 -13.96
C PHE H 36 27.85 -14.20 -12.94
N ASN H 37 27.29 -15.32 -12.47
CA ASN H 37 27.84 -16.11 -11.35
C ASN H 37 28.03 -15.25 -10.10
N ILE H 38 27.06 -14.40 -9.82
CA ILE H 38 27.06 -13.58 -8.62
C ILE H 38 26.20 -14.26 -7.57
N ALA H 39 26.73 -14.38 -6.36
CA ALA H 39 25.99 -14.89 -5.23
C ALA H 39 24.81 -13.99 -4.88
N THR H 40 23.62 -14.57 -4.75
CA THR H 40 22.40 -13.79 -4.67
C THR H 40 22.16 -13.21 -3.29
N GLY H 41 22.89 -13.70 -2.28
CA GLY H 41 22.66 -13.31 -0.91
C GLY H 41 22.96 -11.85 -0.63
N LYS H 42 23.82 -11.23 -1.42
CA LYS H 42 24.00 -9.78 -1.36
C LYS H 42 23.21 -9.05 -2.43
N LEU H 43 22.71 -9.77 -3.44
CA LEU H 43 21.83 -9.15 -4.43
C LEU H 43 20.46 -8.85 -3.83
N HIS H 44 20.04 -9.64 -2.85
CA HIS H 44 18.66 -9.65 -2.37
C HIS H 44 18.18 -8.31 -1.79
N THR H 45 19.10 -7.53 -1.20
CA THR H 45 18.74 -6.23 -0.64
C THR H 45 19.52 -5.09 -1.25
N ALA H 46 20.17 -5.32 -2.39
CA ALA H 46 20.96 -4.27 -3.01
C ALA H 46 20.07 -3.23 -3.67
N ASN H 47 20.57 -2.02 -3.79
CA ASN H 47 19.96 -1.01 -4.64
C ASN H 47 20.71 -0.96 -5.96
N ARG H 48 20.35 0.02 -6.80
CA ARG H 48 20.85 0.09 -8.17
C ARG H 48 22.34 0.32 -8.23
N ILE H 49 22.87 1.05 -7.24
CA ILE H 49 24.30 1.36 -7.21
C ILE H 49 25.09 0.14 -6.81
N GLN H 50 24.60 -0.61 -5.83
CA GLN H 50 25.29 -1.82 -5.42
C GLN H 50 25.16 -2.92 -6.46
N VAL H 51 24.04 -2.93 -7.19
CA VAL H 51 23.87 -3.87 -8.28
C VAL H 51 24.86 -3.56 -9.41
N ALA H 52 25.02 -2.27 -9.73
CA ALA H 52 26.00 -1.88 -10.74
C ALA H 52 27.42 -2.17 -10.27
N THR H 53 27.66 -2.05 -8.97
CA THR H 53 28.99 -2.32 -8.43
C THR H 53 29.32 -3.81 -8.48
N LEU H 54 28.32 -4.65 -8.23
CA LEU H 54 28.55 -6.10 -8.30
C LEU H 54 28.67 -6.57 -9.75
N MET H 55 27.96 -5.92 -10.67
CA MET H 55 28.03 -6.31 -12.07
C MET H 55 29.35 -5.90 -12.70
N ILE H 56 29.77 -4.65 -12.48
CA ILE H 56 31.03 -4.16 -13.01
C ILE H 56 32.20 -4.85 -12.31
N GLN H 57 32.06 -5.09 -11.01
CA GLN H 57 33.11 -5.75 -10.25
C GLN H 57 33.25 -7.21 -10.66
N ASN H 58 32.14 -7.86 -10.99
CA ASN H 58 32.18 -9.30 -11.21
C ASN H 58 32.29 -9.69 -12.67
N ALA H 59 32.10 -8.77 -13.61
CA ALA H 59 32.31 -9.10 -15.02
C ALA H 59 32.94 -8.01 -15.86
N GLY H 60 33.35 -6.89 -15.28
CA GLY H 60 33.83 -5.83 -16.14
C GLY H 60 32.67 -4.99 -16.69
N ALA H 61 33.01 -3.77 -17.10
CA ALA H 61 31.97 -2.83 -17.51
C ALA H 61 31.42 -3.17 -18.89
N VAL H 62 32.28 -3.70 -19.78
CA VAL H 62 31.86 -3.97 -21.16
C VAL H 62 30.86 -5.11 -21.19
N SER H 63 31.24 -6.26 -20.63
CA SER H 63 30.32 -7.38 -20.53
C SER H 63 29.22 -7.14 -19.51
N ALA H 64 29.40 -6.18 -18.60
CA ALA H 64 28.32 -5.79 -17.71
C ALA H 64 27.20 -5.11 -18.48
N VAL H 65 27.55 -4.16 -19.35
CA VAL H 65 26.53 -3.46 -20.13
C VAL H 65 25.96 -4.39 -21.20
N MET H 66 26.80 -5.21 -21.81
CA MET H 66 26.32 -6.13 -22.85
C MET H 66 25.40 -7.19 -22.28
N LYS H 67 25.74 -7.72 -21.11
CA LYS H 67 24.83 -8.68 -20.48
C LYS H 67 23.63 -7.99 -19.84
N THR H 68 23.72 -6.68 -19.59
CA THR H 68 22.54 -5.92 -19.18
C THR H 68 21.55 -5.84 -20.32
N ILE H 69 22.06 -5.62 -21.54
CA ILE H 69 21.22 -5.66 -22.73
C ILE H 69 20.61 -7.03 -22.91
N ARG H 70 21.39 -8.07 -22.62
CA ARG H 70 20.89 -9.44 -22.77
C ARG H 70 19.78 -9.77 -21.77
N ILE H 71 19.94 -9.33 -20.52
CA ILE H 71 18.92 -9.60 -19.51
C ILE H 71 17.68 -8.74 -19.75
N PHE H 72 17.88 -7.51 -20.25
CA PHE H 72 16.73 -6.68 -20.61
C PHE H 72 15.98 -7.25 -21.80
N GLN H 73 16.67 -8.00 -22.67
CA GLN H 73 15.97 -8.69 -23.73
C GLN H 73 15.33 -9.98 -23.23
N LYS H 74 15.82 -10.52 -22.12
CA LYS H 74 15.11 -11.64 -21.50
C LYS H 74 13.80 -11.19 -20.88
N LEU H 75 13.77 -9.96 -20.36
CA LEU H 75 12.58 -9.43 -19.73
C LEU H 75 11.65 -8.72 -20.69
N ASN H 76 11.90 -8.85 -22.00
CA ASN H 76 11.16 -8.19 -23.08
C ASN H 76 11.12 -6.67 -22.93
N TYR H 77 12.21 -6.06 -22.47
CA TYR H 77 12.28 -4.60 -22.38
C TYR H 77 13.03 -4.06 -23.59
N MET H 78 12.32 -4.04 -24.72
CA MET H 78 12.96 -3.75 -26.00
C MET H 78 13.36 -2.29 -26.09
N LEU H 79 12.64 -1.40 -25.40
CA LEU H 79 12.98 0.01 -25.43
C LEU H 79 14.28 0.29 -24.71
N LEU H 80 14.44 -0.26 -23.51
CA LEU H 80 15.65 0.00 -22.74
C LEU H 80 16.85 -0.74 -23.32
N ALA H 81 16.63 -1.92 -23.88
CA ALA H 81 17.72 -2.62 -24.55
C ALA H 81 18.15 -1.89 -25.81
N LYS H 82 17.19 -1.29 -26.51
CA LYS H 82 17.50 -0.48 -27.69
C LYS H 82 18.25 0.78 -27.29
N ARG H 83 17.88 1.38 -26.16
CA ARG H 83 18.57 2.59 -25.71
C ARG H 83 19.98 2.28 -25.23
N LEU H 84 20.17 1.13 -24.58
CA LEU H 84 21.51 0.76 -24.16
C LEU H 84 22.38 0.39 -25.36
N GLN H 85 21.78 -0.17 -26.41
CA GLN H 85 22.56 -0.41 -27.61
C GLN H 85 22.89 0.89 -28.33
N GLU H 86 22.01 1.88 -28.25
CA GLU H 86 22.32 3.18 -28.87
C GLU H 86 23.43 3.89 -28.12
N GLU H 87 23.37 3.92 -26.79
CA GLU H 87 24.43 4.55 -26.02
C GLU H 87 25.74 3.78 -26.13
N LYS H 88 25.65 2.45 -26.17
CA LYS H 88 26.83 1.61 -26.27
C LYS H 88 27.51 1.79 -27.63
N GLU H 89 26.71 1.95 -28.69
CA GLU H 89 27.32 2.18 -29.99
C GLU H 89 27.80 3.62 -30.15
N LYS H 90 27.23 4.56 -29.41
CA LYS H 90 27.79 5.90 -29.41
C LYS H 90 29.14 5.94 -28.71
N VAL H 91 29.31 5.12 -27.66
CA VAL H 91 30.60 5.09 -26.97
C VAL H 91 31.62 4.29 -27.78
N ASP H 92 31.18 3.20 -28.41
CA ASP H 92 32.08 2.42 -29.25
C ASP H 92 32.49 3.20 -30.49
N LYS H 93 31.60 4.05 -31.00
CA LYS H 93 31.97 4.98 -32.05
C LYS H 93 32.91 6.05 -31.51
N GLN H 94 32.72 6.43 -30.25
CA GLN H 94 33.48 7.51 -29.62
C GLN H 94 34.94 7.12 -29.39
N TYR H 95 35.18 5.90 -28.90
CA TYR H 95 36.51 5.49 -28.52
C TYR H 95 37.11 4.40 -29.39
N LYS H 96 36.30 3.57 -30.03
CA LYS H 96 36.82 2.53 -30.91
C LYS H 96 37.16 3.07 -32.30
N SER H 97 36.79 4.31 -32.59
CA SER H 97 37.12 4.91 -33.88
C SER H 97 37.95 6.17 -33.69
N GLY I 3 14.35 27.54 31.45
CA GLY I 3 13.16 26.72 31.44
C GLY I 3 12.29 26.97 30.23
N MET I 4 12.43 28.17 29.64
CA MET I 4 11.65 28.52 28.45
C MET I 4 12.10 27.70 27.25
N GLU I 5 13.38 27.33 27.24
CA GLU I 5 13.91 26.40 26.25
C GLU I 5 13.20 25.06 26.29
N SER I 6 12.98 24.53 27.49
CA SER I 6 12.31 23.24 27.64
C SER I 6 10.85 23.32 27.25
N LYS I 7 10.18 24.42 27.58
CA LYS I 7 8.78 24.58 27.21
C LYS I 7 8.62 24.74 25.71
N TYR I 8 9.55 25.42 25.05
CA TYR I 8 9.48 25.51 23.60
C TYR I 8 9.86 24.20 22.94
N LYS I 9 10.67 23.37 23.62
CA LYS I 9 10.90 22.02 23.12
C LYS I 9 9.62 21.19 23.18
N GLU I 10 8.87 21.32 24.27
CA GLU I 10 7.64 20.55 24.40
C GLU I 10 6.57 21.04 23.43
N ILE I 11 6.54 22.36 23.18
CA ILE I 11 5.62 22.92 22.20
C ILE I 11 5.98 22.43 20.80
N LEU I 12 7.26 22.49 20.45
CA LEU I 12 7.68 22.15 19.09
C LEU I 12 7.52 20.66 18.81
N LEU I 13 8.03 19.81 19.70
CA LEU I 13 7.93 18.39 19.42
C LEU I 13 6.55 17.84 19.72
N LEU I 14 6.01 18.13 20.90
CA LEU I 14 4.81 17.45 21.35
C LEU I 14 3.55 17.97 20.67
N THR I 15 3.40 19.29 20.59
CA THR I 15 2.22 19.85 19.95
C THR I 15 2.40 19.97 18.45
N GLY I 16 3.52 20.53 18.00
CA GLY I 16 3.71 20.80 16.59
C GLY I 16 3.99 19.59 15.73
N LEU I 17 5.15 18.95 15.94
CA LEU I 17 5.58 17.94 14.98
C LEU I 17 4.86 16.61 15.17
N ASP I 18 4.43 16.31 16.39
CA ASP I 18 3.76 15.03 16.61
C ASP I 18 2.35 14.97 16.04
N ASN I 19 1.76 16.12 15.72
CA ASN I 19 0.39 16.15 15.23
C ASN I 19 0.30 16.16 13.71
N ILE I 20 1.42 16.31 13.02
CA ILE I 20 1.40 16.24 11.57
C ILE I 20 1.71 14.82 11.15
N THR I 21 1.15 14.42 10.01
CA THR I 21 1.33 13.06 9.53
C THR I 21 2.65 12.93 8.80
N ASP I 22 2.83 11.80 8.11
CA ASP I 22 4.11 11.54 7.46
C ASP I 22 4.25 12.33 6.18
N GLU I 23 3.18 12.39 5.37
CA GLU I 23 3.22 13.19 4.15
C GLU I 23 3.29 14.68 4.48
N GLU I 24 2.60 15.08 5.56
CA GLU I 24 2.71 16.45 6.04
C GLU I 24 4.10 16.73 6.58
N LEU I 25 4.75 15.72 7.14
CA LEU I 25 6.14 15.89 7.55
C LEU I 25 7.05 16.07 6.35
N ASP I 26 6.73 15.40 5.25
CA ASP I 26 7.54 15.54 4.04
C ASP I 26 7.33 16.91 3.39
N ARG I 27 6.11 17.44 3.47
CA ARG I 27 5.88 18.82 3.05
C ARG I 27 6.64 19.79 3.94
N PHE I 28 6.66 19.51 5.24
CA PHE I 28 7.34 20.36 6.20
C PHE I 28 8.85 20.38 5.94
N LYS I 29 9.43 19.20 5.67
CA LYS I 29 10.84 19.13 5.29
C LYS I 29 11.09 19.78 3.94
N PHE I 30 10.08 19.76 3.07
CA PHE I 30 10.21 20.43 1.78
C PHE I 30 10.26 21.94 1.96
N PHE I 31 9.64 22.46 3.03
CA PHE I 31 9.71 23.89 3.30
C PHE I 31 10.62 24.29 4.46
N LEU I 32 11.45 23.38 4.98
CA LEU I 32 12.41 23.78 6.00
C LEU I 32 13.55 24.58 5.42
N SER I 33 13.99 24.25 4.20
CA SER I 33 15.20 24.85 3.65
C SER I 33 15.02 26.30 3.26
N ASP I 34 13.79 26.81 3.24
CA ASP I 34 13.53 28.19 2.90
C ASP I 34 13.39 29.08 4.11
N GLU I 35 13.52 28.54 5.31
CA GLU I 35 13.37 29.31 6.54
C GLU I 35 14.50 29.11 7.53
N PHE I 36 15.42 28.19 7.28
CA PHE I 36 16.34 27.75 8.31
C PHE I 36 17.80 27.65 7.89
N ASN I 37 18.09 27.63 6.58
CA ASN I 37 19.43 27.36 6.03
C ASN I 37 19.98 26.04 6.53
N ILE I 38 19.13 25.02 6.59
CA ILE I 38 19.53 23.67 6.95
C ILE I 38 19.77 22.87 5.69
N ALA I 39 20.91 22.18 5.64
CA ALA I 39 21.23 21.27 4.55
C ALA I 39 20.25 20.11 4.50
N THR I 40 19.67 19.86 3.32
CA THR I 40 18.54 18.95 3.22
C THR I 40 18.96 17.48 3.22
N GLY I 41 20.26 17.22 3.03
CA GLY I 41 20.76 15.86 2.91
C GLY I 41 20.59 15.02 4.15
N LYS I 42 20.52 15.65 5.33
CA LYS I 42 20.16 14.96 6.54
C LYS I 42 18.69 15.13 6.90
N LEU I 43 18.01 16.09 6.27
CA LEU I 43 16.57 16.22 6.46
C LEU I 43 15.81 15.10 5.79
N HIS I 44 16.37 14.56 4.69
CA HIS I 44 15.66 13.67 3.79
C HIS I 44 15.17 12.38 4.43
N THR I 45 15.88 11.87 5.43
CA THR I 45 15.48 10.64 6.12
C THR I 45 15.26 10.85 7.61
N ALA I 46 15.15 12.09 8.06
CA ALA I 46 14.98 12.35 9.49
C ALA I 46 13.55 12.02 9.92
N ASN I 47 13.40 11.69 11.20
CA ASN I 47 12.09 11.62 11.82
C ASN I 47 11.85 12.90 12.59
N ARG I 48 10.73 12.93 13.33
CA ARG I 48 10.27 14.16 13.98
C ARG I 48 11.24 14.64 15.05
N ILE I 49 11.92 13.71 15.70
CA ILE I 49 12.85 14.07 16.77
C ILE I 49 14.11 14.67 16.18
N GLN I 50 14.60 14.10 15.09
CA GLN I 50 15.80 14.64 14.43
C GLN I 50 15.49 15.95 13.74
N VAL I 51 14.26 16.10 13.24
CA VAL I 51 13.84 17.36 12.65
C VAL I 51 13.80 18.45 13.72
N ALA I 52 13.25 18.13 14.88
CA ALA I 52 13.22 19.09 15.99
C ALA I 52 14.62 19.40 16.49
N THR I 53 15.53 18.41 16.43
CA THR I 53 16.90 18.62 16.87
C THR I 53 17.65 19.53 15.89
N LEU I 54 17.39 19.39 14.60
CA LEU I 54 18.04 20.25 13.62
C LEU I 54 17.46 21.66 13.64
N MET I 55 16.16 21.78 13.94
CA MET I 55 15.55 23.11 13.99
C MET I 55 15.98 23.88 15.22
N ILE I 56 15.95 23.24 16.38
CA ILE I 56 16.37 23.90 17.62
C ILE I 56 17.88 24.13 17.60
N GLN I 57 18.63 23.18 17.05
CA GLN I 57 20.08 23.31 16.96
C GLN I 57 20.48 24.42 15.99
N ASN I 58 19.72 24.59 14.91
CA ASN I 58 20.15 25.49 13.85
C ASN I 58 19.51 26.86 13.94
N ALA I 59 18.49 27.06 14.76
CA ALA I 59 17.94 28.41 14.93
C ALA I 59 17.51 28.76 16.34
N GLY I 60 17.73 27.90 17.33
CA GLY I 60 17.18 28.21 18.63
C GLY I 60 15.72 27.79 18.75
N ALA I 61 15.27 27.62 19.99
CA ALA I 61 13.93 27.10 20.22
C ALA I 61 12.86 28.13 19.93
N VAL I 62 13.15 29.41 20.20
CA VAL I 62 12.15 30.47 20.07
C VAL I 62 11.82 30.69 18.60
N SER I 63 12.85 30.96 17.80
CA SER I 63 12.65 31.10 16.36
C SER I 63 12.36 29.77 15.69
N ALA I 64 12.67 28.65 16.34
CA ALA I 64 12.27 27.35 15.83
C ALA I 64 10.76 27.20 15.88
N VAL I 65 10.15 27.52 17.02
CA VAL I 65 8.70 27.42 17.16
C VAL I 65 8.00 28.49 16.33
N MET I 66 8.56 29.70 16.31
CA MET I 66 7.94 30.78 15.55
C MET I 66 8.00 30.51 14.05
N LYS I 67 9.13 30.01 13.57
CA LYS I 67 9.19 29.64 12.16
C LYS I 67 8.43 28.36 11.86
N THR I 68 8.16 27.53 12.88
CA THR I 68 7.27 26.40 12.69
C THR I 68 5.86 26.87 12.44
N ILE I 69 5.44 27.90 13.19
CA ILE I 69 4.15 28.54 12.94
C ILE I 69 4.10 29.12 11.54
N ARG I 70 5.22 29.71 11.11
CA ARG I 70 5.27 30.33 9.79
C ARG I 70 5.18 29.30 8.66
N ILE I 71 5.87 28.16 8.82
CA ILE I 71 5.81 27.12 7.79
C ILE I 71 4.47 26.42 7.81
N PHE I 72 3.87 26.26 8.98
CA PHE I 72 2.51 25.70 9.06
C PHE I 72 1.49 26.63 8.44
N GLN I 73 1.76 27.94 8.45
CA GLN I 73 0.88 28.85 7.75
C GLN I 73 1.18 28.87 6.25
N LYS I 74 2.39 28.45 5.86
CA LYS I 74 2.66 28.26 4.43
C LYS I 74 1.90 27.06 3.89
N LEU I 75 1.72 26.03 4.71
CA LEU I 75 1.03 24.81 4.31
C LEU I 75 -0.46 24.87 4.53
N ASN I 76 -0.99 26.05 4.88
CA ASN I 76 -2.40 26.29 5.21
C ASN I 76 -2.90 25.40 6.34
N TYR I 77 -2.07 25.14 7.35
CA TYR I 77 -2.50 24.36 8.50
C TYR I 77 -2.86 25.33 9.63
N MET I 78 -4.05 25.93 9.49
CA MET I 78 -4.44 27.02 10.37
C MET I 78 -4.74 26.52 11.78
N LEU I 79 -5.18 25.26 11.90
CA LEU I 79 -5.48 24.71 13.22
C LEU I 79 -4.22 24.50 14.02
N LEU I 80 -3.19 23.89 13.42
CA LEU I 80 -1.97 23.62 14.14
C LEU I 80 -1.17 24.89 14.40
N ALA I 81 -1.22 25.84 13.46
CA ALA I 81 -0.57 27.13 13.69
C ALA I 81 -1.26 27.90 14.80
N LYS I 82 -2.59 27.79 14.87
CA LYS I 82 -3.34 28.42 15.94
C LYS I 82 -3.03 27.77 17.28
N ARG I 83 -2.86 26.44 17.28
CA ARG I 83 -2.54 25.74 18.53
C ARG I 83 -1.13 26.06 19.00
N LEU I 84 -0.20 26.19 18.06
CA LEU I 84 1.16 26.55 18.46
C LEU I 84 1.23 28.00 18.94
N GLN I 85 0.39 28.87 18.38
CA GLN I 85 0.33 30.23 18.92
C GLN I 85 -0.33 30.26 20.29
N GLU I 86 -1.28 29.37 20.54
CA GLU I 86 -1.90 29.32 21.86
C GLU I 86 -0.91 28.81 22.91
N GLU I 87 -0.19 27.73 22.59
CA GLU I 87 0.80 27.21 23.54
C GLU I 87 1.96 28.18 23.72
N LYS I 88 2.37 28.83 22.62
CA LYS I 88 3.47 29.78 22.68
C LYS I 88 3.09 31.00 23.50
N GLU I 89 1.84 31.45 23.41
CA GLU I 89 1.44 32.58 24.23
C GLU I 89 1.16 32.17 25.66
N LYS I 90 0.84 30.90 25.92
CA LYS I 90 0.75 30.45 27.30
C LYS I 90 2.12 30.39 27.94
N VAL I 91 3.15 30.03 27.17
CA VAL I 91 4.50 30.00 27.75
C VAL I 91 5.07 31.42 27.87
N ASP I 92 4.77 32.29 26.91
CA ASP I 92 5.22 33.68 27.01
C ASP I 92 4.51 34.41 28.13
N LYS I 93 3.25 34.05 28.39
CA LYS I 93 2.56 34.53 29.58
C LYS I 93 3.17 33.93 30.84
N GLN I 94 3.63 32.69 30.75
CA GLN I 94 4.15 31.96 31.89
C GLN I 94 5.48 32.51 32.38
N TYR I 95 6.38 32.83 31.46
CA TYR I 95 7.73 33.24 31.82
C TYR I 95 8.06 34.69 31.51
N LYS I 96 7.40 35.29 30.52
CA LYS I 96 7.64 36.70 30.22
C LYS I 96 6.87 37.64 31.13
N SER I 97 5.99 37.12 31.97
CA SER I 97 5.24 37.93 32.90
C SER I 97 5.50 37.48 34.34
N GLY J 3 -13.78 35.25 -7.15
CA GLY J 3 -15.16 34.96 -6.80
C GLY J 3 -16.03 34.69 -8.01
N MET J 4 -15.62 35.23 -9.15
CA MET J 4 -16.37 35.03 -10.39
C MET J 4 -16.27 33.58 -10.85
N GLU J 5 -15.15 32.93 -10.53
CA GLU J 5 -14.98 31.50 -10.76
C GLU J 5 -16.03 30.69 -10.01
N SER J 6 -16.28 31.04 -8.75
CA SER J 6 -17.27 30.32 -7.94
C SER J 6 -18.68 30.55 -8.44
N LYS J 7 -18.99 31.78 -8.86
CA LYS J 7 -20.32 32.07 -9.38
C LYS J 7 -20.56 31.36 -10.71
N TYR J 8 -19.54 31.26 -11.55
CA TYR J 8 -19.71 30.51 -12.79
C TYR J 8 -19.76 29.01 -12.53
N LYS J 9 -19.16 28.54 -11.43
CA LYS J 9 -19.36 27.15 -11.04
C LYS J 9 -20.80 26.90 -10.62
N GLU J 10 -21.39 27.84 -9.87
CA GLU J 10 -22.77 27.66 -9.43
C GLU J 10 -23.74 27.77 -10.61
N ILE J 11 -23.43 28.64 -11.58
CA ILE J 11 -24.24 28.76 -12.78
C ILE J 11 -24.17 27.48 -13.60
N LEU J 12 -22.95 26.98 -13.81
CA LEU J 12 -22.76 25.81 -14.66
C LEU J 12 -23.36 24.55 -14.04
N LEU J 13 -23.02 24.27 -12.79
CA LEU J 13 -23.52 23.04 -12.20
C LEU J 13 -24.98 23.18 -11.78
N LEU J 14 -25.30 24.23 -11.03
CA LEU J 14 -26.60 24.28 -10.38
C LEU J 14 -27.72 24.65 -11.34
N THR J 15 -27.52 25.66 -12.18
CA THR J 15 -28.54 26.04 -13.14
C THR J 15 -28.48 25.23 -14.42
N GLY J 16 -27.29 25.08 -15.00
CA GLY J 16 -27.16 24.42 -16.28
C GLY J 16 -27.30 22.92 -16.26
N LEU J 17 -26.35 22.22 -15.61
CA LEU J 17 -26.29 20.78 -15.76
C LEU J 17 -27.32 20.06 -14.91
N ASP J 18 -27.72 20.65 -13.78
CA ASP J 18 -28.69 19.98 -12.92
C ASP J 18 -30.10 20.00 -13.49
N ASN J 19 -30.39 20.86 -14.46
CA ASN J 19 -31.74 20.98 -14.99
C ASN J 19 -31.96 20.14 -16.24
N ILE J 20 -30.91 19.54 -16.79
CA ILE J 20 -31.07 18.65 -17.93
C ILE J 20 -31.20 17.23 -17.41
N THR J 21 -31.95 16.41 -18.16
CA THR J 21 -32.20 15.06 -17.75
C THR J 21 -31.04 14.17 -18.15
N ASP J 22 -31.23 12.86 -18.03
CA ASP J 22 -30.15 11.93 -18.29
C ASP J 22 -29.90 11.75 -19.79
N GLU J 23 -30.97 11.61 -20.57
CA GLU J 23 -30.83 11.52 -22.02
C GLU J 23 -30.33 12.84 -22.59
N GLU J 24 -30.77 13.95 -22.02
CA GLU J 24 -30.26 15.25 -22.41
C GLU J 24 -28.80 15.41 -22.01
N LEU J 25 -28.39 14.76 -20.91
CA LEU J 25 -26.98 14.76 -20.54
C LEU J 25 -26.18 13.95 -21.55
N ASP J 26 -26.76 12.88 -22.08
CA ASP J 26 -26.06 12.08 -23.07
C ASP J 26 -25.93 12.80 -24.41
N ARG J 27 -26.95 13.60 -24.77
CA ARG J 27 -26.82 14.48 -25.92
C ARG J 27 -25.75 15.53 -25.69
N PHE J 28 -25.69 16.05 -24.46
CA PHE J 28 -24.71 17.07 -24.11
C PHE J 28 -23.29 16.53 -24.21
N LYS J 29 -23.08 15.31 -23.69
CA LYS J 29 -21.80 14.64 -23.82
C LYS J 29 -21.49 14.30 -25.28
N PHE J 30 -22.55 14.04 -26.06
CA PHE J 30 -22.35 13.79 -27.48
C PHE J 30 -21.88 15.04 -28.20
N PHE J 31 -22.21 16.22 -27.69
CA PHE J 31 -21.74 17.46 -28.30
C PHE J 31 -20.66 18.18 -27.50
N LEU J 32 -20.07 17.56 -26.48
CA LEU J 32 -18.95 18.21 -25.80
C LEU J 32 -17.69 18.16 -26.63
N SER J 33 -17.47 17.09 -27.39
CA SER J 33 -16.19 16.89 -28.07
C SER J 33 -15.99 17.82 -29.24
N ASP J 34 -17.03 18.54 -29.66
CA ASP J 34 -16.93 19.48 -30.77
C ASP J 34 -16.71 20.91 -30.30
N GLU J 35 -16.62 21.14 -29.00
CA GLU J 35 -16.46 22.49 -28.47
C GLU J 35 -15.34 22.61 -27.44
N PHE J 36 -14.74 21.50 -27.03
CA PHE J 36 -13.88 21.49 -25.85
C PHE J 36 -12.55 20.77 -26.01
N ASN J 37 -12.39 19.93 -27.04
CA ASN J 37 -11.24 19.03 -27.20
C ASN J 37 -11.03 18.15 -25.98
N ILE J 38 -12.12 17.64 -25.43
CA ILE J 38 -12.07 16.71 -24.31
C ILE J 38 -12.18 15.30 -24.85
N ALA J 39 -11.28 14.43 -24.40
CA ALA J 39 -11.33 13.00 -24.72
C ALA J 39 -12.60 12.35 -24.18
N THR J 40 -13.32 11.63 -25.04
CA THR J 40 -14.66 11.18 -24.70
C THR J 40 -14.66 9.95 -23.81
N GLY J 41 -13.50 9.28 -23.70
CA GLY J 41 -13.42 8.03 -22.96
C GLY J 41 -13.69 8.16 -21.48
N LYS J 42 -13.48 9.33 -20.91
CA LYS J 42 -13.91 9.60 -19.55
C LYS J 42 -15.24 10.34 -19.50
N LEU J 43 -15.69 10.90 -20.63
CA LEU J 43 -17.01 11.51 -20.68
C LEU J 43 -18.10 10.47 -20.65
N HIS J 44 -17.81 9.27 -21.17
CA HIS J 44 -18.82 8.25 -21.45
C HIS J 44 -19.60 7.77 -20.23
N THR J 45 -18.97 7.76 -19.06
CA THR J 45 -19.63 7.34 -17.84
C THR J 45 -19.64 8.41 -16.76
N ALA J 46 -19.37 9.65 -17.12
CA ALA J 46 -19.33 10.72 -16.13
C ALA J 46 -20.75 11.11 -15.72
N ASN J 47 -20.87 11.64 -14.51
CA ASN J 47 -22.08 12.30 -14.08
C ASN J 47 -21.90 13.81 -14.22
N ARG J 48 -22.89 14.56 -13.73
CA ARG J 48 -22.94 16.00 -13.96
C ARG J 48 -21.79 16.73 -13.29
N ILE J 49 -21.33 16.21 -12.16
CA ILE J 49 -20.24 16.84 -11.42
C ILE J 49 -18.92 16.62 -12.13
N GLN J 50 -18.70 15.41 -12.64
CA GLN J 50 -17.47 15.12 -13.36
C GLN J 50 -17.47 15.80 -14.72
N VAL J 51 -18.65 15.97 -15.32
CA VAL J 51 -18.75 16.72 -16.56
C VAL J 51 -18.40 18.18 -16.34
N ALA J 52 -18.92 18.76 -15.25
CA ALA J 52 -18.57 20.14 -14.90
C ALA J 52 -17.10 20.28 -14.55
N THR J 53 -16.52 19.25 -13.95
CA THR J 53 -15.11 19.29 -13.60
C THR J 53 -14.23 19.21 -14.84
N LEU J 54 -14.63 18.42 -15.83
CA LEU J 54 -13.85 18.35 -17.07
C LEU J 54 -14.02 19.60 -17.91
N MET J 55 -15.20 20.22 -17.86
CA MET J 55 -15.43 21.43 -18.65
C MET J 55 -14.68 22.62 -18.05
N ILE J 56 -14.79 22.82 -16.73
CA ILE J 56 -14.09 23.91 -16.08
C ILE J 56 -12.58 23.67 -16.09
N GLN J 57 -12.18 22.40 -15.93
CA GLN J 57 -10.76 22.07 -15.94
C GLN J 57 -10.16 22.24 -17.33
N ASN J 58 -10.93 21.95 -18.36
CA ASN J 58 -10.37 21.92 -19.71
C ASN J 58 -10.60 23.20 -20.50
N ALA J 59 -11.45 24.11 -20.03
CA ALA J 59 -11.58 25.39 -20.72
C ALA J 59 -11.77 26.60 -19.82
N GLY J 60 -11.71 26.45 -18.50
CA GLY J 60 -12.04 27.60 -17.68
C GLY J 60 -13.53 27.73 -17.47
N ALA J 61 -13.90 28.45 -16.41
CA ALA J 61 -15.31 28.54 -16.05
C ALA J 61 -16.07 29.48 -16.97
N VAL J 62 -15.42 30.53 -17.46
CA VAL J 62 -16.10 31.54 -18.27
C VAL J 62 -16.49 30.96 -19.63
N SER J 63 -15.50 30.42 -20.35
CA SER J 63 -15.77 29.74 -21.61
C SER J 63 -16.49 28.41 -21.40
N ALA J 64 -16.43 27.84 -20.19
CA ALA J 64 -17.21 26.66 -19.90
C ALA J 64 -18.71 26.98 -19.91
N VAL J 65 -19.09 28.06 -19.22
CA VAL J 65 -20.51 28.45 -19.19
C VAL J 65 -20.95 29.00 -20.54
N MET J 66 -20.08 29.75 -21.21
CA MET J 66 -20.44 30.33 -22.51
C MET J 66 -20.60 29.23 -23.56
N LYS J 67 -19.70 28.25 -23.55
CA LYS J 67 -19.86 27.14 -24.49
C LYS J 67 -20.97 26.19 -24.05
N THR J 68 -21.36 26.23 -22.77
CA THR J 68 -22.54 25.49 -22.35
C THR J 68 -23.79 26.10 -22.95
N ILE J 69 -23.85 27.42 -22.98
CA ILE J 69 -24.93 28.13 -23.67
C ILE J 69 -24.92 27.78 -25.15
N ARG J 70 -23.73 27.68 -25.74
CA ARG J 70 -23.63 27.38 -27.16
C ARG J 70 -24.10 25.96 -27.49
N ILE J 71 -23.75 24.99 -26.63
CA ILE J 71 -24.18 23.61 -26.87
C ILE J 71 -25.66 23.45 -26.58
N PHE J 72 -26.18 24.18 -25.58
CA PHE J 72 -27.62 24.16 -25.32
C PHE J 72 -28.40 24.80 -26.46
N GLN J 73 -27.78 25.73 -27.19
CA GLN J 73 -28.43 26.27 -28.36
C GLN J 73 -28.27 25.34 -29.55
N LYS J 74 -27.26 24.46 -29.52
CA LYS J 74 -27.19 23.42 -30.55
C LYS J 74 -28.29 22.38 -30.36
N LEU J 75 -28.67 22.12 -29.12
CA LEU J 75 -29.70 21.14 -28.80
C LEU J 75 -31.10 21.73 -28.79
N ASN J 76 -31.25 22.98 -29.25
CA ASN J 76 -32.50 23.73 -29.23
C ASN J 76 -33.12 23.84 -27.86
N TYR J 77 -32.32 24.01 -26.81
CA TYR J 77 -32.83 24.20 -25.46
C TYR J 77 -32.82 25.68 -25.14
N MET J 78 -33.79 26.39 -25.71
CA MET J 78 -33.80 27.85 -25.65
C MET J 78 -34.09 28.35 -24.25
N LEU J 79 -34.85 27.58 -23.47
CA LEU J 79 -35.18 27.99 -22.12
C LEU J 79 -33.95 27.96 -21.22
N LEU J 80 -33.20 26.86 -21.27
CA LEU J 80 -32.03 26.73 -20.40
C LEU J 80 -30.89 27.64 -20.86
N ALA J 81 -30.76 27.84 -22.18
CA ALA J 81 -29.76 28.78 -22.67
C ALA J 81 -30.11 30.20 -22.28
N LYS J 82 -31.41 30.52 -22.29
CA LYS J 82 -31.85 31.84 -21.85
C LYS J 82 -31.62 32.03 -20.35
N ARG J 83 -31.83 30.96 -19.57
CA ARG J 83 -31.60 31.06 -18.13
C ARG J 83 -30.12 31.18 -17.80
N LEU J 84 -29.27 30.49 -18.56
CA LEU J 84 -27.84 30.63 -18.32
C LEU J 84 -27.33 31.98 -18.76
N GLN J 85 -27.95 32.57 -19.79
CA GLN J 85 -27.57 33.94 -20.15
C GLN J 85 -28.08 34.94 -19.11
N GLU J 86 -29.22 34.66 -18.49
CA GLU J 86 -29.70 35.56 -17.43
C GLU J 86 -28.81 35.50 -16.20
N GLU J 87 -28.44 34.29 -15.76
CA GLU J 87 -27.56 34.16 -14.61
C GLU J 87 -26.16 34.69 -14.93
N LYS J 88 -25.69 34.45 -16.15
CA LYS J 88 -24.37 34.90 -16.56
C LYS J 88 -24.31 36.43 -16.63
N GLU J 89 -25.39 37.05 -17.07
CA GLU J 89 -25.41 38.51 -17.10
C GLU J 89 -25.66 39.11 -15.72
N LYS J 90 -26.29 38.36 -14.82
CA LYS J 90 -26.38 38.83 -13.44
C LYS J 90 -25.02 38.79 -12.76
N VAL J 91 -24.20 37.79 -13.09
CA VAL J 91 -22.87 37.72 -12.48
C VAL J 91 -21.94 38.73 -13.13
N ASP J 92 -22.05 38.93 -14.45
CA ASP J 92 -21.22 39.92 -15.13
C ASP J 92 -21.61 41.33 -14.70
N LYS J 93 -22.89 41.55 -14.40
CA LYS J 93 -23.31 42.79 -13.79
C LYS J 93 -22.78 42.90 -12.36
N GLN J 94 -22.69 41.76 -11.68
CA GLN J 94 -22.30 41.71 -10.27
C GLN J 94 -20.83 42.06 -10.08
N TYR J 95 -19.96 41.52 -10.93
CA TYR J 95 -18.52 41.68 -10.74
C TYR J 95 -17.84 42.52 -11.81
N LYS J 96 -18.38 42.59 -13.02
CA LYS J 96 -17.79 43.42 -14.05
C LYS J 96 -18.19 44.89 -13.93
N SER J 97 -19.10 45.21 -13.03
CA SER J 97 -19.50 46.59 -12.81
C SER J 97 -19.26 46.99 -11.36
N GLY K 3 -27.14 -17.23 21.28
CA GLY K 3 -27.81 -17.87 20.17
C GLY K 3 -29.04 -17.13 19.72
N MET K 4 -29.63 -16.35 20.64
CA MET K 4 -30.81 -15.56 20.33
C MET K 4 -30.48 -14.44 19.35
N GLU K 5 -29.24 -13.95 19.42
CA GLU K 5 -28.73 -13.00 18.45
C GLU K 5 -28.74 -13.57 17.04
N SER K 6 -28.32 -14.83 16.89
CA SER K 6 -28.29 -15.46 15.58
C SER K 6 -29.70 -15.72 15.04
N LYS K 7 -30.62 -16.11 15.92
CA LYS K 7 -31.99 -16.35 15.51
C LYS K 7 -32.69 -15.06 15.10
N TYR K 8 -32.40 -13.96 15.80
CA TYR K 8 -32.96 -12.69 15.39
C TYR K 8 -32.30 -12.16 14.12
N LYS K 9 -31.05 -12.56 13.86
CA LYS K 9 -30.45 -12.25 12.57
C LYS K 9 -31.15 -12.99 11.44
N GLU K 10 -31.49 -14.26 11.67
CA GLU K 10 -32.18 -15.03 10.64
C GLU K 10 -33.60 -14.53 10.42
N ILE K 11 -34.26 -14.10 11.50
CA ILE K 11 -35.59 -13.53 11.40
C ILE K 11 -35.55 -12.21 10.62
N LEU K 12 -34.60 -11.34 10.97
CA LEU K 12 -34.53 -10.02 10.35
C LEU K 12 -34.14 -10.10 8.89
N LEU K 13 -33.06 -10.82 8.57
CA LEU K 13 -32.64 -10.84 7.19
C LEU K 13 -33.48 -11.80 6.36
N LEU K 14 -33.67 -13.03 6.83
CA LEU K 14 -34.26 -14.05 5.98
C LEU K 14 -35.76 -13.90 5.83
N THR K 15 -36.48 -13.68 6.93
CA THR K 15 -37.93 -13.50 6.85
C THR K 15 -38.31 -12.07 6.52
N GLY K 16 -37.74 -11.10 7.24
CA GLY K 16 -38.15 -9.73 7.08
C GLY K 16 -37.68 -9.04 5.81
N LEU K 17 -36.37 -8.85 5.68
CA LEU K 17 -35.88 -7.98 4.61
C LEU K 17 -35.87 -8.68 3.26
N ASP K 18 -35.71 -10.00 3.24
CA ASP K 18 -35.67 -10.70 1.96
C ASP K 18 -37.02 -10.81 1.28
N ASN K 19 -38.11 -10.59 2.01
CA ASN K 19 -39.45 -10.72 1.45
C ASN K 19 -40.02 -9.41 0.93
N ILE K 20 -39.36 -8.30 1.19
CA ILE K 20 -39.82 -7.02 0.66
C ILE K 20 -39.09 -6.76 -0.65
N THR K 21 -39.77 -6.05 -1.55
CA THR K 21 -39.20 -5.79 -2.86
C THR K 21 -38.27 -4.59 -2.79
N ASP K 22 -37.86 -4.11 -3.97
CA ASP K 22 -36.87 -3.03 -4.01
C ASP K 22 -37.50 -1.69 -3.68
N GLU K 23 -38.69 -1.41 -4.22
CA GLU K 23 -39.40 -0.18 -3.89
C GLU K 23 -39.86 -0.19 -2.44
N GLU K 24 -40.26 -1.37 -1.95
CA GLU K 24 -40.59 -1.52 -0.54
C GLU K 24 -39.36 -1.36 0.34
N LEU K 25 -38.19 -1.75 -0.17
CA LEU K 25 -36.95 -1.50 0.55
C LEU K 25 -36.65 -0.01 0.60
N ASP K 26 -37.00 0.72 -0.45
CA ASP K 26 -36.77 2.16 -0.45
C ASP K 26 -37.72 2.87 0.48
N ARG K 27 -38.96 2.39 0.59
CA ARG K 27 -39.87 2.90 1.62
C ARG K 27 -39.35 2.59 3.01
N PHE K 28 -38.77 1.39 3.18
CA PHE K 28 -38.24 0.98 4.47
C PHE K 28 -37.07 1.86 4.89
N LYS K 29 -36.16 2.14 3.94
CA LYS K 29 -35.07 3.06 4.19
C LYS K 29 -35.57 4.48 4.41
N PHE K 30 -36.69 4.83 3.80
CA PHE K 30 -37.28 6.14 4.02
C PHE K 30 -37.82 6.25 5.44
N PHE K 31 -38.21 5.15 6.05
CA PHE K 31 -38.67 5.18 7.43
C PHE K 31 -37.69 4.59 8.44
N LEU K 32 -36.44 4.33 8.07
CA LEU K 32 -35.46 3.90 9.07
C LEU K 32 -35.02 5.04 9.96
N SER K 33 -34.91 6.25 9.41
CA SER K 33 -34.30 7.36 10.14
C SER K 33 -35.20 7.88 11.26
N ASP K 34 -36.45 7.46 11.31
CA ASP K 34 -37.38 7.90 12.34
C ASP K 34 -37.48 6.92 13.49
N GLU K 35 -36.74 5.81 13.43
CA GLU K 35 -36.79 4.78 14.47
C GLU K 35 -35.44 4.34 14.98
N PHE K 36 -34.35 4.80 14.36
CA PHE K 36 -33.04 4.20 14.60
C PHE K 36 -31.91 5.18 14.83
N ASN K 37 -32.08 6.47 14.49
CA ASN K 37 -31.01 7.48 14.49
C ASN K 37 -29.81 7.04 13.65
N ILE K 38 -30.09 6.46 12.50
CA ILE K 38 -29.06 6.06 11.55
C ILE K 38 -28.95 7.15 10.50
N ALA K 39 -27.70 7.57 10.23
CA ALA K 39 -27.41 8.51 9.17
C ALA K 39 -27.76 7.94 7.80
N THR K 40 -28.52 8.69 7.01
CA THR K 40 -29.14 8.15 5.80
C THR K 40 -28.17 8.08 4.64
N GLY K 41 -27.02 8.76 4.75
CA GLY K 41 -26.06 8.84 3.66
C GLY K 41 -25.44 7.52 3.26
N LYS K 42 -25.39 6.56 4.19
CA LYS K 42 -25.01 5.20 3.84
C LYS K 42 -26.21 4.29 3.64
N LEU K 43 -27.39 4.73 4.08
CA LEU K 43 -28.61 3.96 3.80
C LEU K 43 -29.00 4.05 2.34
N HIS K 44 -28.65 5.16 1.69
CA HIS K 44 -29.17 5.52 0.37
C HIS K 44 -28.85 4.51 -0.73
N THR K 45 -27.69 3.83 -0.63
CA THR K 45 -27.31 2.84 -1.63
C THR K 45 -27.09 1.46 -1.02
N ALA K 46 -27.56 1.22 0.19
CA ALA K 46 -27.35 -0.07 0.82
C ALA K 46 -28.27 -1.12 0.22
N ASN K 47 -27.85 -2.37 0.29
CA ASN K 47 -28.73 -3.48 0.02
C ASN K 47 -29.24 -4.06 1.34
N ARG K 48 -29.94 -5.19 1.25
CA ARG K 48 -30.65 -5.76 2.40
C ARG K 48 -29.68 -6.21 3.49
N ILE K 49 -28.50 -6.65 3.09
CA ILE K 49 -27.51 -7.14 4.05
C ILE K 49 -26.89 -5.99 4.79
N GLN K 50 -26.58 -4.90 4.08
CA GLN K 50 -26.01 -3.73 4.73
C GLN K 50 -27.05 -3.01 5.57
N VAL K 51 -28.31 -3.06 5.16
CA VAL K 51 -29.39 -2.50 5.96
C VAL K 51 -29.54 -3.28 7.25
N ALA K 52 -29.50 -4.62 7.17
CA ALA K 52 -29.56 -5.43 8.39
C ALA K 52 -28.34 -5.23 9.27
N THR K 53 -27.18 -4.96 8.65
CA THR K 53 -25.96 -4.73 9.43
C THR K 53 -26.02 -3.39 10.16
N LEU K 54 -26.61 -2.38 9.51
CA LEU K 54 -26.74 -1.08 10.18
C LEU K 54 -27.81 -1.10 11.26
N MET K 55 -28.86 -1.90 11.06
CA MET K 55 -29.93 -1.98 12.05
C MET K 55 -29.49 -2.75 13.28
N ILE K 56 -28.87 -3.92 13.07
CA ILE K 56 -28.38 -4.72 14.19
C ILE K 56 -27.21 -4.02 14.87
N GLN K 57 -26.35 -3.37 14.09
CA GLN K 57 -25.22 -2.65 14.65
C GLN K 57 -25.65 -1.43 15.44
N ASN K 58 -26.71 -0.77 14.99
CA ASN K 58 -27.07 0.51 15.59
C ASN K 58 -28.17 0.40 16.64
N ALA K 59 -28.84 -0.73 16.77
CA ALA K 59 -29.82 -0.89 17.84
C ALA K 59 -29.87 -2.27 18.48
N GLY K 60 -29.00 -3.20 18.10
CA GLY K 60 -29.19 -4.54 18.62
C GLY K 60 -30.21 -5.33 17.83
N ALA K 61 -30.11 -6.65 17.94
CA ALA K 61 -30.96 -7.51 17.11
C ALA K 61 -32.39 -7.54 17.61
N VAL K 62 -32.59 -7.45 18.93
CA VAL K 62 -33.93 -7.56 19.50
C VAL K 62 -34.78 -6.36 19.12
N SER K 63 -34.28 -5.16 19.44
CA SER K 63 -34.97 -3.95 19.03
C SER K 63 -34.87 -3.70 17.52
N ALA K 64 -33.93 -4.34 16.85
CA ALA K 64 -33.89 -4.28 15.39
C ALA K 64 -35.09 -4.99 14.79
N VAL K 65 -35.37 -6.21 15.26
CA VAL K 65 -36.51 -6.96 14.74
C VAL K 65 -37.83 -6.35 15.20
N MET K 66 -37.87 -5.87 16.45
CA MET K 66 -39.10 -5.28 16.98
C MET K 66 -39.42 -3.97 16.27
N LYS K 67 -38.41 -3.14 16.02
CA LYS K 67 -38.65 -1.93 15.26
C LYS K 67 -38.84 -2.21 13.78
N THR K 68 -38.40 -3.37 13.30
CA THR K 68 -38.74 -3.78 11.94
C THR K 68 -40.22 -4.08 11.82
N ILE K 69 -40.77 -4.73 12.85
CA ILE K 69 -42.21 -4.97 12.92
C ILE K 69 -42.95 -3.62 12.98
N ARG K 70 -42.38 -2.67 13.73
CA ARG K 70 -43.03 -1.37 13.87
C ARG K 70 -43.04 -0.59 12.55
N ILE K 71 -41.93 -0.64 11.80
CA ILE K 71 -41.87 0.08 10.53
C ILE K 71 -42.72 -0.63 9.48
N PHE K 72 -42.77 -1.96 9.54
CA PHE K 72 -43.65 -2.69 8.62
C PHE K 72 -45.12 -2.43 8.93
N GLN K 73 -45.44 -2.08 10.18
CA GLN K 73 -46.80 -1.68 10.49
C GLN K 73 -47.03 -0.22 10.12
N LYS K 74 -45.96 0.57 10.00
CA LYS K 74 -46.12 1.92 9.45
C LYS K 74 -46.42 1.87 7.96
N LEU K 75 -45.89 0.89 7.26
CA LEU K 75 -46.08 0.75 5.83
C LEU K 75 -47.30 -0.08 5.47
N ASN K 76 -48.14 -0.41 6.47
CA ASN K 76 -49.32 -1.26 6.34
C ASN K 76 -49.00 -2.63 5.75
N TYR K 77 -47.87 -3.22 6.12
CA TYR K 77 -47.52 -4.57 5.66
C TYR K 77 -47.87 -5.55 6.77
N MET K 78 -49.17 -5.82 6.88
CA MET K 78 -49.69 -6.59 8.02
C MET K 78 -49.26 -8.05 7.93
N LEU K 79 -49.07 -8.57 6.72
CA LEU K 79 -48.68 -9.95 6.54
C LEU K 79 -47.25 -10.17 7.02
N LEU K 80 -46.33 -9.31 6.61
CA LEU K 80 -44.93 -9.48 7.00
C LEU K 80 -44.71 -9.14 8.46
N ALA K 81 -45.46 -8.17 8.99
CA ALA K 81 -45.37 -7.87 10.42
C ALA K 81 -45.92 -9.02 11.24
N LYS K 82 -46.98 -9.67 10.75
CA LYS K 82 -47.53 -10.83 11.42
C LYS K 82 -46.56 -12.00 11.38
N ARG K 83 -45.86 -12.16 10.25
CA ARG K 83 -44.90 -13.25 10.13
C ARG K 83 -43.68 -13.01 11.01
N LEU K 84 -43.24 -11.76 11.13
CA LEU K 84 -42.11 -11.48 12.01
C LEU K 84 -42.51 -11.62 13.47
N GLN K 85 -43.77 -11.34 13.80
CA GLN K 85 -44.21 -11.60 15.17
C GLN K 85 -44.34 -13.09 15.43
N GLU K 86 -44.70 -13.88 14.41
CA GLU K 86 -44.77 -15.32 14.60
C GLU K 86 -43.39 -15.92 14.79
N GLU K 87 -42.42 -15.52 13.96
CA GLU K 87 -41.05 -16.03 14.12
C GLU K 87 -40.42 -15.52 15.40
N LYS K 88 -40.70 -14.27 15.77
CA LYS K 88 -40.15 -13.69 16.98
C LYS K 88 -40.71 -14.37 18.22
N GLU K 89 -41.99 -14.73 18.19
CA GLU K 89 -42.55 -15.45 19.33
C GLU K 89 -42.14 -16.91 19.35
N LYS K 90 -41.80 -17.49 18.19
CA LYS K 90 -41.24 -18.84 18.21
C LYS K 90 -39.84 -18.83 18.81
N VAL K 91 -39.07 -17.77 18.57
CA VAL K 91 -37.73 -17.70 19.15
C VAL K 91 -37.80 -17.35 20.63
N ASP K 92 -38.73 -16.46 21.00
CA ASP K 92 -38.90 -16.12 22.41
C ASP K 92 -39.45 -17.30 23.21
N LYS K 93 -40.27 -18.12 22.57
CA LYS K 93 -40.68 -19.40 23.17
C LYS K 93 -39.50 -20.36 23.23
N GLN K 94 -38.62 -20.29 22.24
CA GLN K 94 -37.50 -21.21 22.12
C GLN K 94 -36.45 -20.99 23.20
N TYR K 95 -36.12 -19.72 23.47
CA TYR K 95 -35.02 -19.40 24.37
C TYR K 95 -35.47 -18.74 25.67
N LYS K 96 -36.59 -18.04 25.68
CA LYS K 96 -37.08 -17.42 26.91
C LYS K 96 -37.82 -18.40 27.81
N SER K 97 -38.09 -19.61 27.33
CA SER K 97 -38.75 -20.61 28.13
C SER K 97 -37.88 -21.86 28.27
N GLY L 3 -0.93 -18.30 -34.06
CA GLY L 3 -1.83 -17.37 -34.71
C GLY L 3 -3.27 -17.84 -34.72
N MET L 4 -3.45 -19.16 -34.63
CA MET L 4 -4.78 -19.75 -34.62
C MET L 4 -5.51 -19.40 -33.32
N GLU L 5 -4.75 -19.23 -32.25
CA GLU L 5 -5.28 -18.74 -30.98
C GLU L 5 -5.90 -17.35 -31.14
N SER L 6 -5.22 -16.46 -31.86
CA SER L 6 -5.72 -15.11 -32.06
C SER L 6 -6.95 -15.09 -32.95
N LYS L 7 -6.98 -15.94 -33.97
CA LYS L 7 -8.13 -16.00 -34.86
C LYS L 7 -9.34 -16.58 -34.14
N TYR L 8 -9.14 -17.56 -33.27
CA TYR L 8 -10.25 -18.07 -32.48
C TYR L 8 -10.69 -17.08 -31.41
N LYS L 9 -9.78 -16.22 -30.96
CA LYS L 9 -10.21 -15.13 -30.09
C LYS L 9 -11.09 -14.14 -30.82
N GLU L 10 -10.75 -13.82 -32.07
CA GLU L 10 -11.56 -12.89 -32.85
C GLU L 10 -12.90 -13.50 -33.22
N ILE L 11 -12.92 -14.80 -33.48
CA ILE L 11 -14.17 -15.50 -33.76
C ILE L 11 -15.06 -15.52 -32.54
N LEU L 12 -14.48 -15.86 -31.38
CA LEU L 12 -15.27 -16.00 -30.16
C LEU L 12 -15.81 -14.65 -29.68
N LEU L 13 -14.94 -13.67 -29.56
CA LEU L 13 -15.41 -12.40 -29.03
C LEU L 13 -16.16 -11.59 -30.09
N LEU L 14 -15.58 -11.44 -31.28
CA LEU L 14 -16.11 -10.48 -32.23
C LEU L 14 -17.36 -11.00 -32.94
N THR L 15 -17.33 -12.25 -33.41
CA THR L 15 -18.49 -12.80 -34.07
C THR L 15 -19.49 -13.40 -33.09
N GLY L 16 -19.02 -14.21 -32.16
CA GLY L 16 -19.91 -14.92 -31.27
C GLY L 16 -20.55 -14.08 -30.18
N LEU L 17 -19.74 -13.58 -29.25
CA LEU L 17 -20.33 -12.98 -28.05
C LEU L 17 -20.82 -11.57 -28.30
N ASP L 18 -20.25 -10.85 -29.26
CA ASP L 18 -20.69 -9.49 -29.50
C ASP L 18 -22.03 -9.41 -30.20
N ASN L 19 -22.50 -10.50 -30.81
CA ASN L 19 -23.74 -10.49 -31.56
C ASN L 19 -24.94 -10.93 -30.73
N ILE L 20 -24.71 -11.44 -29.53
CA ILE L 20 -25.82 -11.82 -28.66
C ILE L 20 -26.14 -10.64 -27.76
N THR L 21 -27.40 -10.53 -27.39
CA THR L 21 -27.85 -9.42 -26.57
C THR L 21 -27.56 -9.71 -25.10
N ASP L 22 -28.12 -8.87 -24.22
CA ASP L 22 -27.82 -8.99 -22.81
C ASP L 22 -28.58 -10.16 -22.17
N GLU L 23 -29.87 -10.29 -22.52
CA GLU L 23 -30.64 -11.43 -22.01
C GLU L 23 -30.14 -12.74 -22.61
N GLU L 24 -29.71 -12.69 -23.87
CA GLU L 24 -29.09 -13.86 -24.49
C GLU L 24 -27.75 -14.16 -23.85
N LEU L 25 -27.04 -13.13 -23.38
CA LEU L 25 -25.81 -13.36 -22.64
C LEU L 25 -26.10 -14.01 -21.30
N ASP L 26 -27.24 -13.68 -20.68
CA ASP L 26 -27.60 -14.29 -19.41
C ASP L 26 -28.02 -15.75 -19.60
N ARG L 27 -28.68 -16.05 -20.72
CA ARG L 27 -28.94 -17.45 -21.06
C ARG L 27 -27.64 -18.20 -21.31
N PHE L 28 -26.70 -17.54 -21.96
CA PHE L 28 -25.41 -18.15 -22.27
C PHE L 28 -24.63 -18.47 -21.00
N LYS L 29 -24.62 -17.52 -20.05
CA LYS L 29 -24.01 -17.76 -18.75
C LYS L 29 -24.77 -18.81 -17.97
N PHE L 30 -26.08 -18.91 -18.20
CA PHE L 30 -26.86 -19.96 -17.55
C PHE L 30 -26.48 -21.33 -18.07
N PHE L 31 -25.99 -21.42 -19.31
CA PHE L 31 -25.55 -22.69 -19.85
C PHE L 31 -24.04 -22.84 -19.98
N LEU L 32 -23.24 -21.94 -19.39
CA LEU L 32 -21.80 -22.15 -19.39
C LEU L 32 -21.38 -23.25 -18.43
N SER L 33 -22.06 -23.37 -17.29
CA SER L 33 -21.60 -24.26 -16.23
C SER L 33 -21.80 -25.72 -16.57
N ASP L 34 -22.54 -26.03 -17.63
CA ASP L 34 -22.77 -27.40 -18.03
C ASP L 34 -21.83 -27.86 -19.13
N GLU L 35 -20.91 -27.00 -19.57
CA GLU L 35 -19.99 -27.34 -20.65
C GLU L 35 -18.54 -27.01 -20.33
N PHE L 36 -18.26 -26.34 -19.21
CA PHE L 36 -16.96 -25.75 -18.99
C PHE L 36 -16.35 -25.99 -17.62
N ASN L 37 -17.14 -26.41 -16.63
CA ASN L 37 -16.73 -26.51 -15.21
C ASN L 37 -16.18 -25.18 -14.70
N ILE L 38 -16.84 -24.10 -15.06
CA ILE L 38 -16.49 -22.77 -14.58
C ILE L 38 -17.40 -22.43 -13.42
N ALA L 39 -16.80 -21.96 -12.32
CA ALA L 39 -17.55 -21.46 -11.17
C ALA L 39 -18.38 -20.24 -11.53
N THR L 40 -19.67 -20.28 -11.19
CA THR L 40 -20.62 -19.29 -11.70
C THR L 40 -20.55 -17.97 -10.95
N GLY L 41 -19.88 -17.96 -9.78
CA GLY L 41 -19.85 -16.79 -8.93
C GLY L 41 -19.15 -15.60 -9.53
N LYS L 42 -18.23 -15.83 -10.47
CA LYS L 42 -17.65 -14.76 -11.25
C LYS L 42 -18.31 -14.60 -12.60
N LEU L 43 -19.07 -15.60 -13.04
CA LEU L 43 -19.84 -15.47 -14.27
C LEU L 43 -21.00 -14.51 -14.10
N HIS L 44 -21.53 -14.41 -12.88
CA HIS L 44 -22.80 -13.74 -12.61
C HIS L 44 -22.82 -12.25 -12.98
N THR L 45 -21.69 -11.57 -12.88
CA THR L 45 -21.61 -10.15 -13.22
C THR L 45 -20.61 -9.88 -14.32
N ALA L 46 -20.15 -10.89 -15.04
CA ALA L 46 -19.16 -10.67 -16.09
C ALA L 46 -19.81 -10.03 -17.31
N ASN L 47 -18.99 -9.33 -18.08
CA ASN L 47 -19.38 -8.89 -19.40
C ASN L 47 -18.78 -9.84 -20.43
N ARG L 48 -18.94 -9.47 -21.71
CA ARG L 48 -18.57 -10.37 -22.81
C ARG L 48 -17.08 -10.65 -22.86
N ILE L 49 -16.28 -9.67 -22.45
CA ILE L 49 -14.84 -9.81 -22.49
C ILE L 49 -14.37 -10.73 -21.38
N GLN L 50 -14.96 -10.59 -20.19
CA GLN L 50 -14.60 -11.46 -19.08
C GLN L 50 -15.13 -12.86 -19.28
N VAL L 51 -16.28 -12.99 -19.97
CA VAL L 51 -16.81 -14.30 -20.31
C VAL L 51 -15.88 -14.99 -21.30
N ALA L 52 -15.41 -14.26 -22.30
CA ALA L 52 -14.46 -14.83 -23.27
C ALA L 52 -13.13 -15.17 -22.58
N THR L 53 -12.73 -14.38 -21.59
CA THR L 53 -11.49 -14.65 -20.88
C THR L 53 -11.60 -15.90 -20.02
N LEU L 54 -12.77 -16.11 -19.40
CA LEU L 54 -12.96 -17.32 -18.60
C LEU L 54 -13.11 -18.56 -19.47
N MET L 55 -13.70 -18.40 -20.66
CA MET L 55 -13.89 -19.55 -21.54
C MET L 55 -12.57 -19.97 -22.18
N ILE L 56 -11.81 -19.01 -22.70
CA ILE L 56 -10.51 -19.32 -23.30
C ILE L 56 -9.52 -19.75 -22.23
N GLN L 57 -9.59 -19.13 -21.06
CA GLN L 57 -8.69 -19.49 -19.96
C GLN L 57 -9.00 -20.88 -19.42
N ASN L 58 -10.29 -21.25 -19.40
CA ASN L 58 -10.66 -22.48 -18.73
C ASN L 58 -10.82 -23.66 -19.67
N ALA L 59 -10.83 -23.46 -20.99
CA ALA L 59 -10.87 -24.60 -21.90
C ALA L 59 -10.04 -24.45 -23.16
N GLY L 60 -9.28 -23.37 -23.32
CA GLY L 60 -8.62 -23.20 -24.59
C GLY L 60 -9.53 -22.56 -25.63
N ALA L 61 -8.91 -21.97 -26.64
CA ALA L 61 -9.68 -21.21 -27.62
C ALA L 61 -10.45 -22.13 -28.58
N VAL L 62 -9.87 -23.29 -28.90
CA VAL L 62 -10.47 -24.19 -29.89
C VAL L 62 -11.75 -24.79 -29.33
N SER L 63 -11.65 -25.44 -28.17
CA SER L 63 -12.83 -25.97 -27.51
C SER L 63 -13.72 -24.87 -26.94
N ALA L 64 -13.18 -23.67 -26.76
CA ALA L 64 -14.01 -22.54 -26.36
C ALA L 64 -14.97 -22.17 -27.47
N VAL L 65 -14.46 -22.04 -28.70
CA VAL L 65 -15.32 -21.69 -29.83
C VAL L 65 -16.24 -22.86 -30.20
N MET L 66 -15.72 -24.08 -30.12
CA MET L 66 -16.53 -25.25 -30.47
C MET L 66 -17.66 -25.46 -29.47
N LYS L 67 -17.36 -25.28 -28.19
CA LYS L 67 -18.42 -25.38 -27.19
C LYS L 67 -19.32 -24.15 -27.20
N THR L 68 -18.85 -23.03 -27.75
CA THR L 68 -19.72 -21.88 -27.97
C THR L 68 -20.76 -22.21 -29.03
N ILE L 69 -20.33 -22.89 -30.08
CA ILE L 69 -21.27 -23.39 -31.10
C ILE L 69 -22.26 -24.36 -30.48
N ARG L 70 -21.77 -25.20 -29.57
CA ARG L 70 -22.64 -26.18 -28.94
C ARG L 70 -23.68 -25.53 -28.03
N ILE L 71 -23.29 -24.50 -27.28
CA ILE L 71 -24.24 -23.84 -26.39
C ILE L 71 -25.20 -22.98 -27.20
N PHE L 72 -24.73 -22.39 -28.30
CA PHE L 72 -25.63 -21.65 -29.19
C PHE L 72 -26.62 -22.57 -29.87
N GLN L 73 -26.25 -23.83 -30.07
CA GLN L 73 -27.22 -24.79 -30.58
C GLN L 73 -28.14 -25.29 -29.48
N LYS L 74 -27.71 -25.19 -28.22
CA LYS L 74 -28.64 -25.48 -27.12
C LYS L 74 -29.71 -24.40 -27.01
N LEU L 75 -29.36 -23.16 -27.32
CA LEU L 75 -30.28 -22.04 -27.23
C LEU L 75 -31.06 -21.81 -28.51
N ASN L 76 -30.98 -22.75 -29.46
CA ASN L 76 -31.60 -22.67 -30.77
C ASN L 76 -31.21 -21.42 -31.55
N TYR L 77 -29.95 -20.99 -31.46
CA TYR L 77 -29.48 -19.84 -32.23
C TYR L 77 -28.73 -20.37 -33.45
N MET L 78 -29.51 -20.81 -34.43
CA MET L 78 -28.95 -21.52 -35.58
C MET L 78 -28.16 -20.58 -36.47
N LEU L 79 -28.54 -19.31 -36.50
CA LEU L 79 -27.83 -18.33 -37.34
C LEU L 79 -26.43 -18.07 -36.81
N LEU L 80 -26.32 -17.82 -35.50
CA LEU L 80 -25.00 -17.52 -34.93
C LEU L 80 -24.12 -18.76 -34.86
N ALA L 81 -24.73 -19.93 -34.63
CA ALA L 81 -23.95 -21.17 -34.66
C ALA L 81 -23.46 -21.46 -36.06
N LYS L 82 -24.28 -21.15 -37.06
CA LYS L 82 -23.86 -21.32 -38.45
C LYS L 82 -22.75 -20.34 -38.81
N ARG L 83 -22.84 -19.11 -38.29
CA ARG L 83 -21.79 -18.13 -38.58
C ARG L 83 -20.49 -18.48 -37.89
N LEU L 84 -20.56 -19.03 -36.68
CA LEU L 84 -19.34 -19.44 -36.00
C LEU L 84 -18.73 -20.67 -36.66
N GLN L 85 -19.56 -21.53 -37.23
CA GLN L 85 -19.00 -22.64 -38.00
C GLN L 85 -18.40 -22.17 -39.31
N GLU L 86 -18.96 -21.11 -39.90
CA GLU L 86 -18.37 -20.58 -41.13
C GLU L 86 -17.03 -19.92 -40.86
N GLU L 87 -16.94 -19.10 -39.80
CA GLU L 87 -15.68 -18.47 -39.47
C GLU L 87 -14.65 -19.49 -38.99
N LYS L 88 -15.11 -20.49 -38.25
CA LYS L 88 -14.22 -21.52 -37.73
C LYS L 88 -13.67 -22.39 -38.86
N GLU L 89 -14.48 -22.65 -39.88
CA GLU L 89 -13.98 -23.42 -41.00
C GLU L 89 -13.14 -22.56 -41.94
N LYS L 90 -13.34 -21.24 -41.95
CA LYS L 90 -12.42 -20.38 -42.69
C LYS L 90 -11.06 -20.33 -42.02
N VAL L 91 -11.03 -20.38 -40.69
CA VAL L 91 -9.73 -20.36 -40.01
C VAL L 91 -9.06 -21.72 -40.08
N ASP L 92 -9.85 -22.81 -40.00
CA ASP L 92 -9.28 -24.15 -40.14
C ASP L 92 -8.80 -24.40 -41.55
N LYS L 93 -9.47 -23.80 -42.54
CA LYS L 93 -8.96 -23.81 -43.90
C LYS L 93 -7.70 -22.95 -44.01
N GLN L 94 -7.65 -21.87 -43.24
CA GLN L 94 -6.56 -20.89 -43.30
C GLN L 94 -5.26 -21.47 -42.76
N TYR L 95 -5.33 -22.17 -41.63
CA TYR L 95 -4.12 -22.64 -40.95
C TYR L 95 -3.94 -24.14 -40.97
N LYS L 96 -5.01 -24.91 -41.05
CA LYS L 96 -4.88 -26.36 -41.11
C LYS L 96 -4.56 -26.87 -42.51
N SER L 97 -4.58 -26.00 -43.51
CA SER L 97 -4.25 -26.40 -44.87
C SER L 97 -3.07 -25.56 -45.39
N GLY M 3 44.84 -29.70 0.44
CA GLY M 3 44.11 -28.95 -0.56
C GLY M 3 42.62 -29.13 -0.46
N MET M 4 42.20 -30.25 0.14
CA MET M 4 40.78 -30.53 0.33
C MET M 4 40.16 -29.56 1.34
N GLU M 5 40.98 -29.11 2.29
CA GLU M 5 40.58 -28.07 3.23
C GLU M 5 40.23 -26.78 2.51
N SER M 6 41.04 -26.40 1.52
CA SER M 6 40.79 -25.16 0.78
C SER M 6 39.56 -25.27 -0.09
N LYS M 7 39.34 -26.44 -0.71
CA LYS M 7 38.17 -26.64 -1.55
C LYS M 7 36.90 -26.65 -0.72
N TYR M 8 36.95 -27.22 0.49
CA TYR M 8 35.78 -27.17 1.35
C TYR M 8 35.56 -25.78 1.92
N LYS M 9 36.63 -24.97 2.04
CA LYS M 9 36.44 -23.57 2.38
C LYS M 9 35.73 -22.82 1.26
N GLU M 10 36.09 -23.10 0.01
CA GLU M 10 35.45 -22.42 -1.11
C GLU M 10 34.00 -22.87 -1.27
N ILE M 11 33.73 -24.15 -1.00
CA ILE M 11 32.36 -24.67 -1.03
C ILE M 11 31.52 -24.02 0.06
N LEU M 12 32.06 -23.97 1.28
CA LEU M 12 31.29 -23.47 2.42
C LEU M 12 31.04 -21.98 2.29
N LEU M 13 32.08 -21.19 2.05
CA LEU M 13 31.86 -19.76 2.01
C LEU M 13 31.24 -19.32 0.68
N LEU M 14 31.81 -19.76 -0.44
CA LEU M 14 31.43 -19.19 -1.72
C LEU M 14 30.10 -19.71 -2.22
N THR M 15 29.88 -21.03 -2.15
CA THR M 15 28.61 -21.58 -2.60
C THR M 15 27.55 -21.55 -1.51
N GLY M 16 27.89 -21.99 -0.30
CA GLY M 16 26.91 -22.10 0.75
C GLY M 16 26.47 -20.80 1.39
N LEU M 17 27.38 -20.12 2.08
CA LEU M 17 26.96 -19.01 2.90
C LEU M 17 26.72 -17.74 2.08
N ASP M 18 27.38 -17.58 0.95
CA ASP M 18 27.20 -16.38 0.17
C ASP M 18 25.87 -16.34 -0.57
N ASN M 19 25.20 -17.48 -0.72
CA ASN M 19 23.95 -17.55 -1.47
C ASN M 19 22.73 -17.40 -0.59
N ILE M 20 22.88 -17.41 0.73
CA ILE M 20 21.75 -17.21 1.62
C ILE M 20 21.68 -15.73 1.96
N THR M 21 20.46 -15.25 2.20
CA THR M 21 20.26 -13.84 2.48
C THR M 21 20.53 -13.57 3.95
N ASP M 22 20.16 -12.37 4.40
CA ASP M 22 20.49 -11.96 5.76
C ASP M 22 19.54 -12.61 6.76
N GLU M 23 18.24 -12.65 6.45
CA GLU M 23 17.28 -13.33 7.32
C GLU M 23 17.52 -14.82 7.32
N GLU M 24 17.90 -15.38 6.17
CA GLU M 24 18.28 -16.77 6.09
C GLU M 24 19.57 -17.03 6.86
N LEU M 25 20.46 -16.05 6.92
CA LEU M 25 21.65 -16.17 7.75
C LEU M 25 21.28 -16.18 9.22
N ASP M 26 20.25 -15.43 9.60
CA ASP M 26 19.82 -15.41 10.99
C ASP M 26 19.13 -16.70 11.38
N ARG M 27 18.39 -17.32 10.44
CA ARG M 27 17.87 -18.67 10.68
C ARG M 27 19.00 -19.66 10.81
N PHE M 28 20.04 -19.50 9.99
CA PHE M 28 21.17 -20.42 10.02
C PHE M 28 21.92 -20.32 11.33
N LYS M 29 22.12 -19.10 11.83
CA LYS M 29 22.72 -18.90 13.15
C LYS M 29 21.80 -19.39 14.24
N PHE M 30 20.49 -19.35 14.01
CA PHE M 30 19.55 -19.88 14.99
C PHE M 30 19.65 -21.39 15.08
N PHE M 31 20.08 -22.05 14.00
CA PHE M 31 20.26 -23.49 14.03
C PHE M 31 21.71 -23.95 14.05
N LEU M 32 22.68 -23.05 14.26
CA LEU M 32 24.06 -23.51 14.42
C LEU M 32 24.30 -24.18 15.76
N SER M 33 23.64 -23.71 16.81
CA SER M 33 23.95 -24.17 18.16
C SER M 33 23.48 -25.59 18.43
N ASP M 34 22.67 -26.16 17.54
CA ASP M 34 22.18 -27.51 17.70
C ASP M 34 22.99 -28.53 16.93
N GLU M 35 24.04 -28.10 16.23
CA GLU M 35 24.85 -29.00 15.42
C GLU M 35 26.34 -28.84 15.65
N PHE M 36 26.76 -27.84 16.43
CA PHE M 36 28.17 -27.45 16.45
C PHE M 36 28.76 -27.23 17.83
N ASN M 37 27.93 -27.06 18.87
CA ASN M 37 28.36 -26.66 20.22
C ASN M 37 29.16 -25.37 20.19
N ILE M 38 28.71 -24.41 19.39
CA ILE M 38 29.30 -23.10 19.32
C ILE M 38 28.51 -22.16 20.21
N ALA M 39 29.22 -21.40 21.05
CA ALA M 39 28.61 -20.37 21.87
C ALA M 39 28.00 -19.26 21.02
N THR M 40 26.74 -18.92 21.29
CA THR M 40 25.98 -18.08 20.38
C THR M 40 26.32 -16.60 20.55
N GLY M 41 26.99 -16.24 21.64
CA GLY M 41 27.28 -14.85 21.96
C GLY M 41 28.17 -14.16 20.96
N LYS M 42 29.00 -14.90 20.25
CA LYS M 42 29.75 -14.35 19.13
C LYS M 42 29.09 -14.65 17.79
N LEU M 43 28.13 -15.57 17.75
CA LEU M 43 27.37 -15.81 16.54
C LEU M 43 26.41 -14.67 16.25
N HIS M 44 25.95 -13.99 17.30
CA HIS M 44 24.84 -13.06 17.23
C HIS M 44 25.07 -11.86 16.30
N THR M 45 26.32 -11.42 16.17
CA THR M 45 26.65 -10.30 15.30
C THR M 45 27.65 -10.66 14.22
N ALA M 46 27.89 -11.95 13.99
CA ALA M 46 28.87 -12.35 13.00
C ALA M 46 28.32 -12.15 11.59
N ASN M 47 29.24 -11.96 10.65
CA ASN M 47 28.89 -12.03 9.23
C ASN M 47 29.27 -13.40 8.70
N ARG M 48 29.14 -13.56 7.38
CA ARG M 48 29.31 -14.88 6.74
C ARG M 48 30.72 -15.42 6.88
N ILE M 49 31.70 -14.52 6.91
CA ILE M 49 33.09 -14.93 6.99
C ILE M 49 33.41 -15.39 8.40
N GLN M 50 32.89 -14.68 9.40
CA GLN M 50 33.12 -15.08 10.78
C GLN M 50 32.33 -16.33 11.13
N VAL M 51 31.17 -16.50 10.51
CA VAL M 51 30.40 -17.73 10.69
C VAL M 51 31.15 -18.91 10.10
N ALA M 52 31.72 -18.74 8.90
CA ALA M 52 32.51 -19.80 8.31
C ALA M 52 33.78 -20.08 9.12
N THR M 53 34.34 -19.05 9.75
CA THR M 53 35.53 -19.23 10.56
C THR M 53 35.22 -19.99 11.84
N LEU M 54 34.05 -19.72 12.43
CA LEU M 54 33.67 -20.45 13.64
C LEU M 54 33.26 -21.88 13.32
N MET M 55 32.67 -22.11 12.15
CA MET M 55 32.25 -23.46 11.79
C MET M 55 33.45 -24.34 11.44
N ILE M 56 34.36 -23.81 10.62
CA ILE M 56 35.56 -24.57 10.24
C ILE M 56 36.48 -24.71 11.45
N GLN M 57 36.57 -23.66 12.27
CA GLN M 57 37.42 -23.71 13.46
C GLN M 57 36.86 -24.68 14.50
N ASN M 58 35.55 -24.78 14.61
CA ASN M 58 34.96 -25.56 15.69
C ASN M 58 34.56 -26.96 15.30
N ALA M 59 34.55 -27.30 14.01
CA ALA M 59 34.28 -28.68 13.62
C ALA M 59 35.08 -29.20 12.45
N GLY M 60 36.02 -28.44 11.91
CA GLY M 60 36.67 -28.91 10.70
C GLY M 60 35.86 -28.59 9.46
N ALA M 61 36.55 -28.57 8.31
CA ALA M 61 35.89 -28.15 7.08
C ALA M 61 34.96 -29.21 6.54
N VAL M 62 35.30 -30.49 6.74
CA VAL M 62 34.51 -31.58 6.16
C VAL M 62 33.16 -31.68 6.84
N SER M 63 33.17 -31.81 8.17
CA SER M 63 31.93 -31.81 8.93
C SER M 63 31.28 -30.44 8.97
N ALA M 64 32.04 -29.37 8.69
CA ALA M 64 31.43 -28.05 8.56
C ALA M 64 30.53 -27.98 7.34
N VAL M 65 31.02 -28.46 6.20
CA VAL M 65 30.21 -28.45 4.98
C VAL M 65 29.08 -29.47 5.06
N MET M 66 29.36 -30.64 5.64
CA MET M 66 28.34 -31.68 5.76
C MET M 66 27.22 -31.25 6.70
N LYS M 67 27.58 -30.64 7.83
CA LYS M 67 26.55 -30.13 8.72
C LYS M 67 25.91 -28.86 8.18
N THR M 68 26.55 -28.17 7.25
CA THR M 68 25.90 -27.07 6.55
C THR M 68 24.79 -27.59 5.66
N ILE M 69 25.05 -28.71 4.99
CA ILE M 69 24.02 -29.39 4.20
C ILE M 69 22.89 -29.84 5.11
N ARG M 70 23.23 -30.32 6.31
CA ARG M 70 22.21 -30.80 7.25
C ARG M 70 21.33 -29.66 7.76
N ILE M 71 21.94 -28.51 8.06
CA ILE M 71 21.14 -27.38 8.56
C ILE M 71 20.34 -26.76 7.44
N PHE M 72 20.89 -26.76 6.21
CA PHE M 72 20.11 -26.28 5.07
C PHE M 72 18.95 -27.20 4.75
N GLN M 73 19.06 -28.49 5.10
CA GLN M 73 17.92 -29.37 4.96
C GLN M 73 16.95 -29.22 6.13
N LYS M 74 17.43 -28.69 7.26
CA LYS M 74 16.50 -28.36 8.33
C LYS M 74 15.66 -27.14 7.96
N LEU M 75 16.23 -26.22 7.20
CA LEU M 75 15.53 -25.01 6.79
C LEU M 75 14.75 -25.17 5.50
N ASN M 76 14.64 -26.41 5.00
CA ASN M 76 14.01 -26.75 3.72
C ASN M 76 14.60 -26.01 2.54
N TYR M 77 15.92 -25.82 2.52
CA TYR M 77 16.58 -25.19 1.38
C TYR M 77 17.18 -26.27 0.50
N MET M 78 16.29 -26.93 -0.26
CA MET M 78 16.68 -28.12 -1.00
C MET M 78 17.61 -27.78 -2.16
N LEU M 79 17.48 -26.57 -2.71
CA LEU M 79 18.32 -26.17 -3.83
C LEU M 79 19.75 -25.97 -3.38
N LEU M 80 19.96 -25.25 -2.28
CA LEU M 80 21.31 -24.98 -1.81
C LEU M 80 21.96 -26.23 -1.21
N ALA M 81 21.15 -27.08 -0.56
CA ALA M 81 21.69 -28.34 -0.06
C ALA M 81 22.08 -29.26 -1.20
N LYS M 82 21.30 -29.24 -2.29
CA LYS M 82 21.64 -30.01 -3.47
C LYS M 82 22.89 -29.49 -4.14
N ARG M 83 23.06 -28.15 -4.15
CA ARG M 83 24.25 -27.57 -4.76
C ARG M 83 25.49 -27.84 -3.93
N LEU M 84 25.36 -27.84 -2.60
CA LEU M 84 26.50 -28.16 -1.77
C LEU M 84 26.85 -29.63 -1.84
N GLN M 85 25.85 -30.50 -2.07
CA GLN M 85 26.18 -31.90 -2.30
C GLN M 85 26.82 -32.10 -3.65
N GLU M 86 26.44 -31.30 -4.65
CA GLU M 86 27.09 -31.42 -5.96
C GLU M 86 28.54 -30.96 -5.91
N GLU M 87 28.80 -29.82 -5.26
CA GLU M 87 30.17 -29.33 -5.14
C GLU M 87 31.00 -30.25 -4.25
N LYS M 88 30.38 -30.77 -3.19
CA LYS M 88 31.09 -31.65 -2.26
C LYS M 88 31.43 -32.97 -2.94
N GLU M 89 30.55 -33.48 -3.80
CA GLU M 89 30.88 -34.71 -4.50
C GLU M 89 31.84 -34.47 -5.65
N LYS M 90 31.88 -33.25 -6.20
CA LYS M 90 32.92 -32.94 -7.18
C LYS M 90 34.29 -32.87 -6.53
N VAL M 91 34.36 -32.39 -5.29
CA VAL M 91 35.64 -32.33 -4.60
C VAL M 91 36.05 -33.71 -4.09
N ASP M 92 35.08 -34.50 -3.63
CA ASP M 92 35.38 -35.86 -3.19
C ASP M 92 35.77 -36.74 -4.37
N LYS M 93 35.20 -36.49 -5.53
CA LYS M 93 35.66 -37.13 -6.76
C LYS M 93 37.05 -36.62 -7.15
N GLN M 94 37.32 -35.35 -6.86
CA GLN M 94 38.56 -34.70 -7.25
C GLN M 94 39.75 -35.23 -6.47
N TYR M 95 39.59 -35.41 -5.15
CA TYR M 95 40.72 -35.76 -4.30
C TYR M 95 40.61 -37.16 -3.70
N LYS M 96 39.40 -37.70 -3.52
CA LYS M 96 39.27 -39.05 -2.99
C LYS M 96 39.44 -40.12 -4.06
N SER M 97 39.55 -39.74 -5.32
CA SER M 97 39.78 -40.69 -6.39
C SER M 97 41.07 -40.37 -7.13
N GLY N 3 43.62 31.34 2.58
CA GLY N 3 42.23 31.48 2.97
C GLY N 3 41.28 30.91 1.94
N MET N 4 41.73 30.86 0.68
CA MET N 4 40.92 30.32 -0.39
C MET N 4 40.71 28.82 -0.22
N GLU N 5 41.70 28.15 0.39
CA GLU N 5 41.57 26.75 0.77
C GLU N 5 40.42 26.54 1.74
N SER N 6 40.28 27.42 2.74
CA SER N 6 39.22 27.30 3.72
C SER N 6 37.85 27.57 3.10
N LYS N 7 37.77 28.55 2.21
CA LYS N 7 36.51 28.87 1.56
C LYS N 7 36.08 27.74 0.63
N TYR N 8 37.02 27.10 -0.06
CA TYR N 8 36.66 25.96 -0.89
C TYR N 8 36.32 24.74 -0.04
N LYS N 9 36.87 24.65 1.17
CA LYS N 9 36.42 23.61 2.09
C LYS N 9 34.97 23.84 2.51
N GLU N 10 34.61 25.09 2.78
CA GLU N 10 33.24 25.38 3.19
C GLU N 10 32.26 25.19 2.04
N ILE N 11 32.70 25.51 0.81
CA ILE N 11 31.88 25.29 -0.37
C ILE N 11 31.67 23.80 -0.60
N LEU N 12 32.75 23.02 -0.51
CA LEU N 12 32.68 21.60 -0.82
C LEU N 12 31.87 20.84 0.23
N LEU N 13 32.20 21.03 1.51
CA LEU N 13 31.49 20.27 2.52
C LEU N 13 30.11 20.85 2.79
N LEU N 14 30.02 22.16 3.02
CA LEU N 14 28.79 22.73 3.54
C LEU N 14 27.72 22.88 2.45
N THR N 15 28.08 23.41 1.29
CA THR N 15 27.11 23.56 0.22
C THR N 15 26.97 22.29 -0.60
N GLY N 16 28.08 21.70 -1.02
CA GLY N 16 28.03 20.56 -1.91
C GLY N 16 27.61 19.26 -1.29
N LEU N 17 28.42 18.72 -0.38
CA LEU N 17 28.18 17.35 0.06
C LEU N 17 27.07 17.27 1.10
N ASP N 18 26.83 18.33 1.86
CA ASP N 18 25.80 18.27 2.88
C ASP N 18 24.39 18.33 2.30
N ASN N 19 24.24 18.76 1.05
CA ASN N 19 22.92 18.91 0.45
C ASN N 19 22.49 17.68 -0.35
N ILE N 20 23.38 16.72 -0.56
CA ILE N 20 23.00 15.51 -1.26
C ILE N 20 22.61 14.47 -0.21
N THR N 21 21.70 13.58 -0.60
CA THR N 21 21.20 12.59 0.32
C THR N 21 22.15 11.40 0.37
N ASP N 22 21.70 10.31 1.00
CA ASP N 22 22.57 9.18 1.20
C ASP N 22 22.72 8.35 -0.08
N GLU N 23 21.61 8.13 -0.79
CA GLU N 23 21.67 7.43 -2.07
C GLU N 23 22.40 8.26 -3.11
N GLU N 24 22.20 9.58 -3.05
CA GLU N 24 22.95 10.48 -3.92
C GLU N 24 24.43 10.50 -3.56
N LEU N 25 24.74 10.30 -2.28
CA LEU N 25 26.13 10.17 -1.87
C LEU N 25 26.73 8.87 -2.42
N ASP N 26 25.92 7.82 -2.51
CA ASP N 26 26.42 6.57 -3.05
C ASP N 26 26.63 6.65 -4.56
N ARG N 27 25.77 7.40 -5.25
CA ARG N 27 26.03 7.70 -6.66
C ARG N 27 27.29 8.53 -6.83
N PHE N 28 27.50 9.47 -5.92
CA PHE N 28 28.67 10.34 -5.98
C PHE N 28 29.95 9.54 -5.78
N LYS N 29 29.94 8.61 -4.80
CA LYS N 29 31.06 7.72 -4.59
C LYS N 29 31.23 6.76 -5.76
N PHE N 30 30.12 6.42 -6.42
CA PHE N 30 30.21 5.58 -7.60
C PHE N 30 30.89 6.30 -8.76
N PHE N 31 30.81 7.63 -8.79
CA PHE N 31 31.49 8.40 -9.82
C PHE N 31 32.72 9.15 -9.33
N LEU N 32 33.22 8.90 -8.13
CA LEU N 32 34.47 9.53 -7.71
C LEU N 32 35.68 8.91 -8.41
N SER N 33 35.64 7.60 -8.65
CA SER N 33 36.82 6.90 -9.13
C SER N 33 37.16 7.23 -10.57
N ASP N 34 36.26 7.89 -11.29
CA ASP N 34 36.50 8.26 -12.67
C ASP N 34 37.01 9.67 -12.83
N GLU N 35 37.20 10.40 -11.73
CA GLU N 35 37.65 11.78 -11.79
C GLU N 35 38.80 12.08 -10.85
N PHE N 36 39.19 11.14 -10.00
CA PHE N 36 40.08 11.45 -8.88
C PHE N 36 41.24 10.49 -8.68
N ASN N 37 41.19 9.28 -9.26
CA ASN N 37 42.13 8.19 -9.00
C ASN N 37 42.22 7.88 -7.50
N ILE N 38 41.07 7.85 -6.84
CA ILE N 38 40.98 7.46 -5.45
C ILE N 38 40.58 6.00 -5.37
N ALA N 39 41.30 5.24 -4.56
CA ALA N 39 40.96 3.85 -4.28
C ALA N 39 39.61 3.74 -3.58
N THR N 40 38.73 2.88 -4.10
CA THR N 40 37.34 2.88 -3.66
C THR N 40 37.14 2.14 -2.36
N GLY N 41 38.14 1.37 -1.93
CA GLY N 41 38.01 0.53 -0.75
C GLY N 41 37.83 1.29 0.54
N LYS N 42 38.28 2.54 0.59
CA LYS N 42 37.97 3.42 1.71
C LYS N 42 36.81 4.36 1.40
N LEU N 43 36.45 4.49 0.11
CA LEU N 43 35.27 5.27 -0.23
C LEU N 43 33.99 4.57 0.17
N HIS N 44 34.02 3.23 0.20
CA HIS N 44 32.82 2.40 0.30
C HIS N 44 32.01 2.62 1.58
N THR N 45 32.68 2.97 2.68
CA THR N 45 31.99 3.21 3.95
C THR N 45 32.23 4.61 4.48
N ALA N 46 32.74 5.53 3.66
CA ALA N 46 33.02 6.87 4.14
C ALA N 46 31.73 7.66 4.29
N ASN N 47 31.76 8.65 5.17
CA ASN N 47 30.72 9.65 5.24
C ASN N 47 31.18 10.91 4.51
N ARG N 48 30.38 11.96 4.60
CA ARG N 48 30.61 13.18 3.80
C ARG N 48 31.91 13.86 4.17
N ILE N 49 32.30 13.77 5.43
CA ILE N 49 33.51 14.43 5.90
C ILE N 49 34.74 13.69 5.41
N GLN N 50 34.68 12.35 5.44
CA GLN N 50 35.80 11.57 4.95
C GLN N 50 35.89 11.62 3.44
N VAL N 51 34.75 11.76 2.77
CA VAL N 51 34.75 11.93 1.32
C VAL N 51 35.38 13.26 0.95
N ALA N 52 35.04 14.32 1.69
CA ALA N 52 35.65 15.62 1.45
C ALA N 52 37.15 15.61 1.77
N THR N 53 37.54 14.81 2.77
CA THR N 53 38.94 14.72 3.15
C THR N 53 39.74 13.98 2.08
N LEU N 54 39.15 12.95 1.48
CA LEU N 54 39.84 12.22 0.42
C LEU N 54 39.89 13.03 -0.87
N MET N 55 38.87 13.84 -1.13
CA MET N 55 38.84 14.64 -2.35
C MET N 55 39.83 15.80 -2.26
N ILE N 56 39.81 16.52 -1.14
CA ILE N 56 40.74 17.63 -0.95
C ILE N 56 42.17 17.12 -0.81
N GLN N 57 42.33 15.99 -0.12
CA GLN N 57 43.65 15.39 0.07
C GLN N 57 44.21 14.87 -1.24
N ASN N 58 43.36 14.34 -2.11
CA ASN N 58 43.85 13.65 -3.29
C ASN N 58 43.85 14.52 -4.54
N ALA N 59 43.22 15.69 -4.53
CA ALA N 59 43.30 16.58 -5.68
C ALA N 59 43.39 18.06 -5.36
N GLY N 60 43.47 18.44 -4.10
CA GLY N 60 43.41 19.87 -3.83
C GLY N 60 41.98 20.38 -3.76
N ALA N 61 41.80 21.52 -3.09
CA ALA N 61 40.45 22.02 -2.87
C ALA N 61 39.85 22.63 -4.12
N VAL N 62 40.68 23.25 -4.97
CA VAL N 62 40.18 23.94 -6.16
C VAL N 62 39.63 22.94 -7.16
N SER N 63 40.47 21.98 -7.55
CA SER N 63 40.01 20.92 -8.44
C SER N 63 39.06 19.95 -7.75
N ALA N 64 39.06 19.93 -6.42
CA ALA N 64 38.06 19.14 -5.70
C ALA N 64 36.66 19.72 -5.90
N VAL N 65 36.53 21.03 -5.74
CA VAL N 65 35.23 21.67 -5.92
C VAL N 65 34.83 21.70 -7.39
N MET N 66 35.81 21.93 -8.28
CA MET N 66 35.51 21.98 -9.72
C MET N 66 35.10 20.61 -10.24
N LYS N 67 35.79 19.56 -9.79
CA LYS N 67 35.38 18.22 -10.19
C LYS N 67 34.13 17.76 -9.45
N THR N 68 33.80 18.39 -8.33
CA THR N 68 32.51 18.13 -7.69
C THR N 68 31.39 18.68 -8.54
N ILE N 69 31.59 19.87 -9.12
CA ILE N 69 30.64 20.43 -10.08
C ILE N 69 30.52 19.51 -11.29
N ARG N 70 31.64 18.95 -11.73
CA ARG N 70 31.63 18.08 -12.90
C ARG N 70 30.87 16.77 -12.63
N ILE N 71 31.07 16.18 -11.45
CA ILE N 71 30.36 14.94 -11.13
C ILE N 71 28.88 15.21 -10.86
N PHE N 72 28.56 16.36 -10.27
CA PHE N 72 27.17 16.73 -10.09
C PHE N 72 26.49 17.00 -11.43
N GLN N 73 27.24 17.41 -12.43
CA GLN N 73 26.66 17.54 -13.76
C GLN N 73 26.58 16.18 -14.46
N LYS N 74 27.40 15.22 -14.03
CA LYS N 74 27.23 13.86 -14.54
C LYS N 74 25.96 13.23 -13.99
N LEU N 75 25.58 13.57 -12.77
CA LEU N 75 24.40 13.03 -12.13
C LEU N 75 23.14 13.83 -12.41
N ASN N 76 23.21 14.78 -13.34
CA ASN N 76 22.15 15.71 -13.70
C ASN N 76 21.61 16.49 -12.51
N TYR N 77 22.47 16.91 -11.59
CA TYR N 77 22.05 17.72 -10.46
C TYR N 77 22.38 19.19 -10.77
N MET N 78 21.53 19.77 -11.62
CA MET N 78 21.82 21.09 -12.17
C MET N 78 21.69 22.17 -11.10
N LEU N 79 20.83 21.95 -10.11
CA LEU N 79 20.64 22.93 -9.06
C LEU N 79 21.86 23.03 -8.16
N LEU N 80 22.39 21.88 -7.73
CA LEU N 80 23.55 21.89 -6.84
C LEU N 80 24.82 22.29 -7.58
N ALA N 81 24.93 21.91 -8.85
CA ALA N 81 26.08 22.35 -9.64
C ALA N 81 26.03 23.85 -9.89
N LYS N 82 24.83 24.39 -10.08
CA LYS N 82 24.66 25.83 -10.23
C LYS N 82 24.99 26.56 -8.94
N ARG N 83 24.61 25.97 -7.80
CA ARG N 83 24.90 26.59 -6.52
C ARG N 83 26.38 26.55 -6.20
N LEU N 84 27.06 25.45 -6.56
CA LEU N 84 28.50 25.39 -6.34
C LEU N 84 29.24 26.33 -7.27
N GLN N 85 28.71 26.56 -8.48
CA GLN N 85 29.33 27.55 -9.34
C GLN N 85 29.08 28.96 -8.83
N GLU N 86 27.92 29.20 -8.20
CA GLU N 86 27.67 30.52 -7.62
C GLU N 86 28.59 30.79 -6.44
N GLU N 87 28.72 29.82 -5.53
CA GLU N 87 29.61 30.01 -4.39
C GLU N 87 31.07 30.07 -4.82
N LYS N 88 31.43 29.27 -5.82
CA LYS N 88 32.80 29.26 -6.32
C LYS N 88 33.15 30.57 -7.00
N GLU N 89 32.19 31.16 -7.71
CA GLU N 89 32.47 32.46 -8.33
C GLU N 89 32.41 33.60 -7.32
N LYS N 90 31.67 33.42 -6.23
CA LYS N 90 31.73 34.43 -5.16
C LYS N 90 33.09 34.40 -4.46
N VAL N 91 33.68 33.21 -4.32
CA VAL N 91 34.99 33.13 -3.68
C VAL N 91 36.08 33.58 -4.65
N ASP N 92 35.95 33.25 -5.93
CA ASP N 92 36.92 33.70 -6.92
C ASP N 92 36.84 35.20 -7.13
N LYS N 93 35.65 35.77 -6.99
CA LYS N 93 35.50 37.22 -6.95
C LYS N 93 36.10 37.79 -5.68
N GLN N 94 35.99 37.03 -4.58
CA GLN N 94 36.42 37.49 -3.26
C GLN N 94 37.94 37.59 -3.16
N TYR N 95 38.65 36.59 -3.68
CA TYR N 95 40.10 36.52 -3.51
C TYR N 95 40.89 36.71 -4.79
N LYS N 96 40.31 36.39 -5.96
CA LYS N 96 41.02 36.60 -7.22
C LYS N 96 40.92 38.03 -7.72
N SER N 97 40.12 38.86 -7.06
CA SER N 97 40.01 40.27 -7.44
C SER N 97 40.38 41.17 -6.28
N GLY O 3 21.55 -1.31 49.25
CA GLY O 3 20.72 -2.21 48.47
C GLY O 3 19.63 -1.48 47.71
N MET O 4 19.26 -0.30 48.20
CA MET O 4 18.23 0.50 47.55
C MET O 4 18.73 1.04 46.21
N GLU O 5 20.04 1.26 46.13
CA GLU O 5 20.69 1.62 44.87
C GLU O 5 20.50 0.54 43.82
N SER O 6 20.67 -0.72 44.22
CA SER O 6 20.52 -1.83 43.28
C SER O 6 19.07 -2.00 42.83
N LYS O 7 18.13 -1.83 43.76
CA LYS O 7 16.72 -1.95 43.42
C LYS O 7 16.27 -0.82 42.50
N TYR O 8 16.79 0.39 42.70
CA TYR O 8 16.46 1.47 41.78
C TYR O 8 17.16 1.29 40.44
N LYS O 9 18.29 0.59 40.42
CA LYS O 9 18.89 0.23 39.14
C LYS O 9 18.01 -0.75 38.39
N GLU O 10 17.45 -1.73 39.10
CA GLU O 10 16.58 -2.71 38.44
C GLU O 10 15.28 -2.08 37.98
N ILE O 11 14.76 -1.13 38.75
CA ILE O 11 13.56 -0.40 38.37
C ILE O 11 13.82 0.45 37.14
N LEU O 12 14.93 1.18 37.14
CA LEU O 12 15.22 2.10 36.04
C LEU O 12 15.53 1.36 34.75
N LEU O 13 16.44 0.39 34.80
CA LEU O 13 16.79 -0.29 33.56
C LEU O 13 15.74 -1.31 33.16
N LEU O 14 15.34 -2.17 34.09
CA LEU O 14 14.54 -3.33 33.70
C LEU O 14 13.08 -2.96 33.45
N THR O 15 12.48 -2.18 34.32
CA THR O 15 11.08 -1.79 34.13
C THR O 15 10.96 -0.56 33.24
N GLY O 16 11.74 0.48 33.50
CA GLY O 16 11.60 1.73 32.79
C GLY O 16 12.14 1.73 31.37
N LEU O 17 13.45 1.60 31.22
CA LEU O 17 14.05 1.84 29.91
C LEU O 17 13.87 0.67 28.97
N ASP O 18 13.77 -0.55 29.50
CA ASP O 18 13.63 -1.69 28.62
C ASP O 18 12.26 -1.81 27.98
N ASN O 19 11.25 -1.11 28.51
CA ASN O 19 9.88 -1.21 28.01
C ASN O 19 9.56 -0.14 26.97
N ILE O 20 10.44 0.84 26.78
CA ILE O 20 10.20 1.85 25.76
C ILE O 20 10.91 1.41 24.48
N THR O 21 10.35 1.81 23.35
CA THR O 21 10.89 1.40 22.07
C THR O 21 12.05 2.32 21.69
N ASP O 22 12.49 2.19 20.43
CA ASP O 22 13.65 2.95 20.00
C ASP O 22 13.31 4.41 19.73
N GLU O 23 12.18 4.65 19.07
CA GLU O 23 11.74 6.03 18.84
C GLU O 23 11.34 6.70 20.15
N GLU O 24 10.75 5.92 21.06
CA GLU O 24 10.46 6.43 22.39
C GLU O 24 11.72 6.69 23.18
N LEU O 25 12.78 5.91 22.92
CA LEU O 25 14.07 6.19 23.53
C LEU O 25 14.65 7.48 22.98
N ASP O 26 14.40 7.78 21.71
CA ASP O 26 14.91 9.02 21.14
C ASP O 26 14.14 10.22 21.66
N ARG O 27 12.84 10.06 21.91
CA ARG O 27 12.09 11.11 22.61
C ARG O 27 12.61 11.31 24.02
N PHE O 28 12.94 10.20 24.68
CA PHE O 28 13.44 10.26 26.04
C PHE O 28 14.78 10.98 26.12
N LYS O 29 15.68 10.67 25.17
CA LYS O 29 16.95 11.39 25.07
C LYS O 29 16.73 12.84 24.68
N PHE O 30 15.66 13.11 23.93
CA PHE O 30 15.35 14.50 23.58
C PHE O 30 14.91 15.27 24.80
N PHE O 31 14.34 14.61 25.79
CA PHE O 31 13.95 15.29 27.02
C PHE O 31 14.84 14.99 28.23
N LEU O 32 16.00 14.36 28.04
CA LEU O 32 16.92 14.19 29.17
C LEU O 32 17.60 15.50 29.54
N SER O 33 17.92 16.34 28.54
CA SER O 33 18.75 17.50 28.78
C SER O 33 18.03 18.58 29.55
N ASP O 34 16.72 18.48 29.72
CA ASP O 34 15.95 19.47 30.45
C ASP O 34 15.71 19.07 31.90
N GLU O 35 16.21 17.91 32.33
CA GLU O 35 16.00 17.43 33.69
C GLU O 35 17.28 16.99 34.39
N PHE O 36 18.41 16.94 33.68
CA PHE O 36 19.58 16.26 34.19
C PHE O 36 20.89 17.00 34.06
N ASN O 37 20.95 18.05 33.21
CA ASN O 37 22.20 18.74 32.85
C ASN O 37 23.25 17.78 32.30
N ILE O 38 22.81 16.84 31.47
CA ILE O 38 23.71 15.91 30.80
C ILE O 38 23.99 16.43 29.41
N ALA O 39 25.27 16.46 29.05
CA ALA O 39 25.70 16.81 27.70
C ALA O 39 25.19 15.81 26.68
N THR O 40 24.55 16.31 25.62
CA THR O 40 23.80 15.45 24.71
C THR O 40 24.69 14.73 23.72
N GLY O 41 25.95 15.16 23.60
CA GLY O 41 26.86 14.60 22.60
C GLY O 41 27.19 13.14 22.80
N LYS O 42 27.10 12.66 24.04
CA LYS O 42 27.20 11.22 24.29
C LYS O 42 25.84 10.57 24.43
N LEU O 43 24.78 11.36 24.61
CA LEU O 43 23.44 10.80 24.62
C LEU O 43 23.00 10.35 23.23
N HIS O 44 23.54 11.01 22.19
CA HIS O 44 23.03 10.89 20.83
C HIS O 44 23.12 9.49 20.24
N THR O 45 24.11 8.70 20.66
CA THR O 45 24.27 7.33 20.17
C THR O 45 24.24 6.30 21.28
N ALA O 46 23.78 6.68 22.47
CA ALA O 46 23.77 5.74 23.58
C ALA O 46 22.64 4.74 23.43
N ASN O 47 22.81 3.57 24.02
CA ASN O 47 21.73 2.62 24.19
C ASN O 47 21.18 2.75 25.60
N ARG O 48 20.26 1.84 25.95
CA ARG O 48 19.52 1.93 27.20
C ARG O 48 20.42 1.80 28.42
N ILE O 49 21.48 1.01 28.29
CA ILE O 49 22.38 0.76 29.40
C ILE O 49 23.26 1.98 29.64
N GLN O 50 23.73 2.61 28.55
CA GLN O 50 24.54 3.81 28.70
C GLN O 50 23.70 4.99 29.12
N VAL O 51 22.43 5.02 28.72
CA VAL O 51 21.52 6.05 29.19
C VAL O 51 21.27 5.91 30.67
N ALA O 52 21.06 4.68 31.14
CA ALA O 52 20.89 4.45 32.58
C ALA O 52 22.17 4.76 33.35
N THR O 53 23.33 4.52 32.74
CA THR O 53 24.60 4.81 33.39
C THR O 53 24.83 6.31 33.51
N LEU O 54 24.42 7.07 32.49
CA LEU O 54 24.56 8.52 32.56
C LEU O 54 23.55 9.14 33.51
N MET O 55 22.37 8.55 33.61
CA MET O 55 21.34 9.10 34.50
C MET O 55 21.68 8.82 35.96
N ILE O 56 22.06 7.58 36.27
CA ILE O 56 22.43 7.23 37.64
C ILE O 56 23.74 7.90 38.03
N GLN O 57 24.66 7.99 37.07
CA GLN O 57 25.95 8.64 37.34
C GLN O 57 25.78 10.14 37.55
N ASN O 58 24.85 10.76 36.82
CA ASN O 58 24.77 12.21 36.85
C ASN O 58 23.72 12.75 37.79
N ALA O 59 22.84 11.91 38.35
CA ALA O 59 21.91 12.40 39.35
C ALA O 59 21.61 11.44 40.48
N GLY O 60 22.27 10.30 40.56
CA GLY O 60 21.86 9.34 41.57
C GLY O 60 20.68 8.51 41.13
N ALA O 61 20.52 7.35 41.77
CA ALA O 61 19.50 6.41 41.34
C ALA O 61 18.10 6.86 41.74
N VAL O 62 17.98 7.52 42.90
CA VAL O 62 16.67 7.91 43.42
C VAL O 62 16.05 8.99 42.54
N SER O 63 16.78 10.09 42.36
CA SER O 63 16.32 11.15 41.46
C SER O 63 16.39 10.73 40.00
N ALA O 64 17.17 9.70 39.68
CA ALA O 64 17.16 9.16 38.32
C ALA O 64 15.82 8.51 38.02
N VAL O 65 15.33 7.66 38.93
CA VAL O 65 14.05 7.00 38.72
C VAL O 65 12.90 7.99 38.85
N MET O 66 13.00 8.93 39.79
CA MET O 66 11.93 9.90 39.97
C MET O 66 11.83 10.86 38.78
N LYS O 67 12.97 11.29 38.25
CA LYS O 67 12.93 12.12 37.06
C LYS O 67 12.63 11.30 35.82
N THR O 68 12.82 9.98 35.86
CA THR O 68 12.36 9.12 34.78
C THR O 68 10.84 9.10 34.74
N ILE O 69 10.22 9.03 35.92
CA ILE O 69 8.76 9.14 36.02
C ILE O 69 8.31 10.50 35.51
N ARG O 70 9.06 11.55 35.82
CA ARG O 70 8.69 12.89 35.39
C ARG O 70 8.78 13.05 33.86
N ILE O 71 9.82 12.49 33.24
CA ILE O 71 9.96 12.60 31.80
C ILE O 71 8.95 11.71 31.09
N PHE O 72 8.64 10.55 31.67
CA PHE O 72 7.61 9.69 31.11
C PHE O 72 6.23 10.34 31.23
N GLN O 73 6.04 11.21 32.21
CA GLN O 73 4.79 11.96 32.27
C GLN O 73 4.82 13.15 31.33
N LYS O 74 6.02 13.60 30.95
CA LYS O 74 6.10 14.62 29.89
C LYS O 74 5.73 14.03 28.54
N LEU O 75 6.04 12.76 28.32
CA LEU O 75 5.77 12.10 27.06
C LEU O 75 4.39 11.44 27.03
N ASN O 76 3.55 11.71 28.03
CA ASN O 76 2.23 11.12 28.22
C ASN O 76 2.25 9.61 28.25
N TYR O 77 3.26 9.01 28.87
CA TYR O 77 3.32 7.55 29.01
C TYR O 77 2.84 7.19 30.42
N MET O 78 1.52 7.25 30.58
CA MET O 78 0.92 7.12 31.90
C MET O 78 1.05 5.70 32.43
N LEU O 79 1.09 4.71 31.54
CA LEU O 79 1.21 3.32 31.96
C LEU O 79 2.58 3.05 32.56
N LEU O 80 3.63 3.47 31.86
CA LEU O 80 4.99 3.21 32.34
C LEU O 80 5.33 4.06 33.55
N ALA O 81 4.81 5.29 33.61
CA ALA O 81 5.01 6.12 34.78
C ALA O 81 4.28 5.54 35.99
N LYS O 82 3.10 4.96 35.76
CA LYS O 82 2.36 4.31 36.82
C LYS O 82 3.08 3.05 37.30
N ARG O 83 3.70 2.32 36.36
CA ARG O 83 4.43 1.11 36.73
C ARG O 83 5.71 1.44 37.49
N LEU O 84 6.38 2.53 37.10
CA LEU O 84 7.58 2.93 37.84
C LEU O 84 7.22 3.48 39.21
N GLN O 85 6.06 4.10 39.35
CA GLN O 85 5.62 4.50 40.68
C GLN O 85 5.22 3.30 41.53
N GLU O 86 4.68 2.26 40.90
CA GLU O 86 4.35 1.06 41.66
C GLU O 86 5.60 0.33 42.14
N GLU O 87 6.59 0.17 41.26
CA GLU O 87 7.83 -0.48 41.65
C GLU O 87 8.61 0.37 42.65
N LYS O 88 8.58 1.69 42.46
CA LYS O 88 9.28 2.59 43.35
C LYS O 88 8.66 2.60 44.74
N GLU O 89 7.33 2.50 44.81
CA GLU O 89 6.70 2.44 46.12
C GLU O 89 6.81 1.06 46.74
N LYS O 90 6.99 0.01 45.94
CA LYS O 90 7.29 -1.30 46.53
C LYS O 90 8.69 -1.32 47.13
N VAL O 91 9.63 -0.61 46.51
CA VAL O 91 10.98 -0.58 47.07
C VAL O 91 11.04 0.36 48.26
N ASP O 92 10.32 1.49 48.21
CA ASP O 92 10.29 2.39 49.35
C ASP O 92 9.55 1.77 50.53
N LYS O 93 8.56 0.93 50.25
CA LYS O 93 7.94 0.12 51.30
C LYS O 93 8.91 -0.94 51.80
N GLN O 94 9.74 -1.45 50.90
CA GLN O 94 10.67 -2.55 51.21
C GLN O 94 11.79 -2.10 52.15
N TYR O 95 12.36 -0.93 51.90
CA TYR O 95 13.54 -0.48 52.64
C TYR O 95 13.28 0.72 53.53
N LYS O 96 12.31 1.57 53.21
CA LYS O 96 12.01 2.71 54.06
C LYS O 96 11.12 2.35 55.24
N SER O 97 10.62 1.12 55.28
CA SER O 97 9.79 0.67 56.41
C SER O 97 10.43 -0.54 57.07
N GLY P 3 -14.36 20.54 -38.62
CA GLY P 3 -15.68 21.09 -38.37
C GLY P 3 -16.77 20.35 -39.11
N MET P 4 -16.39 19.70 -40.22
CA MET P 4 -17.35 18.94 -41.01
C MET P 4 -17.83 17.71 -40.25
N GLU P 5 -16.95 17.17 -39.39
CA GLU P 5 -17.33 16.10 -38.48
C GLU P 5 -18.46 16.52 -37.55
N SER P 6 -18.37 17.73 -37.00
CA SER P 6 -19.39 18.22 -36.09
C SER P 6 -20.71 18.48 -36.80
N LYS P 7 -20.64 19.01 -38.03
CA LYS P 7 -21.85 19.27 -38.79
C LYS P 7 -22.54 17.97 -39.20
N TYR P 8 -21.75 16.94 -39.54
CA TYR P 8 -22.37 15.65 -39.84
C TYR P 8 -22.89 14.97 -38.59
N LYS P 9 -22.31 15.29 -37.42
CA LYS P 9 -22.90 14.81 -36.17
C LYS P 9 -24.26 15.45 -35.93
N GLU P 10 -24.38 16.76 -36.21
CA GLU P 10 -25.64 17.45 -36.01
C GLU P 10 -26.69 16.99 -37.01
N ILE P 11 -26.26 16.70 -38.24
CA ILE P 11 -27.15 16.18 -39.26
C ILE P 11 -27.66 14.79 -38.87
N LEU P 12 -26.73 13.92 -38.44
CA LEU P 12 -27.09 12.54 -38.15
C LEU P 12 -27.97 12.45 -36.91
N LEU P 13 -27.57 13.08 -35.81
CA LEU P 13 -28.36 12.94 -34.60
C LEU P 13 -29.59 13.83 -34.64
N LEU P 14 -29.41 15.12 -34.96
CA LEU P 14 -30.50 16.07 -34.77
C LEU P 14 -31.55 15.96 -35.85
N THR P 15 -31.15 15.89 -37.11
CA THR P 15 -32.13 15.78 -38.19
C THR P 15 -32.55 14.33 -38.43
N GLY P 16 -31.59 13.42 -38.53
CA GLY P 16 -31.89 12.06 -38.89
C GLY P 16 -32.53 11.23 -37.80
N LEU P 17 -31.80 10.96 -36.73
CA LEU P 17 -32.26 9.97 -35.77
C LEU P 17 -33.33 10.52 -34.83
N ASP P 18 -33.31 11.82 -34.57
CA ASP P 18 -34.30 12.38 -33.65
C ASP P 18 -35.70 12.46 -34.26
N ASN P 19 -35.82 12.37 -35.58
CA ASN P 19 -37.11 12.51 -36.24
C ASN P 19 -37.80 11.18 -36.48
N ILE P 20 -37.11 10.07 -36.25
CA ILE P 20 -37.76 8.76 -36.40
C ILE P 20 -38.28 8.34 -35.05
N THR P 21 -39.36 7.57 -35.06
CA THR P 21 -40.00 7.14 -33.83
C THR P 21 -39.29 5.92 -33.28
N ASP P 22 -39.91 5.30 -32.27
CA ASP P 22 -39.25 4.19 -31.60
C ASP P 22 -39.32 2.91 -32.43
N GLU P 23 -40.48 2.63 -33.02
CA GLU P 23 -40.61 1.47 -33.91
C GLU P 23 -39.79 1.66 -35.17
N GLU P 24 -39.73 2.90 -35.67
CA GLU P 24 -38.87 3.21 -36.79
C GLU P 24 -37.40 3.09 -36.41
N LEU P 25 -37.07 3.37 -35.15
CA LEU P 25 -35.71 3.14 -34.68
C LEU P 25 -35.40 1.65 -34.63
N ASP P 26 -36.40 0.83 -34.31
CA ASP P 26 -36.17 -0.61 -34.28
C ASP P 26 -36.02 -1.19 -35.68
N ARG P 27 -36.75 -0.62 -36.66
CA ARG P 27 -36.51 -0.98 -38.05
C ARG P 27 -35.12 -0.56 -38.50
N PHE P 28 -34.69 0.62 -38.04
CA PHE P 28 -33.38 1.14 -38.41
C PHE P 28 -32.27 0.27 -37.85
N LYS P 29 -32.41 -0.15 -36.59
CA LYS P 29 -31.46 -1.09 -35.99
C LYS P 29 -31.54 -2.45 -36.66
N PHE P 30 -32.71 -2.81 -37.17
CA PHE P 30 -32.84 -4.06 -37.90
C PHE P 30 -32.09 -4.01 -39.22
N PHE P 31 -31.93 -2.82 -39.79
CA PHE P 31 -31.16 -2.69 -41.03
C PHE P 31 -29.79 -2.05 -40.85
N LEU P 32 -29.29 -1.87 -39.62
CA LEU P 32 -27.92 -1.38 -39.46
C LEU P 32 -26.89 -2.45 -39.79
N SER P 33 -27.18 -3.71 -39.48
CA SER P 33 -26.17 -4.75 -39.59
C SER P 33 -25.86 -5.12 -41.04
N ASP P 34 -26.64 -4.64 -41.99
CA ASP P 34 -26.40 -4.92 -43.39
C ASP P 34 -25.64 -3.82 -44.09
N GLU P 35 -25.27 -2.75 -43.38
CA GLU P 35 -24.57 -1.63 -43.98
C GLU P 35 -23.34 -1.21 -43.21
N PHE P 36 -23.10 -1.77 -42.03
CA PHE P 36 -22.11 -1.21 -41.12
C PHE P 36 -21.15 -2.21 -40.49
N ASN P 37 -21.46 -3.51 -40.53
CA ASN P 37 -20.72 -4.56 -39.82
C ASN P 37 -20.63 -4.26 -38.32
N ILE P 38 -21.73 -3.79 -37.75
CA ILE P 38 -21.82 -3.55 -36.31
C ILE P 38 -22.49 -4.75 -35.67
N ALA P 39 -21.88 -5.24 -34.60
CA ALA P 39 -22.47 -6.31 -33.79
C ALA P 39 -23.78 -5.87 -33.14
N THR P 40 -24.82 -6.67 -33.31
CA THR P 40 -26.18 -6.23 -32.96
C THR P 40 -26.45 -6.33 -31.47
N GLY P 41 -25.60 -7.03 -30.72
CA GLY P 41 -25.83 -7.28 -29.31
C GLY P 41 -25.81 -6.03 -28.45
N LYS P 42 -25.11 -4.98 -28.90
CA LYS P 42 -25.20 -3.69 -28.25
C LYS P 42 -26.17 -2.76 -28.96
N LEU P 43 -26.57 -3.09 -30.19
CA LEU P 43 -27.59 -2.31 -30.87
C LEU P 43 -28.97 -2.53 -30.25
N HIS P 44 -29.19 -3.72 -29.69
CA HIS P 44 -30.52 -4.18 -29.30
C HIS P 44 -31.21 -3.32 -28.25
N THR P 45 -30.44 -2.69 -27.36
CA THR P 45 -31.00 -1.82 -26.33
C THR P 45 -30.48 -0.40 -26.41
N ALA P 46 -29.85 -0.01 -27.51
CA ALA P 46 -29.31 1.33 -27.61
C ALA P 46 -30.41 2.34 -27.83
N ASN P 47 -30.15 3.58 -27.43
CA ASN P 47 -30.99 4.71 -27.82
C ASN P 47 -30.32 5.43 -28.98
N ARG P 48 -30.91 6.57 -29.36
CA ARG P 48 -30.50 7.29 -30.56
C ARG P 48 -29.07 7.80 -30.47
N ILE P 49 -28.65 8.15 -29.26
CA ILE P 49 -27.32 8.71 -29.06
C ILE P 49 -26.28 7.60 -29.16
N GLN P 50 -26.57 6.44 -28.59
CA GLN P 50 -25.65 5.32 -28.68
C GLN P 50 -25.62 4.74 -30.08
N VAL P 51 -26.75 4.80 -30.79
CA VAL P 51 -26.78 4.37 -32.17
C VAL P 51 -25.92 5.29 -33.04
N ALA P 52 -26.03 6.61 -32.82
CA ALA P 52 -25.20 7.55 -33.54
C ALA P 52 -23.72 7.39 -33.17
N THR P 53 -23.44 7.01 -31.92
CA THR P 53 -22.06 6.81 -31.51
C THR P 53 -21.47 5.56 -32.15
N LEU P 54 -22.28 4.51 -32.30
CA LEU P 54 -21.77 3.30 -32.95
C LEU P 54 -21.63 3.48 -34.45
N MET P 55 -22.50 4.30 -35.05
CA MET P 55 -22.42 4.52 -36.49
C MET P 55 -21.23 5.40 -36.85
N ILE P 56 -21.06 6.51 -36.12
CA ILE P 56 -19.93 7.41 -36.37
C ILE P 56 -18.62 6.73 -35.97
N GLN P 57 -18.65 5.97 -34.88
CA GLN P 57 -17.46 5.27 -34.42
C GLN P 57 -17.07 4.15 -35.38
N ASN P 58 -18.05 3.49 -35.99
CA ASN P 58 -17.75 2.31 -36.78
C ASN P 58 -17.64 2.58 -38.26
N ALA P 59 -18.03 3.74 -38.75
CA ALA P 59 -17.84 4.06 -40.16
C ALA P 59 -17.46 5.50 -40.46
N GLY P 60 -17.24 6.34 -39.47
CA GLY P 60 -17.03 7.73 -39.81
C GLY P 60 -18.34 8.48 -40.00
N ALA P 61 -18.26 9.80 -39.86
CA ALA P 61 -19.47 10.61 -39.91
C ALA P 61 -20.01 10.75 -41.32
N VAL P 62 -19.12 10.80 -42.32
CA VAL P 62 -19.55 11.04 -43.70
C VAL P 62 -20.31 9.84 -44.23
N SER P 63 -19.69 8.66 -44.17
CA SER P 63 -20.37 7.44 -44.56
C SER P 63 -21.46 7.04 -43.57
N ALA P 64 -21.41 7.56 -42.34
CA ALA P 64 -22.50 7.34 -41.41
C ALA P 64 -23.77 8.04 -41.87
N VAL P 65 -23.65 9.31 -42.27
CA VAL P 65 -24.81 10.05 -42.74
C VAL P 65 -25.26 9.55 -44.11
N MET P 66 -24.30 9.21 -44.98
CA MET P 66 -24.65 8.74 -46.32
C MET P 66 -25.33 7.37 -46.25
N LYS P 67 -24.84 6.48 -45.40
CA LYS P 67 -25.51 5.20 -45.23
C LYS P 67 -26.78 5.33 -44.42
N THR P 68 -26.94 6.41 -43.65
CA THR P 68 -28.22 6.69 -43.01
C THR P 68 -29.26 7.04 -44.05
N ILE P 69 -28.86 7.83 -45.05
CA ILE P 69 -29.73 8.12 -46.19
C ILE P 69 -30.08 6.84 -46.92
N ARG P 70 -29.10 5.94 -47.06
CA ARG P 70 -29.34 4.69 -47.78
C ARG P 70 -30.32 3.78 -47.02
N ILE P 71 -30.18 3.69 -45.70
CA ILE P 71 -31.09 2.85 -44.92
C ILE P 71 -32.48 3.48 -44.84
N PHE P 72 -32.54 4.81 -44.78
CA PHE P 72 -33.83 5.47 -44.81
C PHE P 72 -34.52 5.31 -46.16
N GLN P 73 -33.75 5.12 -47.23
CA GLN P 73 -34.35 4.80 -48.51
C GLN P 73 -34.72 3.33 -48.60
N LYS P 74 -34.08 2.48 -47.79
CA LYS P 74 -34.53 1.10 -47.70
C LYS P 74 -35.87 0.99 -46.99
N LEU P 75 -36.11 1.87 -46.02
CA LEU P 75 -37.35 1.87 -45.26
C LEU P 75 -38.45 2.71 -45.90
N ASN P 76 -38.24 3.18 -47.13
CA ASN P 76 -39.13 4.06 -47.88
C ASN P 76 -39.45 5.34 -47.13
N TYR P 77 -38.49 5.93 -46.42
CA TYR P 77 -38.69 7.19 -45.73
C TYR P 77 -38.11 8.31 -46.60
N MET P 78 -38.86 8.64 -47.65
CA MET P 78 -38.36 9.56 -48.68
C MET P 78 -38.24 10.98 -48.15
N LEU P 79 -39.08 11.34 -47.19
CA LEU P 79 -39.03 12.69 -46.63
C LEU P 79 -37.77 12.90 -45.82
N LEU P 80 -37.45 11.95 -44.92
CA LEU P 80 -36.27 12.10 -44.09
C LEU P 80 -34.98 11.91 -44.87
N ALA P 81 -35.00 11.04 -45.88
CA ALA P 81 -33.84 10.89 -46.74
C ALA P 81 -33.61 12.14 -47.57
N LYS P 82 -34.70 12.78 -48.01
CA LYS P 82 -34.59 14.03 -48.74
C LYS P 82 -34.08 15.15 -47.84
N ARG P 83 -34.50 15.15 -46.57
CA ARG P 83 -34.04 16.18 -45.65
C ARG P 83 -32.58 15.99 -45.28
N LEU P 84 -32.14 14.73 -45.15
CA LEU P 84 -30.74 14.49 -44.87
C LEU P 84 -29.86 14.81 -46.08
N GLN P 85 -30.39 14.61 -47.29
CA GLN P 85 -29.65 15.04 -48.46
C GLN P 85 -29.61 16.56 -48.58
N GLU P 86 -30.67 17.25 -48.13
CA GLU P 86 -30.64 18.71 -48.16
C GLU P 86 -29.63 19.26 -47.16
N GLU P 87 -29.64 18.73 -45.93
CA GLU P 87 -28.68 19.19 -44.92
C GLU P 87 -27.26 18.80 -45.30
N LYS P 88 -27.09 17.61 -45.88
CA LYS P 88 -25.78 17.14 -46.28
C LYS P 88 -25.22 17.97 -47.42
N GLU P 89 -26.08 18.39 -48.34
CA GLU P 89 -25.59 19.23 -49.42
C GLU P 89 -25.40 20.67 -48.97
N LYS P 90 -26.11 21.11 -47.92
CA LYS P 90 -25.80 22.42 -47.36
C LYS P 90 -24.45 22.42 -46.66
N VAL P 91 -24.09 21.31 -46.03
CA VAL P 91 -22.78 21.25 -45.37
C VAL P 91 -21.66 21.05 -46.39
N ASP P 92 -21.93 20.26 -47.44
CA ASP P 92 -20.92 20.07 -48.48
C ASP P 92 -20.73 21.35 -49.29
N LYS P 93 -21.79 22.13 -49.44
CA LYS P 93 -21.66 23.47 -50.00
C LYS P 93 -20.91 24.39 -49.04
N GLN P 94 -21.11 24.18 -47.74
CA GLN P 94 -20.54 25.03 -46.72
C GLN P 94 -19.03 24.87 -46.60
N TYR P 95 -18.54 23.64 -46.65
CA TYR P 95 -17.12 23.37 -46.42
C TYR P 95 -16.37 22.87 -47.64
N LYS P 96 -17.05 22.22 -48.58
CA LYS P 96 -16.38 21.76 -49.79
C LYS P 96 -16.23 22.85 -50.83
N SER P 97 -16.82 24.01 -50.61
CA SER P 97 -16.69 25.14 -51.53
C SER P 97 -16.09 26.34 -50.82
N GLY Q 3 -40.51 14.43 16.41
CA GLY Q 3 -41.52 13.47 16.01
C GLY Q 3 -42.47 14.01 14.97
N MET Q 4 -42.60 15.34 14.93
CA MET Q 4 -43.48 15.98 13.96
C MET Q 4 -42.92 15.82 12.54
N GLU Q 5 -41.59 15.75 12.44
CA GLU Q 5 -40.93 15.43 11.18
C GLU Q 5 -41.36 14.08 10.65
N SER Q 6 -41.42 13.07 11.52
CA SER Q 6 -41.81 11.73 11.11
C SER Q 6 -43.28 11.66 10.71
N LYS Q 7 -44.14 12.38 11.44
CA LYS Q 7 -45.56 12.39 11.10
C LYS Q 7 -45.81 13.11 9.79
N TYR Q 8 -45.06 14.17 9.50
CA TYR Q 8 -45.21 14.83 8.21
C TYR Q 8 -44.60 13.99 7.09
N LYS Q 9 -43.62 13.14 7.41
CA LYS Q 9 -43.14 12.19 6.41
C LYS Q 9 -44.22 11.17 6.09
N GLU Q 10 -44.94 10.69 7.10
CA GLU Q 10 -45.99 9.71 6.86
C GLU Q 10 -47.17 10.33 6.12
N ILE Q 11 -47.47 11.60 6.42
CA ILE Q 11 -48.52 12.32 5.71
C ILE Q 11 -48.14 12.52 4.25
N LEU Q 12 -46.91 12.97 4.02
CA LEU Q 12 -46.48 13.28 2.65
C LEU Q 12 -46.37 12.03 1.79
N LEU Q 13 -45.66 11.02 2.28
CA LEU Q 13 -45.47 9.85 1.44
C LEU Q 13 -46.72 8.96 1.43
N LEU Q 14 -47.25 8.64 2.61
CA LEU Q 14 -48.27 7.60 2.69
C LEU Q 14 -49.63 8.10 2.23
N THR Q 15 -50.05 9.27 2.69
CA THR Q 15 -51.34 9.81 2.27
C THR Q 15 -51.26 10.56 0.95
N GLY Q 16 -50.29 11.46 0.82
CA GLY Q 16 -50.22 12.31 -0.35
C GLY Q 16 -49.73 11.63 -1.62
N LEU Q 17 -48.47 11.21 -1.64
CA LEU Q 17 -47.88 10.78 -2.89
C LEU Q 17 -48.31 9.38 -3.29
N ASP Q 18 -48.62 8.53 -2.32
CA ASP Q 18 -49.01 7.16 -2.66
C ASP Q 18 -50.41 7.07 -3.26
N ASN Q 19 -51.23 8.09 -3.12
CA ASN Q 19 -52.61 8.05 -3.60
C ASN Q 19 -52.75 8.66 -5.00
N ILE Q 20 -51.72 9.28 -5.53
CA ILE Q 20 -51.78 9.81 -6.88
C ILE Q 20 -51.21 8.77 -7.82
N THR Q 21 -51.72 8.77 -9.05
CA THR Q 21 -51.31 7.78 -10.03
C THR Q 21 -50.02 8.23 -10.70
N ASP Q 22 -49.64 7.52 -11.77
CA ASP Q 22 -48.36 7.81 -12.41
C ASP Q 22 -48.44 9.06 -13.27
N GLU Q 23 -49.52 9.23 -14.02
CA GLU Q 23 -49.70 10.45 -14.81
C GLU Q 23 -49.91 11.65 -13.90
N GLU Q 24 -50.62 11.44 -12.79
CA GLU Q 24 -50.77 12.49 -11.79
C GLU Q 24 -49.45 12.80 -11.12
N LEU Q 25 -48.58 11.81 -10.99
CA LEU Q 25 -47.23 12.05 -10.48
C LEU Q 25 -46.43 12.88 -11.48
N ASP Q 26 -46.65 12.66 -12.78
CA ASP Q 26 -45.94 13.45 -13.78
C ASP Q 26 -46.45 14.89 -13.83
N ARG Q 27 -47.75 15.09 -13.60
CA ARG Q 27 -48.25 16.45 -13.43
C ARG Q 27 -47.67 17.10 -12.18
N PHE Q 28 -47.52 16.32 -11.12
CA PHE Q 28 -46.99 16.84 -9.86
C PHE Q 28 -45.54 17.26 -10.03
N LYS Q 29 -44.74 16.44 -10.72
CA LYS Q 29 -43.36 16.80 -11.04
C LYS Q 29 -43.31 17.96 -12.00
N PHE Q 30 -44.32 18.11 -12.85
CA PHE Q 30 -44.38 19.26 -13.75
C PHE Q 30 -44.63 20.54 -12.97
N PHE Q 31 -45.29 20.45 -11.82
CA PHE Q 31 -45.50 21.63 -10.99
C PHE Q 31 -44.65 21.69 -9.73
N LEU Q 32 -43.63 20.83 -9.59
CA LEU Q 32 -42.72 20.98 -8.44
C LEU Q 32 -41.78 22.15 -8.61
N SER Q 33 -41.35 22.44 -9.83
CA SER Q 33 -40.30 23.43 -10.04
C SER Q 33 -40.77 24.85 -9.82
N ASP Q 34 -42.08 25.06 -9.68
CA ASP Q 34 -42.63 26.39 -9.46
C ASP Q 34 -42.89 26.67 -7.99
N GLU Q 35 -42.60 25.72 -7.10
CA GLU Q 35 -42.85 25.88 -5.68
C GLU Q 35 -41.67 25.53 -4.80
N PHE Q 36 -40.60 24.99 -5.37
CA PHE Q 36 -39.56 24.36 -4.56
C PHE Q 36 -38.14 24.73 -4.92
N ASN Q 37 -37.89 25.30 -6.12
CA ASN Q 37 -36.56 25.55 -6.67
C ASN Q 37 -35.73 24.27 -6.72
N ILE Q 38 -36.36 23.17 -7.12
CA ILE Q 38 -35.68 21.90 -7.30
C ILE Q 38 -35.34 21.75 -8.78
N ALA Q 39 -34.09 21.38 -9.06
CA ALA Q 39 -33.65 21.07 -10.40
C ALA Q 39 -34.39 19.85 -10.96
N THR Q 40 -34.94 19.98 -12.17
CA THR Q 40 -35.88 18.99 -12.68
C THR Q 40 -35.17 17.77 -13.24
N GLY Q 41 -33.85 17.87 -13.47
CA GLY Q 41 -33.10 16.80 -14.11
C GLY Q 41 -33.04 15.52 -13.31
N LYS Q 42 -33.19 15.60 -12.00
CA LYS Q 42 -33.36 14.40 -11.18
C LYS Q 42 -34.82 14.13 -10.85
N LEU Q 43 -35.71 15.10 -11.06
CA LEU Q 43 -37.13 14.86 -10.89
C LEU Q 43 -37.67 13.99 -12.00
N HIS Q 44 -37.07 14.05 -13.19
CA HIS Q 44 -37.63 13.48 -14.41
C HIS Q 44 -37.83 11.97 -14.37
N THR Q 45 -36.99 11.24 -13.63
CA THR Q 45 -37.12 9.80 -13.51
C THR Q 45 -37.31 9.33 -12.08
N ALA Q 46 -37.64 10.25 -11.16
CA ALA Q 46 -37.80 9.85 -9.77
C ALA Q 46 -39.11 9.11 -9.57
N ASN Q 47 -39.13 8.27 -8.54
CA ASN Q 47 -40.38 7.70 -8.06
C ASN Q 47 -40.85 8.49 -6.84
N ARG Q 48 -41.90 7.99 -6.20
CA ARG Q 48 -42.58 8.73 -5.13
C ARG Q 48 -41.68 8.92 -3.92
N ILE Q 49 -40.80 7.97 -3.67
CA ILE Q 49 -39.92 8.04 -2.52
C ILE Q 49 -38.83 9.06 -2.75
N GLN Q 50 -38.28 9.09 -3.96
CA GLN Q 50 -37.24 10.07 -4.28
C GLN Q 50 -37.83 11.47 -4.41
N VAL Q 51 -39.09 11.56 -4.85
CA VAL Q 51 -39.77 12.84 -4.90
C VAL Q 51 -39.99 13.37 -3.49
N ALA Q 52 -40.42 12.50 -2.57
CA ALA Q 52 -40.57 12.90 -1.18
C ALA Q 52 -39.24 13.26 -0.54
N THR Q 53 -38.17 12.58 -0.94
CA THR Q 53 -36.86 12.86 -0.40
C THR Q 53 -36.34 14.22 -0.89
N LEU Q 54 -36.62 14.56 -2.15
CA LEU Q 54 -36.20 15.86 -2.67
C LEU Q 54 -37.04 16.98 -2.10
N MET Q 55 -38.32 16.72 -1.83
CA MET Q 55 -39.19 17.76 -1.29
C MET Q 55 -38.87 18.05 0.17
N ILE Q 56 -38.72 16.99 0.97
CA ILE Q 56 -38.38 17.17 2.39
C ILE Q 56 -36.95 17.69 2.53
N GLN Q 57 -36.05 17.20 1.67
CA GLN Q 57 -34.67 17.65 1.71
C GLN Q 57 -34.54 19.10 1.28
N ASN Q 58 -35.35 19.53 0.33
CA ASN Q 58 -35.15 20.85 -0.25
C ASN Q 58 -36.05 21.92 0.35
N ALA Q 59 -37.05 21.56 1.15
CA ALA Q 59 -37.85 22.58 1.82
C ALA Q 59 -38.28 22.24 3.24
N GLY Q 60 -37.85 21.13 3.80
CA GLY Q 60 -38.41 20.76 5.09
C GLY Q 60 -39.75 20.06 4.97
N ALA Q 61 -40.10 19.32 6.02
CA ALA Q 61 -41.30 18.49 5.95
C ALA Q 61 -42.57 19.32 6.07
N VAL Q 62 -42.52 20.41 6.84
CA VAL Q 62 -43.72 21.21 7.10
C VAL Q 62 -44.15 21.93 5.83
N SER Q 63 -43.23 22.71 5.25
CA SER Q 63 -43.51 23.37 3.99
C SER Q 63 -43.56 22.39 2.82
N ALA Q 64 -43.00 21.19 2.98
CA ALA Q 64 -43.16 20.17 1.96
C ALA Q 64 -44.60 19.70 1.89
N VAL Q 65 -45.22 19.41 3.04
CA VAL Q 65 -46.61 18.97 3.05
C VAL Q 65 -47.54 20.13 2.70
N MET Q 66 -47.23 21.33 3.19
CA MET Q 66 -48.09 22.48 2.91
C MET Q 66 -48.04 22.86 1.44
N LYS Q 67 -46.86 22.82 0.84
CA LYS Q 67 -46.78 23.09 -0.59
C LYS Q 67 -47.27 21.90 -1.41
N THR Q 68 -47.34 20.71 -0.82
CA THR Q 68 -47.99 19.58 -1.50
C THR Q 68 -49.48 19.83 -1.60
N ILE Q 69 -50.07 20.37 -0.52
CA ILE Q 69 -51.47 20.78 -0.54
C ILE Q 69 -51.68 21.87 -1.59
N ARG Q 70 -50.72 22.79 -1.69
CA ARG Q 70 -50.85 23.88 -2.65
C ARG Q 70 -50.78 23.39 -4.09
N ILE Q 71 -49.88 22.45 -4.38
CA ILE Q 71 -49.76 21.93 -5.75
C ILE Q 71 -50.95 21.02 -6.07
N PHE Q 72 -51.45 20.29 -5.09
CA PHE Q 72 -52.66 19.49 -5.30
C PHE Q 72 -53.88 20.38 -5.53
N GLN Q 73 -53.87 21.59 -4.99
CA GLN Q 73 -54.95 22.51 -5.30
C GLN Q 73 -54.72 23.19 -6.64
N LYS Q 74 -53.46 23.22 -7.12
CA LYS Q 74 -53.23 23.68 -8.48
C LYS Q 74 -53.75 22.67 -9.50
N LEU Q 75 -53.69 21.39 -9.18
CA LEU Q 75 -54.13 20.34 -10.07
C LEU Q 75 -55.61 20.00 -9.90
N ASN Q 76 -56.34 20.80 -9.14
CA ASN Q 76 -57.75 20.60 -8.80
C ASN Q 76 -58.02 19.25 -8.15
N TYR Q 77 -57.12 18.78 -7.29
CA TYR Q 77 -57.33 17.54 -6.56
C TYR Q 77 -57.83 17.87 -5.16
N MET Q 78 -59.12 18.23 -5.10
CA MET Q 78 -59.68 18.76 -3.87
C MET Q 78 -59.82 17.69 -2.80
N LEU Q 79 -59.99 16.43 -3.22
CA LEU Q 79 -60.13 15.34 -2.26
C LEU Q 79 -58.81 15.08 -1.54
N LEU Q 80 -57.72 14.98 -2.30
CA LEU Q 80 -56.43 14.70 -1.69
C LEU Q 80 -55.89 15.88 -0.91
N ALA Q 81 -56.17 17.11 -1.39
CA ALA Q 81 -55.77 18.29 -0.64
C ALA Q 81 -56.56 18.39 0.66
N LYS Q 82 -57.84 18.00 0.62
CA LYS Q 82 -58.65 17.99 1.84
C LYS Q 82 -58.16 16.92 2.80
N ARG Q 83 -57.73 15.77 2.28
CA ARG Q 83 -57.23 14.70 3.15
C ARG Q 83 -55.90 15.07 3.76
N LEU Q 84 -55.04 15.77 3.01
CA LEU Q 84 -53.76 16.19 3.57
C LEU Q 84 -53.97 17.30 4.59
N GLN Q 85 -54.99 18.14 4.40
CA GLN Q 85 -55.29 19.13 5.43
C GLN Q 85 -55.89 18.47 6.67
N GLU Q 86 -56.64 17.38 6.50
CA GLU Q 86 -57.17 16.68 7.67
C GLU Q 86 -56.06 15.99 8.46
N GLU Q 87 -55.16 15.30 7.77
CA GLU Q 87 -54.05 14.65 8.46
C GLU Q 87 -53.09 15.67 9.06
N LYS Q 88 -52.87 16.78 8.35
CA LYS Q 88 -51.98 17.82 8.83
C LYS Q 88 -52.55 18.51 10.07
N GLU Q 89 -53.87 18.69 10.10
CA GLU Q 89 -54.46 19.29 11.28
C GLU Q 89 -54.59 18.29 12.42
N LYS Q 90 -54.64 16.99 12.12
CA LYS Q 90 -54.58 16.02 13.21
C LYS Q 90 -53.19 15.98 13.83
N VAL Q 91 -52.15 16.17 13.03
CA VAL Q 91 -50.80 16.18 13.59
C VAL Q 91 -50.52 17.50 14.31
N ASP Q 92 -51.02 18.61 13.77
CA ASP Q 92 -50.85 19.90 14.44
C ASP Q 92 -51.65 19.96 15.73
N LYS Q 93 -52.79 19.28 15.76
CA LYS Q 93 -53.52 19.11 17.02
C LYS Q 93 -52.76 18.17 17.95
N GLN Q 94 -52.06 17.19 17.38
CA GLN Q 94 -51.36 16.17 18.16
C GLN Q 94 -50.15 16.74 18.89
N TYR Q 95 -49.36 17.58 18.20
CA TYR Q 95 -48.11 18.06 18.77
C TYR Q 95 -48.10 19.54 19.08
N LYS Q 96 -48.90 20.35 18.39
CA LYS Q 96 -48.95 21.78 18.69
C LYS Q 96 -49.85 22.10 19.87
N SER Q 97 -50.58 21.12 20.38
CA SER Q 97 -51.43 21.33 21.54
C SER Q 97 -51.03 20.39 22.68
N GLY R 3 -24.94 -35.15 -15.77
CA GLY R 3 -25.54 -34.73 -17.03
C GLY R 3 -27.04 -34.55 -16.93
N MET R 4 -27.65 -35.24 -15.96
CA MET R 4 -29.09 -35.13 -15.75
C MET R 4 -29.47 -33.75 -15.24
N GLU R 5 -28.54 -33.14 -14.49
CA GLU R 5 -28.70 -31.75 -14.07
C GLU R 5 -28.82 -30.81 -15.26
N SER R 6 -27.98 -31.01 -16.27
CA SER R 6 -28.01 -30.15 -17.46
C SER R 6 -29.27 -30.36 -18.27
N LYS R 7 -29.72 -31.61 -18.38
CA LYS R 7 -30.94 -31.89 -19.12
C LYS R 7 -32.17 -31.33 -18.41
N TYR R 8 -32.19 -31.37 -17.09
CA TYR R 8 -33.29 -30.76 -16.37
C TYR R 8 -33.22 -29.23 -16.41
N LYS R 9 -32.00 -28.68 -16.57
CA LYS R 9 -31.90 -27.25 -16.82
C LYS R 9 -32.49 -26.87 -18.16
N GLU R 10 -32.23 -27.69 -19.19
CA GLU R 10 -32.77 -27.41 -20.52
C GLU R 10 -34.29 -27.59 -20.55
N ILE R 11 -34.79 -28.57 -19.81
CA ILE R 11 -36.22 -28.79 -19.70
C ILE R 11 -36.89 -27.61 -18.99
N LEU R 12 -36.31 -27.19 -17.87
CA LEU R 12 -36.92 -26.14 -17.07
C LEU R 12 -36.89 -24.79 -17.77
N LEU R 13 -35.72 -24.38 -18.26
CA LEU R 13 -35.65 -23.07 -18.88
C LEU R 13 -36.22 -23.09 -20.30
N LEU R 14 -35.78 -24.04 -21.12
CA LEU R 14 -36.09 -23.96 -22.54
C LEU R 14 -37.52 -24.37 -22.85
N THR R 15 -37.98 -25.47 -22.29
CA THR R 15 -39.35 -25.91 -22.53
C THR R 15 -40.35 -25.24 -21.60
N GLY R 16 -40.06 -25.23 -20.30
CA GLY R 16 -41.01 -24.71 -19.34
C GLY R 16 -41.15 -23.22 -19.29
N LEU R 17 -40.11 -22.50 -18.89
CA LEU R 17 -40.27 -21.09 -18.59
C LEU R 17 -40.29 -20.23 -19.84
N ASP R 18 -39.63 -20.67 -20.91
CA ASP R 18 -39.61 -19.86 -22.12
C ASP R 18 -40.93 -19.87 -22.87
N ASN R 19 -41.82 -20.82 -22.59
CA ASN R 19 -43.08 -20.94 -23.32
C ASN R 19 -44.22 -20.21 -22.62
N ILE R 20 -44.02 -19.73 -21.40
CA ILE R 20 -45.06 -18.98 -20.72
C ILE R 20 -44.83 -17.50 -21.00
N THR R 21 -45.92 -16.74 -21.02
CA THR R 21 -45.83 -15.33 -21.32
C THR R 21 -45.46 -14.54 -20.06
N ASP R 22 -45.56 -13.22 -20.15
CA ASP R 22 -45.13 -12.38 -19.05
C ASP R 22 -46.14 -12.39 -17.91
N GLU R 23 -47.44 -12.28 -18.25
CA GLU R 23 -48.47 -12.36 -17.23
C GLU R 23 -48.55 -13.75 -16.62
N GLU R 24 -48.32 -14.77 -17.45
CA GLU R 24 -48.22 -16.14 -16.94
C GLU R 24 -46.98 -16.32 -16.08
N LEU R 25 -45.91 -15.59 -16.37
CA LEU R 25 -44.74 -15.60 -15.50
C LEU R 25 -45.06 -14.95 -14.17
N ASP R 26 -45.91 -13.92 -14.17
CA ASP R 26 -46.28 -13.27 -12.92
C ASP R 26 -47.19 -14.15 -12.09
N ARG R 27 -48.07 -14.92 -12.74
CA ARG R 27 -48.83 -15.93 -12.02
C ARG R 27 -47.93 -17.00 -11.44
N PHE R 28 -46.91 -17.38 -12.21
CA PHE R 28 -45.97 -18.41 -11.78
C PHE R 28 -45.18 -17.95 -10.56
N LYS R 29 -44.72 -16.71 -10.58
CA LYS R 29 -44.04 -16.12 -9.42
C LYS R 29 -45.01 -15.95 -8.26
N PHE R 30 -46.29 -15.73 -8.55
CA PHE R 30 -47.28 -15.65 -7.49
C PHE R 30 -47.47 -16.99 -6.82
N PHE R 31 -47.23 -18.09 -7.52
CA PHE R 31 -47.33 -19.41 -6.91
C PHE R 31 -46.00 -20.09 -6.65
N LEU R 32 -44.87 -19.39 -6.76
CA LEU R 32 -43.60 -20.01 -6.38
C LEU R 32 -43.45 -20.14 -4.87
N SER R 33 -43.96 -19.16 -4.12
CA SER R 33 -43.70 -19.10 -2.69
C SER R 33 -44.44 -20.17 -1.90
N ASP R 34 -45.38 -20.88 -2.53
CA ASP R 34 -46.13 -21.93 -1.87
C ASP R 34 -45.56 -23.31 -2.14
N GLU R 35 -44.47 -23.41 -2.91
CA GLU R 35 -43.88 -24.69 -3.26
C GLU R 35 -42.38 -24.75 -3.04
N PHE R 36 -41.73 -23.63 -2.70
CA PHE R 36 -40.29 -23.55 -2.76
C PHE R 36 -39.61 -22.92 -1.55
N ASN R 37 -40.36 -22.19 -0.70
CA ASN R 37 -39.81 -21.38 0.39
C ASN R 37 -38.77 -20.38 -0.10
N ILE R 38 -39.06 -19.76 -1.24
CA ILE R 38 -38.21 -18.71 -1.79
C ILE R 38 -38.78 -17.36 -1.38
N ALA R 39 -37.91 -16.49 -0.87
CA ALA R 39 -38.27 -15.12 -0.56
C ALA R 39 -38.68 -14.35 -1.81
N THR R 40 -39.83 -13.69 -1.76
CA THR R 40 -40.44 -13.14 -2.96
C THR R 40 -39.82 -11.82 -3.37
N GLY R 41 -39.04 -11.20 -2.48
CA GLY R 41 -38.48 -9.88 -2.72
C GLY R 41 -37.50 -9.83 -3.87
N LYS R 42 -36.86 -10.95 -4.19
CA LYS R 42 -36.06 -11.04 -5.40
C LYS R 42 -36.81 -11.69 -6.54
N LEU R 43 -37.94 -12.35 -6.25
CA LEU R 43 -38.77 -12.90 -7.32
C LEU R 43 -39.49 -11.80 -8.07
N HIS R 44 -39.78 -10.69 -7.40
CA HIS R 44 -40.69 -9.66 -7.89
C HIS R 44 -40.24 -9.01 -9.20
N THR R 45 -38.94 -8.91 -9.43
CA THR R 45 -38.43 -8.31 -10.66
C THR R 45 -37.55 -9.26 -11.46
N ALA R 46 -37.58 -10.55 -11.15
CA ALA R 46 -36.74 -11.49 -11.85
C ALA R 46 -37.28 -11.76 -13.25
N ASN R 47 -36.38 -12.16 -14.15
CA ASN R 47 -36.78 -12.69 -15.43
C ASN R 47 -36.70 -14.22 -15.37
N ARG R 48 -36.90 -14.87 -16.52
CA ARG R 48 -37.02 -16.32 -16.58
C ARG R 48 -35.74 -17.03 -16.17
N ILE R 49 -34.60 -16.40 -16.46
CA ILE R 49 -33.31 -17.00 -16.15
C ILE R 49 -33.05 -16.93 -14.66
N GLN R 50 -33.38 -15.79 -14.04
CA GLN R 50 -33.18 -15.65 -12.61
C GLN R 50 -34.19 -16.48 -11.84
N VAL R 51 -35.39 -16.65 -12.40
CA VAL R 51 -36.38 -17.53 -11.78
C VAL R 51 -35.91 -18.97 -11.82
N ALA R 52 -35.35 -19.40 -12.95
CA ALA R 52 -34.80 -20.75 -13.04
C ALA R 52 -33.59 -20.92 -12.13
N THR R 53 -32.81 -19.86 -11.94
CA THR R 53 -31.65 -19.93 -11.06
C THR R 53 -32.06 -20.04 -9.61
N LEU R 54 -33.13 -19.35 -9.22
CA LEU R 54 -33.62 -19.44 -7.85
C LEU R 54 -34.30 -20.77 -7.59
N MET R 55 -34.96 -21.33 -8.60
CA MET R 55 -35.65 -22.61 -8.42
C MET R 55 -34.67 -23.76 -8.34
N ILE R 56 -33.70 -23.80 -9.26
CA ILE R 56 -32.68 -24.85 -9.25
C ILE R 56 -31.77 -24.68 -8.04
N GLN R 57 -31.45 -23.44 -7.70
CA GLN R 57 -30.59 -23.17 -6.55
C GLN R 57 -31.29 -23.53 -5.23
N ASN R 58 -32.59 -23.32 -5.16
CA ASN R 58 -33.29 -23.46 -3.89
C ASN R 58 -33.97 -24.81 -3.72
N ALA R 59 -34.08 -25.62 -4.75
CA ALA R 59 -34.64 -26.96 -4.58
C ALA R 59 -33.99 -28.04 -5.42
N GLY R 60 -32.94 -27.76 -6.17
CA GLY R 60 -32.45 -28.79 -7.06
C GLY R 60 -33.22 -28.83 -8.37
N ALA R 61 -32.58 -29.40 -9.39
CA ALA R 61 -33.17 -29.39 -10.72
C ALA R 61 -34.32 -30.37 -10.84
N VAL R 62 -34.24 -31.51 -10.15
CA VAL R 62 -35.24 -32.56 -10.28
C VAL R 62 -36.56 -32.11 -9.68
N SER R 63 -36.53 -31.70 -8.41
CA SER R 63 -37.72 -31.15 -7.76
C SER R 63 -38.08 -29.79 -8.29
N ALA R 64 -37.14 -29.09 -8.94
CA ALA R 64 -37.47 -27.85 -9.61
C ALA R 64 -38.39 -28.09 -10.79
N VAL R 65 -38.05 -29.07 -11.63
CA VAL R 65 -38.87 -29.38 -12.80
C VAL R 65 -40.19 -30.04 -12.36
N MET R 66 -40.12 -30.91 -11.36
CA MET R 66 -41.32 -31.60 -10.90
C MET R 66 -42.30 -30.64 -10.25
N LYS R 67 -41.78 -29.70 -9.45
CA LYS R 67 -42.67 -28.69 -8.87
C LYS R 67 -43.07 -27.64 -9.90
N THR R 68 -42.33 -27.51 -11.00
CA THR R 68 -42.78 -26.68 -12.11
C THR R 68 -44.00 -27.29 -12.76
N ILE R 69 -43.98 -28.61 -12.93
CA ILE R 69 -45.15 -29.33 -13.43
C ILE R 69 -46.32 -29.15 -12.46
N ARG R 70 -46.04 -29.17 -11.16
CA ARG R 70 -47.10 -29.04 -10.17
C ARG R 70 -47.72 -27.64 -10.18
N ILE R 71 -46.89 -26.60 -10.33
CA ILE R 71 -47.42 -25.23 -10.36
C ILE R 71 -48.13 -24.97 -11.68
N PHE R 72 -47.64 -25.56 -12.78
CA PHE R 72 -48.34 -25.43 -14.06
C PHE R 72 -49.67 -26.16 -14.03
N GLN R 73 -49.80 -27.20 -13.20
CA GLN R 73 -51.10 -27.82 -13.03
C GLN R 73 -51.97 -27.04 -12.07
N LYS R 74 -51.36 -26.20 -11.21
CA LYS R 74 -52.17 -25.30 -10.40
C LYS R 74 -52.78 -24.19 -11.26
N LEU R 75 -52.06 -23.77 -12.30
CA LEU R 75 -52.52 -22.71 -13.19
C LEU R 75 -53.35 -23.23 -14.35
N ASN R 76 -53.73 -24.51 -14.33
CA ASN R 76 -54.47 -25.20 -15.38
C ASN R 76 -53.78 -25.12 -16.74
N TYR R 77 -52.45 -25.21 -16.77
CA TYR R 77 -51.71 -25.22 -18.03
C TYR R 77 -51.38 -26.66 -18.38
N MET R 78 -52.39 -27.38 -18.86
CA MET R 78 -52.27 -28.82 -19.05
C MET R 78 -51.34 -29.15 -20.20
N LEU R 79 -51.25 -28.26 -21.19
CA LEU R 79 -50.39 -28.50 -22.34
C LEU R 79 -48.92 -28.43 -21.93
N LEU R 80 -48.54 -27.39 -21.20
CA LEU R 80 -47.15 -27.23 -20.81
C LEU R 80 -46.75 -28.23 -19.75
N ALA R 81 -47.67 -28.58 -18.85
CA ALA R 81 -47.38 -29.62 -17.87
C ALA R 81 -47.21 -30.96 -18.53
N LYS R 82 -48.01 -31.23 -19.58
CA LYS R 82 -47.88 -32.46 -20.33
C LYS R 82 -46.57 -32.49 -21.10
N ARG R 83 -46.14 -31.34 -21.63
CA ARG R 83 -44.89 -31.29 -22.36
C ARG R 83 -43.69 -31.44 -21.43
N LEU R 84 -43.78 -30.88 -20.22
CA LEU R 84 -42.69 -31.06 -19.27
C LEU R 84 -42.64 -32.49 -18.75
N GLN R 85 -43.79 -33.16 -18.66
CA GLN R 85 -43.76 -34.57 -18.30
C GLN R 85 -43.22 -35.42 -19.43
N GLU R 86 -43.46 -35.02 -20.68
CA GLU R 86 -42.90 -35.77 -21.80
C GLU R 86 -41.39 -35.62 -21.87
N GLU R 87 -40.88 -34.39 -21.72
CA GLU R 87 -39.44 -34.17 -21.73
C GLU R 87 -38.77 -34.80 -20.52
N LYS R 88 -39.44 -34.72 -19.36
CA LYS R 88 -38.91 -35.30 -18.13
C LYS R 88 -38.84 -36.82 -18.21
N GLU R 89 -39.84 -37.43 -18.84
CA GLU R 89 -39.78 -38.88 -18.99
C GLU R 89 -38.83 -39.30 -20.11
N LYS R 90 -38.57 -38.43 -21.09
CA LYS R 90 -37.53 -38.75 -22.06
C LYS R 90 -36.15 -38.69 -21.42
N VAL R 91 -35.94 -37.78 -20.46
CA VAL R 91 -34.65 -37.72 -19.80
C VAL R 91 -34.51 -38.83 -18.77
N ASP R 92 -35.60 -39.17 -18.07
CA ASP R 92 -35.55 -40.28 -17.12
C ASP R 92 -35.38 -41.61 -17.84
N LYS R 93 -35.94 -41.72 -19.04
CA LYS R 93 -35.66 -42.88 -19.89
C LYS R 93 -34.21 -42.84 -20.37
N GLN R 94 -33.69 -41.64 -20.60
CA GLN R 94 -32.36 -41.46 -21.16
C GLN R 94 -31.26 -41.86 -20.18
N TYR R 95 -31.41 -41.46 -18.91
CA TYR R 95 -30.35 -41.67 -17.93
C TYR R 95 -30.71 -42.66 -16.83
N LYS R 96 -31.99 -42.83 -16.51
CA LYS R 96 -32.38 -43.81 -15.50
C LYS R 96 -32.44 -45.23 -16.05
N SER R 97 -32.30 -45.40 -17.35
CA SER R 97 -32.31 -46.73 -17.95
C SER R 97 -31.01 -46.98 -18.70
N GLY S 3 64.42 -2.51 -8.34
CA GLY S 3 63.33 -1.59 -8.59
C GLY S 3 62.02 -2.29 -8.87
N MET S 4 62.12 -3.54 -9.34
CA MET S 4 60.93 -4.34 -9.63
C MET S 4 60.19 -4.70 -8.35
N GLU S 5 60.94 -4.83 -7.25
CA GLU S 5 60.36 -5.01 -5.93
C GLU S 5 59.47 -3.84 -5.54
N SER S 6 59.93 -2.62 -5.80
CA SER S 6 59.16 -1.43 -5.46
C SER S 6 57.91 -1.30 -6.33
N LYS S 7 58.02 -1.63 -7.61
CA LYS S 7 56.87 -1.57 -8.50
C LYS S 7 55.83 -2.61 -8.15
N TYR S 8 56.27 -3.80 -7.73
CA TYR S 8 55.30 -4.80 -7.29
C TYR S 8 54.72 -4.44 -5.92
N LYS S 9 55.45 -3.68 -5.12
CA LYS S 9 54.85 -3.14 -3.90
C LYS S 9 53.74 -2.13 -4.22
N GLU S 10 53.98 -1.28 -5.22
CA GLU S 10 52.97 -0.29 -5.59
C GLU S 10 51.76 -0.95 -6.24
N ILE S 11 51.99 -2.01 -7.01
CA ILE S 11 50.91 -2.77 -7.62
C ILE S 11 50.08 -3.46 -6.55
N LEU S 12 50.75 -4.12 -5.60
CA LEU S 12 50.05 -4.89 -4.59
C LEU S 12 49.27 -4.01 -3.63
N LEU S 13 49.93 -2.99 -3.07
CA LEU S 13 49.22 -2.17 -2.10
C LEU S 13 48.29 -1.18 -2.78
N LEU S 14 48.80 -0.43 -3.77
CA LEU S 14 48.04 0.71 -4.28
C LEU S 14 46.91 0.27 -5.21
N THR S 15 47.16 -0.64 -6.13
CA THR S 15 46.12 -1.10 -7.04
C THR S 15 45.30 -2.23 -6.43
N GLY S 16 45.95 -3.24 -5.88
CA GLY S 16 45.25 -4.41 -5.40
C GLY S 16 44.50 -4.23 -4.10
N LEU S 17 45.22 -4.00 -3.00
CA LEU S 17 44.57 -4.07 -1.69
C LEU S 17 43.78 -2.81 -1.38
N ASP S 18 44.17 -1.66 -1.94
CA ASP S 18 43.46 -0.43 -1.62
C ASP S 18 42.10 -0.35 -2.30
N ASN S 19 41.84 -1.16 -3.32
CA ASN S 19 40.60 -1.10 -4.07
C ASN S 19 39.55 -2.08 -3.56
N ILE S 20 39.91 -2.97 -2.65
CA ILE S 20 38.93 -3.87 -2.07
C ILE S 20 38.42 -3.26 -0.79
N THR S 21 37.16 -3.56 -0.46
CA THR S 21 36.53 -2.99 0.71
C THR S 21 36.92 -3.79 1.95
N ASP S 22 36.24 -3.50 3.06
CA ASP S 22 36.61 -4.14 4.32
C ASP S 22 36.12 -5.58 4.38
N GLU S 23 34.88 -5.82 3.95
CA GLU S 23 34.37 -7.19 3.91
C GLU S 23 35.11 -8.01 2.86
N GLU S 24 35.46 -7.38 1.75
CA GLU S 24 36.29 -8.04 0.75
C GLU S 24 37.69 -8.30 1.27
N LEU S 25 38.18 -7.43 2.16
CA LEU S 25 39.47 -7.70 2.82
C LEU S 25 39.35 -8.88 3.75
N ASP S 26 38.20 -9.06 4.39
CA ASP S 26 38.02 -10.20 5.28
C ASP S 26 37.89 -11.49 4.51
N ARG S 27 37.27 -11.45 3.32
CA ARG S 27 37.29 -12.61 2.43
C ARG S 27 38.70 -12.92 1.97
N PHE S 28 39.47 -11.87 1.69
CA PHE S 28 40.84 -12.04 1.22
C PHE S 28 41.71 -12.68 2.30
N LYS S 29 41.56 -12.22 3.54
CA LYS S 29 42.26 -12.84 4.67
C LYS S 29 41.76 -14.24 4.92
N PHE S 30 40.48 -14.51 4.60
CA PHE S 30 39.96 -15.86 4.73
C PHE S 30 40.58 -16.79 3.72
N PHE S 31 41.03 -16.27 2.57
CA PHE S 31 41.71 -17.10 1.59
C PHE S 31 43.20 -16.88 1.49
N LEU S 32 43.83 -16.17 2.43
CA LEU S 32 45.28 -16.06 2.42
C LEU S 32 45.95 -17.34 2.87
N SER S 33 45.35 -18.05 3.83
CA SER S 33 46.01 -19.18 4.46
C SER S 33 46.10 -20.40 3.55
N ASP S 34 45.41 -20.38 2.42
CA ASP S 34 45.44 -21.48 1.48
C ASP S 34 46.42 -21.26 0.34
N GLU S 35 47.13 -20.13 0.34
CA GLU S 35 48.07 -19.81 -0.73
C GLU S 35 49.43 -19.37 -0.24
N PHE S 36 49.60 -19.17 1.07
CA PHE S 36 50.76 -18.46 1.58
C PHE S 36 51.46 -19.11 2.76
N ASN S 37 50.80 -20.05 3.46
CA ASN S 37 51.27 -20.63 4.73
C ASN S 37 51.56 -19.55 5.76
N ILE S 38 50.69 -18.56 5.84
CA ILE S 38 50.77 -17.51 6.84
C ILE S 38 49.85 -17.86 8.00
N ALA S 39 50.38 -17.76 9.21
CA ALA S 39 49.59 -17.94 10.43
C ALA S 39 48.51 -16.87 10.55
N THR S 40 47.27 -17.30 10.78
CA THR S 40 46.13 -16.40 10.66
C THR S 40 45.95 -15.52 11.89
N GLY S 41 46.64 -15.85 12.99
CA GLY S 41 46.47 -15.14 14.25
C GLY S 41 46.89 -13.69 14.21
N LYS S 42 47.81 -13.34 13.31
CA LYS S 42 48.13 -11.95 13.06
C LYS S 42 47.41 -11.40 11.85
N LEU S 43 46.85 -12.27 11.01
CA LEU S 43 46.02 -11.79 9.90
C LEU S 43 44.70 -11.24 10.38
N HIS S 44 44.20 -11.74 11.51
CA HIS S 44 42.83 -11.52 11.97
C HIS S 44 42.49 -10.05 12.23
N THR S 45 43.48 -9.25 12.65
CA THR S 45 43.25 -7.84 12.92
C THR S 45 44.14 -6.93 12.08
N ALA S 46 44.76 -7.45 11.03
CA ALA S 46 45.65 -6.64 10.22
C ALA S 46 44.85 -5.71 9.33
N ASN S 47 45.48 -4.60 8.96
CA ASN S 47 44.96 -3.75 7.90
C ASN S 47 45.71 -4.05 6.61
N ARG S 48 45.43 -3.24 5.58
CA ARG S 48 45.93 -3.52 4.23
C ARG S 48 47.45 -3.45 4.16
N ILE S 49 48.05 -2.59 4.97
CA ILE S 49 49.49 -2.41 4.94
C ILE S 49 50.17 -3.59 5.61
N GLN S 50 49.61 -4.06 6.73
CA GLN S 50 50.18 -5.21 7.40
C GLN S 50 49.93 -6.49 6.62
N VAL S 51 48.81 -6.55 5.90
CA VAL S 51 48.55 -7.70 5.02
C VAL S 51 49.56 -7.72 3.88
N ALA S 52 49.83 -6.56 3.29
CA ALA S 52 50.86 -6.49 2.23
C ALA S 52 52.24 -6.81 2.77
N THR S 53 52.51 -6.44 4.03
CA THR S 53 53.80 -6.71 4.63
C THR S 53 53.97 -8.20 4.91
N LEU S 54 52.90 -8.88 5.32
CA LEU S 54 52.99 -10.32 5.55
C LEU S 54 53.06 -11.09 4.25
N MET S 55 52.41 -10.59 3.19
CA MET S 55 52.43 -11.29 1.92
C MET S 55 53.78 -11.15 1.23
N ILE S 56 54.31 -9.92 1.19
CA ILE S 56 55.62 -9.69 0.59
C ILE S 56 56.72 -10.33 1.43
N GLN S 57 56.56 -10.26 2.76
CA GLN S 57 57.55 -10.85 3.65
C GLN S 57 57.55 -12.36 3.57
N ASN S 58 56.37 -12.96 3.37
CA ASN S 58 56.26 -14.40 3.47
C ASN S 58 56.32 -15.11 2.12
N ALA S 59 56.23 -14.40 1.00
CA ALA S 59 56.39 -15.05 -0.29
C ALA S 59 57.13 -14.23 -1.33
N GLY S 60 57.65 -13.07 -1.01
CA GLY S 60 58.21 -12.25 -2.07
C GLY S 60 57.15 -11.44 -2.80
N ALA S 61 57.61 -10.37 -3.46
CA ALA S 61 56.66 -9.46 -4.09
C ALA S 61 56.08 -10.04 -5.37
N VAL S 62 56.86 -10.83 -6.11
CA VAL S 62 56.43 -11.34 -7.40
C VAL S 62 55.31 -12.37 -7.21
N SER S 63 55.58 -13.40 -6.40
CA SER S 63 54.56 -14.37 -6.08
C SER S 63 53.48 -13.81 -5.15
N ALA S 64 53.78 -12.70 -4.47
CA ALA S 64 52.74 -12.03 -3.70
C ALA S 64 51.69 -11.42 -4.61
N VAL S 65 52.12 -10.72 -5.66
CA VAL S 65 51.18 -10.11 -6.60
C VAL S 65 50.50 -11.18 -7.44
N MET S 66 51.25 -12.21 -7.85
CA MET S 66 50.68 -13.27 -8.67
C MET S 66 49.66 -14.09 -7.90
N LYS S 67 49.95 -14.39 -6.64
CA LYS S 67 48.97 -15.09 -5.83
C LYS S 67 47.85 -14.17 -5.38
N THR S 68 48.07 -12.85 -5.41
CA THR S 68 46.97 -11.92 -5.20
C THR S 68 45.97 -11.97 -6.34
N ILE S 69 46.50 -12.07 -7.57
CA ILE S 69 45.65 -12.29 -8.74
C ILE S 69 44.91 -13.61 -8.62
N ARG S 70 45.59 -14.63 -8.10
CA ARG S 70 44.95 -15.95 -7.97
C ARG S 70 43.83 -15.94 -6.93
N ILE S 71 44.03 -15.25 -5.81
CA ILE S 71 42.99 -15.20 -4.78
C ILE S 71 41.85 -14.30 -5.22
N PHE S 72 42.16 -13.23 -5.96
CA PHE S 72 41.11 -12.39 -6.52
C PHE S 72 40.29 -13.13 -7.57
N GLN S 73 40.90 -14.11 -8.23
CA GLN S 73 40.13 -14.94 -9.15
C GLN S 73 39.36 -16.02 -8.39
N LYS S 74 39.81 -16.36 -7.18
CA LYS S 74 38.99 -17.24 -6.35
C LYS S 74 37.74 -16.54 -5.85
N LEU S 75 37.82 -15.23 -5.62
CA LEU S 75 36.70 -14.46 -5.13
C LEU S 75 35.84 -13.90 -6.24
N ASN S 76 36.07 -14.32 -7.49
CA ASN S 76 35.40 -13.84 -8.70
C ASN S 76 35.51 -12.34 -8.87
N TYR S 77 36.65 -11.74 -8.54
CA TYR S 77 36.86 -10.32 -8.76
C TYR S 77 37.66 -10.14 -10.05
N MET S 78 36.94 -10.28 -11.16
CA MET S 78 37.60 -10.33 -12.47
C MET S 78 38.15 -8.98 -12.87
N LEU S 79 37.53 -7.90 -12.39
CA LEU S 79 37.99 -6.56 -12.73
C LEU S 79 39.33 -6.26 -12.06
N LEU S 80 39.43 -6.55 -10.77
CA LEU S 80 40.67 -6.25 -10.05
C LEU S 80 41.79 -7.21 -10.45
N ALA S 81 41.45 -8.46 -10.74
CA ALA S 81 42.46 -9.40 -11.22
C ALA S 81 42.95 -9.00 -12.61
N LYS S 82 42.05 -8.47 -13.44
CA LYS S 82 42.44 -7.98 -14.75
C LYS S 82 43.32 -6.74 -14.63
N ARG S 83 43.01 -5.87 -13.66
CA ARG S 83 43.81 -4.67 -13.47
C ARG S 83 45.19 -5.00 -12.91
N LEU S 84 45.27 -5.99 -12.03
CA LEU S 84 46.57 -6.39 -11.52
C LEU S 84 47.39 -7.10 -12.58
N GLN S 85 46.74 -7.80 -13.50
CA GLN S 85 47.48 -8.38 -14.62
C GLN S 85 47.93 -7.30 -15.59
N GLU S 86 47.15 -6.23 -15.75
CA GLU S 86 47.58 -5.14 -16.62
C GLU S 86 48.77 -4.39 -16.03
N GLU S 87 48.71 -4.08 -14.73
CA GLU S 87 49.84 -3.39 -14.09
C GLU S 87 51.06 -4.30 -14.03
N LYS S 88 50.84 -5.58 -13.77
CA LYS S 88 51.93 -6.54 -13.68
C LYS S 88 52.62 -6.73 -15.02
N GLU S 89 51.83 -6.72 -16.10
CA GLU S 89 52.45 -6.84 -17.42
C GLU S 89 53.07 -5.53 -17.87
N LYS S 90 52.60 -4.39 -17.36
CA LYS S 90 53.30 -3.14 -17.65
C LYS S 90 54.65 -3.09 -16.95
N VAL S 91 54.73 -3.66 -15.75
CA VAL S 91 56.02 -3.68 -15.05
C VAL S 91 56.95 -4.73 -15.65
N ASP S 92 56.40 -5.88 -16.04
CA ASP S 92 57.22 -6.91 -16.68
C ASP S 92 57.70 -6.46 -18.05
N LYS S 93 56.89 -5.66 -18.75
CA LYS S 93 57.34 -5.01 -19.97
C LYS S 93 58.39 -3.95 -19.65
N GLN S 94 58.24 -3.29 -18.50
CA GLN S 94 59.11 -2.18 -18.11
C GLN S 94 60.52 -2.65 -17.77
N TYR S 95 60.64 -3.75 -17.04
CA TYR S 95 61.94 -4.20 -16.55
C TYR S 95 62.42 -5.50 -17.16
N LYS S 96 61.52 -6.38 -17.61
CA LYS S 96 61.95 -7.62 -18.24
C LYS S 96 62.31 -7.44 -19.71
N SER S 97 62.07 -6.25 -20.27
CA SER S 97 62.44 -5.98 -21.66
C SER S 97 63.40 -4.81 -21.72
N GLY T 3 42.66 31.98 37.19
CA GLY T 3 41.38 31.32 37.34
C GLY T 3 40.53 31.39 36.09
N MET T 4 40.79 32.42 35.27
CA MET T 4 40.05 32.59 34.02
C MET T 4 40.39 31.49 33.03
N GLU T 5 41.63 30.99 33.11
CA GLU T 5 42.05 29.82 32.34
C GLU T 5 41.20 28.61 32.66
N SER T 6 40.93 28.37 33.95
CA SER T 6 40.13 27.22 34.35
C SER T 6 38.68 27.36 33.92
N LYS T 7 38.13 28.58 34.02
CA LYS T 7 36.75 28.81 33.60
C LYS T 7 36.59 28.66 32.10
N TYR T 8 37.59 29.09 31.33
CA TYR T 8 37.51 28.87 29.89
C TYR T 8 37.75 27.41 29.53
N LYS T 9 38.48 26.67 30.37
CA LYS T 9 38.55 25.22 30.17
C LYS T 9 37.20 24.57 30.38
N GLU T 10 36.47 25.01 31.43
CA GLU T 10 35.16 24.42 31.70
C GLU T 10 34.15 24.80 30.62
N ILE T 11 34.25 26.03 30.10
CA ILE T 11 33.40 26.46 29.01
C ILE T 11 33.68 25.66 27.75
N LEU T 12 34.96 25.50 27.41
CA LEU T 12 35.33 24.84 26.17
C LEU T 12 35.00 23.36 26.21
N LEU T 13 35.43 22.66 27.25
CA LEU T 13 35.18 21.22 27.28
C LEU T 13 33.74 20.91 27.67
N LEU T 14 33.26 21.51 28.76
CA LEU T 14 31.99 21.05 29.32
C LEU T 14 30.79 21.56 28.54
N THR T 15 30.78 22.84 28.18
CA THR T 15 29.66 23.38 27.42
C THR T 15 29.84 23.16 25.92
N GLY T 16 31.00 23.48 25.39
CA GLY T 16 31.21 23.42 23.95
C GLY T 16 31.36 22.04 23.37
N LEU T 17 32.43 21.34 23.72
CA LEU T 17 32.74 20.11 23.00
C LEU T 17 31.90 18.93 23.46
N ASP T 18 31.44 18.95 24.71
CA ASP T 18 30.65 17.82 25.19
C ASP T 18 29.24 17.79 24.62
N ASN T 19 28.75 18.91 24.06
CA ASN T 19 27.40 18.98 23.57
C ASN T 19 27.29 18.68 22.08
N ILE T 20 28.41 18.55 21.38
CA ILE T 20 28.38 18.19 19.97
C ILE T 20 28.53 16.68 19.87
N THR T 21 27.91 16.11 18.84
CA THR T 21 27.94 14.67 18.66
C THR T 21 29.24 14.25 17.98
N ASP T 22 29.29 12.98 17.56
CA ASP T 22 30.53 12.46 17.00
C ASP T 22 30.74 12.94 15.57
N GLU T 23 29.68 12.93 14.75
CA GLU T 23 29.79 13.46 13.39
C GLU T 23 30.01 14.96 13.40
N GLU T 24 29.39 15.65 14.36
CA GLU T 24 29.64 17.07 14.54
C GLU T 24 31.06 17.32 15.03
N LEU T 25 31.61 16.38 15.81
CA LEU T 25 33.02 16.48 16.19
C LEU T 25 33.92 16.30 14.98
N ASP T 26 33.53 15.46 14.04
CA ASP T 26 34.33 15.26 12.84
C ASP T 26 34.27 16.47 11.92
N ARG T 27 33.11 17.13 11.87
CA ARG T 27 33.03 18.42 11.16
C ARG T 27 33.90 19.46 11.84
N PHE T 28 33.91 19.45 13.17
CA PHE T 28 34.68 20.41 13.93
C PHE T 28 36.18 20.22 13.70
N LYS T 29 36.63 18.96 13.70
CA LYS T 29 38.01 18.65 13.37
C LYS T 29 38.32 18.97 11.91
N PHE T 30 37.30 18.87 11.04
CA PHE T 30 37.50 19.24 9.65
C PHE T 30 37.71 20.74 9.51
N PHE T 31 37.17 21.53 10.43
CA PHE T 31 37.38 22.97 10.39
C PHE T 31 38.33 23.51 11.45
N LEU T 32 39.07 22.65 12.17
CA LEU T 32 40.08 23.16 13.09
C LEU T 32 41.30 23.69 12.37
N SER T 33 41.68 23.07 11.25
CA SER T 33 42.95 23.39 10.60
C SER T 33 42.93 24.74 9.91
N ASP T 34 41.75 25.36 9.77
CA ASP T 34 41.64 26.65 9.14
C ASP T 34 41.60 27.80 10.14
N GLU T 35 41.70 27.50 11.43
CA GLU T 35 41.63 28.53 12.46
C GLU T 35 42.74 28.43 13.49
N PHE T 36 43.56 27.38 13.45
CA PHE T 36 44.44 27.07 14.56
C PHE T 36 45.87 26.73 14.18
N ASN T 37 46.14 26.40 12.91
CA ASN T 37 47.44 25.89 12.45
C ASN T 37 47.86 24.65 13.24
N ILE T 38 46.90 23.77 13.48
CA ILE T 38 47.16 22.50 14.14
C ILE T 38 47.30 21.41 13.08
N ALA T 39 48.36 20.62 13.19
CA ALA T 39 48.56 19.46 12.32
C ALA T 39 47.46 18.43 12.51
N THR T 40 46.85 18.00 11.40
CA THR T 40 45.63 17.21 11.48
C THR T 40 45.89 15.75 11.79
N GLY T 41 47.15 15.31 11.68
CA GLY T 41 47.51 13.91 11.86
C GLY T 41 47.26 13.38 13.25
N LYS T 42 47.27 14.25 14.26
CA LYS T 42 46.84 13.86 15.59
C LYS T 42 45.41 14.26 15.88
N LEU T 43 44.82 15.14 15.05
CA LEU T 43 43.41 15.46 15.20
C LEU T 43 42.53 14.30 14.76
N HIS T 44 43.02 13.50 13.83
CA HIS T 44 42.21 12.51 13.11
C HIS T 44 41.58 11.45 14.00
N THR T 45 42.24 11.09 15.10
CA THR T 45 41.72 10.09 16.02
C THR T 45 41.53 10.63 17.44
N ALA T 46 41.57 11.94 17.61
CA ALA T 46 41.44 12.50 18.95
C ALA T 46 39.99 12.43 19.43
N ASN T 47 39.82 12.40 20.74
CA ASN T 47 38.52 12.60 21.34
C ASN T 47 38.42 14.04 21.82
N ARG T 48 37.32 14.35 22.53
CA ARG T 48 36.99 15.72 22.89
C ARG T 48 38.02 16.32 23.85
N ILE T 49 38.61 15.48 24.69
CA ILE T 49 39.57 15.95 25.67
C ILE T 49 40.89 16.27 24.99
N GLN T 50 41.31 15.44 24.04
CA GLN T 50 42.54 15.69 23.31
C GLN T 50 42.38 16.84 22.35
N VAL T 51 41.17 17.03 21.81
CA VAL T 51 40.88 18.18 20.96
C VAL T 51 40.96 19.45 21.78
N ALA T 52 40.38 19.45 22.98
CA ALA T 52 40.48 20.62 23.86
C ALA T 52 41.91 20.88 24.30
N THR T 53 42.70 19.82 24.46
CA THR T 53 44.10 19.97 24.86
C THR T 53 44.93 20.57 23.73
N LEU T 54 44.64 20.17 22.49
CA LEU T 54 45.37 20.74 21.36
C LEU T 54 44.94 22.17 21.08
N MET T 55 43.67 22.49 21.33
CA MET T 55 43.20 23.85 21.08
C MET T 55 43.73 24.82 22.13
N ILE T 56 43.63 24.45 23.41
CA ILE T 56 44.14 25.30 24.47
C ILE T 56 45.67 25.37 24.43
N GLN T 57 46.30 24.24 24.10
CA GLN T 57 47.76 24.20 24.00
C GLN T 57 48.27 25.02 22.82
N ASN T 58 47.52 25.03 21.72
CA ASN T 58 48.03 25.65 20.50
C ASN T 58 47.54 27.07 20.29
N ALA T 59 46.56 27.54 21.05
CA ALA T 59 46.16 28.94 20.92
C ALA T 59 45.78 29.63 22.22
N GLY T 60 45.92 28.98 23.36
CA GLY T 60 45.41 29.63 24.57
C GLY T 60 43.92 29.40 24.75
N ALA T 61 43.47 29.54 25.99
CA ALA T 61 42.08 29.22 26.30
C ALA T 61 41.13 30.28 25.79
N VAL T 62 41.55 31.55 25.80
CA VAL T 62 40.67 32.65 25.42
C VAL T 62 40.35 32.60 23.93
N SER T 63 41.40 32.58 23.11
CA SER T 63 41.21 32.43 21.67
C SER T 63 40.76 31.02 21.30
N ALA T 64 40.96 30.05 22.18
CA ALA T 64 40.42 28.71 21.94
C ALA T 64 38.90 28.74 22.00
N VAL T 65 38.34 29.36 23.03
CA VAL T 65 36.89 29.44 23.17
C VAL T 65 36.30 30.38 22.13
N MET T 66 36.98 31.50 21.85
CA MET T 66 36.48 32.45 20.88
C MET T 66 36.49 31.86 19.47
N LYS T 67 37.55 31.15 19.12
CA LYS T 67 37.56 30.49 17.82
C LYS T 67 36.68 29.26 17.80
N THR T 68 36.33 28.71 18.96
CA THR T 68 35.32 27.66 19.02
C THR T 68 33.96 28.21 18.64
N ILE T 69 33.66 29.41 19.15
CA ILE T 69 32.44 30.12 18.75
C ILE T 69 32.45 30.41 17.26
N ARG T 70 33.62 30.76 16.73
CA ARG T 70 33.73 31.08 15.30
C ARG T 70 33.52 29.84 14.43
N ILE T 71 34.07 28.71 14.84
CA ILE T 71 33.90 27.48 14.04
C ILE T 71 32.48 26.95 14.19
N PHE T 72 31.87 27.11 15.37
CA PHE T 72 30.48 26.72 15.54
C PHE T 72 29.55 27.61 14.73
N GLN T 73 29.96 28.84 14.46
CA GLN T 73 29.17 29.69 13.56
C GLN T 73 29.47 29.34 12.11
N LYS T 74 30.62 28.72 11.83
CA LYS T 74 30.84 28.22 10.48
C LYS T 74 29.97 27.01 10.19
N LEU T 75 29.68 26.21 11.21
CA LEU T 75 28.87 25.02 11.06
C LEU T 75 27.38 25.28 11.25
N ASN T 76 26.99 26.55 11.33
CA ASN T 76 25.62 27.00 11.59
C ASN T 76 25.04 26.43 12.87
N TYR T 77 25.84 26.31 13.93
CA TYR T 77 25.34 25.84 15.22
C TYR T 77 25.10 27.06 16.10
N MET T 78 23.98 27.74 15.82
CA MET T 78 23.71 29.03 16.45
C MET T 78 23.38 28.87 17.93
N LEU T 79 22.82 27.72 18.30
CA LEU T 79 22.45 27.49 19.70
C LEU T 79 23.70 27.32 20.56
N LEU T 80 24.64 26.50 20.11
CA LEU T 80 25.85 26.26 20.90
C LEU T 80 26.77 27.46 20.88
N ALA T 81 26.83 28.19 19.76
CA ALA T 81 27.61 29.42 19.72
C ALA T 81 27.01 30.47 20.63
N LYS T 82 25.68 30.53 20.70
CA LYS T 82 25.02 31.45 21.61
C LYS T 82 25.27 31.07 23.06
N ARG T 83 25.29 29.76 23.35
CA ARG T 83 25.54 29.31 24.72
C ARG T 83 26.98 29.56 25.13
N LEU T 84 27.93 29.39 24.20
CA LEU T 84 29.32 29.68 24.53
C LEU T 84 29.55 31.18 24.68
N GLN T 85 28.79 32.00 23.96
CA GLN T 85 28.89 33.44 24.18
C GLN T 85 28.25 33.83 25.51
N GLU T 86 27.20 33.13 25.93
CA GLU T 86 26.60 33.42 27.23
C GLU T 86 27.53 33.03 28.37
N GLU T 87 28.14 31.85 28.30
CA GLU T 87 29.07 31.43 29.35
C GLU T 87 30.33 32.29 29.32
N LYS T 88 30.79 32.65 28.14
CA LYS T 88 31.99 33.47 27.99
C LYS T 88 31.76 34.87 28.55
N GLU T 89 30.56 35.41 28.34
CA GLU T 89 30.28 36.73 28.90
C GLU T 89 29.97 36.67 30.39
N LYS T 90 29.53 35.52 30.89
CA LYS T 90 29.40 35.38 32.34
C LYS T 90 30.77 35.32 33.00
N VAL T 91 31.75 34.71 32.33
CA VAL T 91 33.09 34.64 32.91
C VAL T 91 33.80 35.98 32.75
N ASP T 92 33.60 36.66 31.62
CA ASP T 92 34.20 37.98 31.44
C ASP T 92 33.57 39.01 32.37
N LYS T 93 32.29 38.84 32.68
CA LYS T 93 31.67 39.64 33.72
C LYS T 93 32.22 39.27 35.09
N GLN T 94 32.54 37.99 35.27
CA GLN T 94 32.98 37.45 36.55
C GLN T 94 34.38 37.96 36.93
N TYR T 95 35.30 37.97 35.96
CA TYR T 95 36.69 38.30 36.25
C TYR T 95 37.16 39.62 35.65
N LYS T 96 36.56 40.06 34.56
CA LYS T 96 36.95 41.33 33.96
C LYS T 96 36.30 42.52 34.64
N SER T 97 35.37 42.28 35.55
CA SER T 97 34.73 43.36 36.29
C SER T 97 34.95 43.19 37.79
N GLY U 3 40.82 -28.98 41.47
CA GLY U 3 40.23 -29.25 40.18
C GLY U 3 38.85 -28.63 40.02
N MET U 4 38.19 -28.41 41.16
CA MET U 4 36.87 -27.80 41.15
C MET U 4 36.94 -26.34 40.71
N GLU U 5 38.06 -25.69 41.01
CA GLU U 5 38.34 -24.35 40.51
C GLU U 5 38.37 -24.31 38.99
N SER U 6 39.01 -25.30 38.37
CA SER U 6 39.09 -25.34 36.91
C SER U 6 37.74 -25.62 36.27
N LYS U 7 36.95 -26.50 36.89
CA LYS U 7 35.63 -26.82 36.37
C LYS U 7 34.69 -25.63 36.49
N TYR U 8 34.80 -24.87 37.58
CA TYR U 8 33.98 -23.66 37.69
C TYR U 8 34.48 -22.56 36.77
N LYS U 9 35.77 -22.58 36.41
CA LYS U 9 36.24 -21.67 35.37
C LYS U 9 35.63 -22.03 34.02
N GLU U 10 35.55 -23.32 33.71
CA GLU U 10 34.97 -23.73 32.43
C GLU U 10 33.48 -23.47 32.38
N ILE U 11 32.79 -23.63 33.52
CA ILE U 11 31.38 -23.32 33.61
C ILE U 11 31.14 -21.83 33.43
N LEU U 12 31.92 -21.01 34.13
CA LEU U 12 31.71 -19.57 34.09
C LEU U 12 32.05 -18.98 32.73
N LEU U 13 33.22 -19.29 32.19
CA LEU U 13 33.58 -18.69 30.92
C LEU U 13 32.89 -19.38 29.76
N LEU U 14 32.95 -20.70 29.69
CA LEU U 14 32.54 -21.40 28.48
C LEU U 14 31.02 -21.48 28.36
N THR U 15 30.33 -21.85 29.44
CA THR U 15 28.88 -21.94 29.38
C THR U 15 28.21 -20.60 29.65
N GLY U 16 28.62 -19.91 30.70
CA GLY U 16 27.96 -18.68 31.10
C GLY U 16 28.23 -17.48 30.22
N LEU U 17 29.47 -16.99 30.21
CA LEU U 17 29.74 -15.71 29.60
C LEU U 17 29.83 -15.80 28.08
N ASP U 18 30.22 -16.95 27.54
CA ASP U 18 30.34 -17.06 26.09
C ASP U 18 29.00 -17.14 25.38
N ASN U 19 27.92 -17.44 26.10
CA ASN U 19 26.61 -17.59 25.49
C ASN U 19 25.78 -16.32 25.52
N ILE U 20 26.23 -15.29 26.23
CA ILE U 20 25.51 -14.02 26.23
C ILE U 20 26.12 -13.14 25.16
N THR U 21 25.28 -12.27 24.59
CA THR U 21 25.73 -11.41 23.52
C THR U 21 26.42 -10.18 24.09
N ASP U 22 26.68 -9.20 23.22
CA ASP U 22 27.44 -8.03 23.65
C ASP U 22 26.58 -7.07 24.46
N GLU U 23 25.34 -6.84 24.04
CA GLU U 23 24.43 -6.00 24.80
C GLU U 23 24.06 -6.67 26.12
N GLU U 24 23.90 -8.00 26.07
CA GLU U 24 23.68 -8.75 27.30
C GLU U 24 24.89 -8.72 28.21
N LEU U 25 26.09 -8.66 27.62
CA LEU U 25 27.29 -8.47 28.42
C LEU U 25 27.31 -7.10 29.07
N ASP U 26 26.78 -6.09 28.39
CA ASP U 26 26.74 -4.76 28.97
C ASP U 26 25.70 -4.67 30.09
N ARG U 27 24.59 -5.39 29.95
CA ARG U 27 23.66 -5.52 31.07
C ARG U 27 24.29 -6.24 32.24
N PHE U 28 25.08 -7.27 31.94
CA PHE U 28 25.74 -8.05 32.98
C PHE U 28 26.75 -7.21 33.74
N LYS U 29 27.53 -6.40 33.02
CA LYS U 29 28.45 -5.46 33.65
C LYS U 29 27.71 -4.39 34.40
N PHE U 30 26.51 -4.04 33.93
CA PHE U 30 25.70 -3.06 34.65
C PHE U 30 25.20 -3.62 35.98
N PHE U 31 25.07 -4.94 36.08
CA PHE U 31 24.67 -5.54 37.34
C PHE U 31 25.79 -6.28 38.07
N LEU U 32 27.05 -6.14 37.66
CA LEU U 32 28.13 -6.74 38.44
C LEU U 32 28.40 -5.97 39.73
N SER U 33 28.25 -4.65 39.71
CA SER U 33 28.67 -3.84 40.84
C SER U 33 27.75 -3.98 42.04
N ASP U 34 26.60 -4.61 41.88
CA ASP U 34 25.67 -4.80 42.97
C ASP U 34 25.80 -6.17 43.63
N GLU U 35 26.73 -7.01 43.15
CA GLU U 35 26.91 -8.35 43.69
C GLU U 35 28.36 -8.69 44.03
N PHE U 36 29.30 -7.82 43.69
CA PHE U 36 30.70 -8.20 43.70
C PHE U 36 31.65 -7.20 44.36
N ASN U 37 31.23 -5.94 44.54
CA ASN U 37 32.08 -4.83 44.99
C ASN U 37 33.30 -4.66 44.07
N ILE U 38 33.08 -4.79 42.78
CA ILE U 38 34.12 -4.56 41.78
C ILE U 38 33.99 -3.14 41.26
N ALA U 39 35.12 -2.43 41.22
CA ALA U 39 35.18 -1.10 40.62
C ALA U 39 34.87 -1.15 39.14
N THR U 40 33.94 -0.29 38.69
CA THR U 40 33.40 -0.42 37.35
C THR U 40 34.31 0.17 36.28
N GLY U 41 35.32 0.94 36.70
CA GLY U 41 36.18 1.64 35.76
C GLY U 41 37.02 0.73 34.89
N LYS U 42 37.29 -0.49 35.35
CA LYS U 42 37.91 -1.50 34.51
C LYS U 42 36.88 -2.46 33.92
N LEU U 43 35.66 -2.48 34.46
CA LEU U 43 34.61 -3.28 33.86
C LEU U 43 34.14 -2.70 32.55
N HIS U 44 34.24 -1.37 32.40
CA HIS U 44 33.60 -0.63 31.31
C HIS U 44 34.07 -1.03 29.92
N THR U 45 35.32 -1.46 29.78
CA THR U 45 35.84 -1.88 28.48
C THR U 45 36.33 -3.32 28.49
N ALA U 46 35.98 -4.11 29.50
CA ALA U 46 36.45 -5.48 29.56
C ALA U 46 35.71 -6.36 28.56
N ASN U 47 36.37 -7.43 28.15
CA ASN U 47 35.70 -8.49 27.41
C ASN U 47 35.38 -9.62 28.38
N ARG U 48 34.89 -10.74 27.83
CA ARG U 48 34.36 -11.83 28.63
C ARG U 48 35.44 -12.49 29.48
N ILE U 49 36.66 -12.50 28.98
CA ILE U 49 37.77 -13.14 29.69
C ILE U 49 38.21 -12.28 30.86
N GLN U 50 38.26 -10.96 30.65
CA GLN U 50 38.64 -10.06 31.73
C GLN U 50 37.52 -9.94 32.75
N VAL U 51 36.27 -10.07 32.31
CA VAL U 51 35.15 -10.08 33.24
C VAL U 51 35.20 -11.34 34.11
N ALA U 52 35.49 -12.49 33.50
CA ALA U 52 35.65 -13.72 34.27
C ALA U 52 36.85 -13.65 35.21
N THR U 53 37.90 -12.95 34.80
CA THR U 53 39.08 -12.82 35.64
C THR U 53 38.81 -11.92 36.83
N LEU U 54 38.01 -10.86 36.64
CA LEU U 54 37.67 -9.99 37.76
C LEU U 54 36.68 -10.65 38.70
N MET U 55 35.79 -11.48 38.16
CA MET U 55 34.80 -12.14 39.00
C MET U 55 35.44 -13.25 39.84
N ILE U 56 36.25 -14.09 39.21
CA ILE U 56 36.94 -15.16 39.93
C ILE U 56 37.98 -14.59 40.87
N GLN U 57 38.66 -13.53 40.44
CA GLN U 57 39.67 -12.89 41.27
C GLN U 57 39.06 -12.19 42.46
N ASN U 58 37.87 -11.61 42.29
CA ASN U 58 37.30 -10.78 43.33
C ASN U 58 36.30 -11.50 44.22
N ALA U 59 35.86 -12.70 43.86
CA ALA U 59 34.97 -13.46 44.75
C ALA U 59 35.21 -14.95 44.78
N GLY U 60 36.21 -15.47 44.09
CA GLY U 60 36.31 -16.92 44.03
C GLY U 60 35.43 -17.50 42.96
N ALA U 61 35.77 -18.72 42.53
CA ALA U 61 35.06 -19.32 41.41
C ALA U 61 33.68 -19.82 41.80
N VAL U 62 33.53 -20.29 43.04
CA VAL U 62 32.27 -20.88 43.48
C VAL U 62 31.19 -19.81 43.58
N SER U 63 31.46 -18.77 44.36
CA SER U 63 30.55 -17.64 44.44
C SER U 63 30.52 -16.81 43.18
N ALA U 64 31.54 -16.93 42.32
CA ALA U 64 31.50 -16.29 41.02
C ALA U 64 30.43 -16.92 40.14
N VAL U 65 30.40 -18.25 40.08
CA VAL U 65 29.40 -18.94 39.27
C VAL U 65 28.02 -18.83 39.90
N MET U 66 27.94 -18.90 41.23
CA MET U 66 26.65 -18.81 41.91
C MET U 66 26.05 -17.42 41.77
N LYS U 67 26.88 -16.38 41.90
CA LYS U 67 26.38 -15.04 41.69
C LYS U 67 26.18 -14.73 40.20
N THR U 68 26.81 -15.50 39.31
CA THR U 68 26.49 -15.39 37.90
C THR U 68 25.08 -15.89 37.62
N ILE U 69 24.72 -17.00 38.28
CA ILE U 69 23.36 -17.50 38.21
C ILE U 69 22.38 -16.47 38.78
N ARG U 70 22.79 -15.80 39.85
CA ARG U 70 21.91 -14.81 40.48
C ARG U 70 21.71 -13.59 39.58
N ILE U 71 22.76 -13.12 38.92
CA ILE U 71 22.64 -11.96 38.04
C ILE U 71 21.88 -12.34 36.77
N PHE U 72 22.08 -13.57 36.28
CA PHE U 72 21.31 -14.03 35.14
C PHE U 72 19.83 -14.19 35.47
N GLN U 73 19.52 -14.45 36.74
CA GLN U 73 18.12 -14.46 37.14
C GLN U 73 17.60 -13.05 37.36
N LYS U 74 18.50 -12.09 37.61
CA LYS U 74 18.07 -10.69 37.65
C LYS U 74 17.70 -10.20 36.25
N LEU U 75 18.39 -10.69 35.24
CA LEU U 75 18.15 -10.29 33.86
C LEU U 75 17.10 -11.13 33.17
N ASN U 76 16.38 -11.97 33.92
CA ASN U 76 15.38 -12.91 33.42
C ASN U 76 15.91 -13.85 32.34
N TYR U 77 17.16 -14.31 32.48
CA TYR U 77 17.72 -15.27 31.54
C TYR U 77 17.62 -16.66 32.15
N MET U 78 16.39 -17.20 32.11
CA MET U 78 16.10 -18.44 32.82
C MET U 78 16.77 -19.64 32.17
N LEU U 79 17.00 -19.57 30.86
CA LEU U 79 17.64 -20.67 30.16
C LEU U 79 19.11 -20.80 30.56
N LEU U 80 19.83 -19.68 30.55
CA LEU U 80 21.25 -19.71 30.89
C LEU U 80 21.47 -19.96 32.37
N ALA U 81 20.59 -19.44 33.23
CA ALA U 81 20.68 -19.72 34.65
C ALA U 81 20.39 -21.18 34.93
N LYS U 82 19.45 -21.77 34.18
CA LYS U 82 19.16 -23.19 34.32
C LYS U 82 20.33 -24.04 33.84
N ARG U 83 20.99 -23.60 32.77
CA ARG U 83 22.14 -24.34 32.26
C ARG U 83 23.33 -24.25 33.19
N LEU U 84 23.53 -23.09 33.82
CA LEU U 84 24.62 -22.97 34.78
C LEU U 84 24.33 -23.75 36.04
N GLN U 85 23.06 -23.88 36.42
CA GLN U 85 22.73 -24.73 37.55
C GLN U 85 22.89 -26.20 37.20
N GLU U 86 22.64 -26.57 35.94
CA GLU U 86 22.86 -27.96 35.54
C GLU U 86 24.33 -28.30 35.51
N GLU U 87 25.17 -27.44 34.94
CA GLU U 87 26.62 -27.69 34.92
C GLU U 87 27.20 -27.63 36.33
N LYS U 88 26.70 -26.71 37.16
CA LYS U 88 27.19 -26.56 38.51
C LYS U 88 26.82 -27.77 39.36
N GLU U 89 25.63 -28.33 39.14
CA GLU U 89 25.28 -29.53 39.89
C GLU U 89 25.95 -30.77 39.33
N LYS U 90 26.34 -30.77 38.05
CA LYS U 90 27.15 -31.88 37.56
C LYS U 90 28.54 -31.85 38.14
N VAL U 91 29.09 -30.65 38.38
CA VAL U 91 30.42 -30.58 38.98
C VAL U 91 30.35 -30.85 40.47
N ASP U 92 29.29 -30.38 41.14
CA ASP U 92 29.14 -30.67 42.57
C ASP U 92 28.85 -32.15 42.81
N LYS U 93 28.16 -32.79 41.86
CA LYS U 93 28.03 -34.23 41.89
C LYS U 93 29.36 -34.91 41.61
N GLN U 94 30.18 -34.28 40.75
CA GLN U 94 31.44 -34.85 40.31
C GLN U 94 32.48 -34.88 41.43
N TYR U 95 32.58 -33.79 42.19
CA TYR U 95 33.64 -33.66 43.18
C TYR U 95 33.14 -33.67 44.62
N LYS U 96 31.90 -33.25 44.87
CA LYS U 96 31.37 -33.28 46.23
C LYS U 96 30.86 -34.65 46.64
N SER U 97 30.81 -35.60 45.71
CA SER U 97 30.37 -36.95 46.02
C SER U 97 31.47 -37.94 45.68
#